data_9KZ1
# 
_entry.id   9KZ1 
# 
_audit_conform.dict_name       mmcif_pdbx.dic 
_audit_conform.dict_version    5.406 
_audit_conform.dict_location   http://mmcif.pdb.org/dictionaries/ascii/mmcif_pdbx.dic 
# 
loop_
_database_2.database_id 
_database_2.database_code 
_database_2.pdbx_database_accession 
_database_2.pdbx_DOI 
PDB   9KZ1         pdb_00009kz1 10.2210/pdb9kz1/pdb 
WWPDB D_1300054564 ?            ?                   
# 
_pdbx_audit_revision_history.ordinal             1 
_pdbx_audit_revision_history.data_content_type   'Structure model' 
_pdbx_audit_revision_history.major_revision      1 
_pdbx_audit_revision_history.minor_revision      0 
_pdbx_audit_revision_history.revision_date       2025-10-22 
_pdbx_audit_revision_history.part_number         ? 
# 
_pdbx_audit_revision_details.ordinal             1 
_pdbx_audit_revision_details.revision_ordinal    1 
_pdbx_audit_revision_details.data_content_type   'Structure model' 
_pdbx_audit_revision_details.provider            repository 
_pdbx_audit_revision_details.type                'Initial release' 
_pdbx_audit_revision_details.description         ? 
_pdbx_audit_revision_details.details             ? 
# 
_pdbx_database_status.status_code                     REL 
_pdbx_database_status.status_code_sf                  REL 
_pdbx_database_status.status_code_mr                  ? 
_pdbx_database_status.entry_id                        9KZ1 
_pdbx_database_status.recvd_initial_deposition_date   2024-12-09 
_pdbx_database_status.SG_entry                        N 
_pdbx_database_status.deposit_site                    PDBJ 
_pdbx_database_status.process_site                    PDBJ 
_pdbx_database_status.status_code_cs                  ? 
_pdbx_database_status.status_code_nmr_data            ? 
_pdbx_database_status.methods_development_category    ? 
_pdbx_database_status.pdb_format_compatible           Y 
# 
_pdbx_contact_author.id                 2 
_pdbx_contact_author.email              fenhu@fjmu.edu.cn 
_pdbx_contact_author.name_first         Fen 
_pdbx_contact_author.name_last          Hu 
_pdbx_contact_author.name_mi            ? 
_pdbx_contact_author.role               'principal investigator/group leader' 
_pdbx_contact_author.identifier_ORCID   0000-0003-2349-5336 
# 
_audit_author.name               'Hu, F.' 
_audit_author.pdbx_ordinal       1 
_audit_author.identifier_ORCID   0000-0003-2349-5336 
# 
_citation.abstract                  ? 
_citation.abstract_id_CAS           ? 
_citation.book_id_ISBN              ? 
_citation.book_publisher            ? 
_citation.book_publisher_city       ? 
_citation.book_title                ? 
_citation.coordinate_linkage        ? 
_citation.country                   UK 
_citation.database_id_Medline       ? 
_citation.details                   ? 
_citation.id                        primary 
_citation.journal_abbrev            J.Mol.Biol. 
_citation.journal_id_ASTM           JMOBAK 
_citation.journal_id_CSD            0070 
_citation.journal_id_ISSN           1089-8638 
_citation.journal_full              ? 
_citation.journal_issue             ? 
_citation.journal_volume            437 
_citation.language                  ? 
_citation.page_first                169373 
_citation.page_last                 169373 
_citation.title                     'Domain Interactions in a Chimeric Dual-domain Lysin Lead to Broad Bactericidal Activity.' 
_citation.year                      2025 
_citation.database_id_CSD           ? 
_citation.pdbx_database_id_DOI      10.1016/j.jmb.2025.169373 
_citation.pdbx_database_id_PubMed   40769489 
_citation.pdbx_database_id_patent   ? 
_citation.unpublished_flag          ? 
# 
loop_
_citation_author.citation_id 
_citation_author.name 
_citation_author.ordinal 
_citation_author.identifier_ORCID 
primary 'Hu, F.'     1  ? 
primary 'Zhang, X.'  2  ? 
primary 'Gong, Z.'   3  ? 
primary 'Wu, P.'     4  ? 
primary 'Zhao, Q.'   5  ? 
primary 'Zheng, Y.'  6  ? 
primary 'Gao, H.'    7  ? 
primary 'Chou, S.H.' 8  ? 
primary 'Li, X.'     9  ? 
primary 'Zhong, M.'  10 ? 
primary 'Zhao, Z.'   11 ? 
primary 'Shi, N.'    12 ? 
primary 'Wei, H.'    13 ? 
primary 'He, J.'     14 ? 
primary 'Yang, H.'   15 ? 
# 
loop_
_entity.id 
_entity.type 
_entity.src_method 
_entity.pdbx_description 
_entity.formula_weight 
_entity.pdbx_number_of_molecules 
_entity.pdbx_ec 
_entity.pdbx_mutation 
_entity.pdbx_fragment 
_entity.details 
1 polymer man 'N-acetylmuramoyl-L-alanine amidase' 10623.781 1   3.5.1.28 ? ? ? 
2 water   nat water                                18.015    110 ?        ? ? ? 
# 
_entity_poly.entity_id                      1 
_entity_poly.type                           'polypeptide(L)' 
_entity_poly.nstd_linkage                   no 
_entity_poly.nstd_monomer                   no 
_entity_poly.pdbx_seq_one_letter_code       
;PPGTVAQSAPNLAGSRSYRETGTMTVTVDALNVRRAPNTSGEIVAVYKRGESFDYDTVIIDVNGYVWVSYIGGSGKRNYV
ATGATKDGKRFGNAWGTFK
;
_entity_poly.pdbx_seq_one_letter_code_can   
;PPGTVAQSAPNLAGSRSYRETGTMTVTVDALNVRRAPNTSGEIVAVYKRGESFDYDTVIIDVNGYVWVSYIGGSGKRNYV
ATGATKDGKRFGNAWGTFK
;
_entity_poly.pdbx_strand_id                 A 
_entity_poly.pdbx_target_identifier         ? 
# 
_pdbx_entity_nonpoly.entity_id   2 
_pdbx_entity_nonpoly.name        water 
_pdbx_entity_nonpoly.comp_id     HOH 
# 
loop_
_entity_poly_seq.entity_id 
_entity_poly_seq.num 
_entity_poly_seq.mon_id 
_entity_poly_seq.hetero 
1 1  PRO n 
1 2  PRO n 
1 3  GLY n 
1 4  THR n 
1 5  VAL n 
1 6  ALA n 
1 7  GLN n 
1 8  SER n 
1 9  ALA n 
1 10 PRO n 
1 11 ASN n 
1 12 LEU n 
1 13 ALA n 
1 14 GLY n 
1 15 SER n 
1 16 ARG n 
1 17 SER n 
1 18 TYR n 
1 19 ARG n 
1 20 GLU n 
1 21 THR n 
1 22 GLY n 
1 23 THR n 
1 24 MET n 
1 25 THR n 
1 26 VAL n 
1 27 THR n 
1 28 VAL n 
1 29 ASP n 
1 30 ALA n 
1 31 LEU n 
1 32 ASN n 
1 33 VAL n 
1 34 ARG n 
1 35 ARG n 
1 36 ALA n 
1 37 PRO n 
1 38 ASN n 
1 39 THR n 
1 40 SER n 
1 41 GLY n 
1 42 GLU n 
1 43 ILE n 
1 44 VAL n 
1 45 ALA n 
1 46 VAL n 
1 47 TYR n 
1 48 LYS n 
1 49 ARG n 
1 50 GLY n 
1 51 GLU n 
1 52 SER n 
1 53 PHE n 
1 54 ASP n 
1 55 TYR n 
1 56 ASP n 
1 57 THR n 
1 58 VAL n 
1 59 ILE n 
1 60 ILE n 
1 61 ASP n 
1 62 VAL n 
1 63 ASN n 
1 64 GLY n 
1 65 TYR n 
1 66 VAL n 
1 67 TRP n 
1 68 VAL n 
1 69 SER n 
1 70 TYR n 
1 71 ILE n 
1 72 GLY n 
1 73 GLY n 
1 74 SER n 
1 75 GLY n 
1 76 LYS n 
1 77 ARG n 
1 78 ASN n 
1 79 TYR n 
1 80 VAL n 
1 81 ALA n 
1 82 THR n 
1 83 GLY n 
1 84 ALA n 
1 85 THR n 
1 86 LYS n 
1 87 ASP n 
1 88 GLY n 
1 89 LYS n 
1 90 ARG n 
1 91 PHE n 
1 92 GLY n 
1 93 ASN n 
1 94 ALA n 
1 95 TRP n 
1 96 GLY n 
1 97 THR n 
1 98 PHE n 
1 99 LYS n 
# 
_entity_src_gen.entity_id                          1 
_entity_src_gen.pdbx_src_id                        1 
_entity_src_gen.pdbx_alt_source_flag               sample 
_entity_src_gen.pdbx_seq_type                      'Biological sequence' 
_entity_src_gen.pdbx_beg_seq_num                   1 
_entity_src_gen.pdbx_end_seq_num                   99 
_entity_src_gen.gene_src_common_name               ? 
_entity_src_gen.gene_src_genus                     ? 
_entity_src_gen.pdbx_gene_src_gene                 ? 
_entity_src_gen.gene_src_species                   ? 
_entity_src_gen.gene_src_strain                    ? 
_entity_src_gen.gene_src_tissue                    ? 
_entity_src_gen.gene_src_tissue_fraction           ? 
_entity_src_gen.gene_src_details                   ? 
_entity_src_gen.pdbx_gene_src_fragment             ? 
_entity_src_gen.pdbx_gene_src_scientific_name      'Streptococcus phage phiLP081102' 
_entity_src_gen.pdbx_gene_src_ncbi_taxonomy_id     1860178 
_entity_src_gen.pdbx_gene_src_variant              ? 
_entity_src_gen.pdbx_gene_src_cell_line            ? 
_entity_src_gen.pdbx_gene_src_atcc                 ? 
_entity_src_gen.pdbx_gene_src_organ                ? 
_entity_src_gen.pdbx_gene_src_organelle            ? 
_entity_src_gen.pdbx_gene_src_cell                 ? 
_entity_src_gen.pdbx_gene_src_cellular_location    ? 
_entity_src_gen.host_org_common_name               ? 
_entity_src_gen.pdbx_host_org_scientific_name      'Escherichia coli' 
_entity_src_gen.pdbx_host_org_ncbi_taxonomy_id     562 
_entity_src_gen.host_org_genus                     ? 
_entity_src_gen.pdbx_host_org_gene                 ? 
_entity_src_gen.pdbx_host_org_organ                ? 
_entity_src_gen.host_org_species                   ? 
_entity_src_gen.pdbx_host_org_tissue               ? 
_entity_src_gen.pdbx_host_org_tissue_fraction      ? 
_entity_src_gen.pdbx_host_org_strain               ? 
_entity_src_gen.pdbx_host_org_variant              ? 
_entity_src_gen.pdbx_host_org_cell_line            ? 
_entity_src_gen.pdbx_host_org_atcc                 ? 
_entity_src_gen.pdbx_host_org_culture_collection   ? 
_entity_src_gen.pdbx_host_org_cell                 ? 
_entity_src_gen.pdbx_host_org_organelle            ? 
_entity_src_gen.pdbx_host_org_cellular_location    ? 
_entity_src_gen.pdbx_host_org_vector_type          ? 
_entity_src_gen.pdbx_host_org_vector               ? 
_entity_src_gen.host_org_details                   ? 
_entity_src_gen.expression_system_id               ? 
_entity_src_gen.plasmid_name                       ? 
_entity_src_gen.plasmid_details                    ? 
_entity_src_gen.pdbx_description                   ? 
# 
loop_
_chem_comp.id 
_chem_comp.type 
_chem_comp.mon_nstd_flag 
_chem_comp.name 
_chem_comp.pdbx_synonyms 
_chem_comp.formula 
_chem_comp.formula_weight 
ALA 'L-peptide linking' y ALANINE         ? 'C3 H7 N O2'     89.093  
ARG 'L-peptide linking' y ARGININE        ? 'C6 H15 N4 O2 1' 175.209 
ASN 'L-peptide linking' y ASPARAGINE      ? 'C4 H8 N2 O3'    132.118 
ASP 'L-peptide linking' y 'ASPARTIC ACID' ? 'C4 H7 N O4'     133.103 
GLN 'L-peptide linking' y GLUTAMINE       ? 'C5 H10 N2 O3'   146.144 
GLU 'L-peptide linking' y 'GLUTAMIC ACID' ? 'C5 H9 N O4'     147.129 
GLY 'peptide linking'   y GLYCINE         ? 'C2 H5 N O2'     75.067  
HOH non-polymer         . WATER           ? 'H2 O'           18.015  
ILE 'L-peptide linking' y ISOLEUCINE      ? 'C6 H13 N O2'    131.173 
LEU 'L-peptide linking' y LEUCINE         ? 'C6 H13 N O2'    131.173 
LYS 'L-peptide linking' y LYSINE          ? 'C6 H15 N2 O2 1' 147.195 
MET 'L-peptide linking' y METHIONINE      ? 'C5 H11 N O2 S'  149.211 
PHE 'L-peptide linking' y PHENYLALANINE   ? 'C9 H11 N O2'    165.189 
PRO 'L-peptide linking' y PROLINE         ? 'C5 H9 N O2'     115.130 
SER 'L-peptide linking' y SERINE          ? 'C3 H7 N O3'     105.093 
THR 'L-peptide linking' y THREONINE       ? 'C4 H9 N O3'     119.119 
TRP 'L-peptide linking' y TRYPTOPHAN      ? 'C11 H12 N2 O2'  204.225 
TYR 'L-peptide linking' y TYROSINE        ? 'C9 H11 N O3'    181.189 
VAL 'L-peptide linking' y VALINE          ? 'C5 H11 N O2'    117.146 
# 
loop_
_pdbx_poly_seq_scheme.asym_id 
_pdbx_poly_seq_scheme.entity_id 
_pdbx_poly_seq_scheme.seq_id 
_pdbx_poly_seq_scheme.mon_id 
_pdbx_poly_seq_scheme.ndb_seq_num 
_pdbx_poly_seq_scheme.pdb_seq_num 
_pdbx_poly_seq_scheme.auth_seq_num 
_pdbx_poly_seq_scheme.pdb_mon_id 
_pdbx_poly_seq_scheme.auth_mon_id 
_pdbx_poly_seq_scheme.pdb_strand_id 
_pdbx_poly_seq_scheme.pdb_ins_code 
_pdbx_poly_seq_scheme.hetero 
A 1 1  PRO 1  147 ?   ?   ?   A . n 
A 1 2  PRO 2  148 ?   ?   ?   A . n 
A 1 3  GLY 3  149 ?   ?   ?   A . n 
A 1 4  THR 4  150 ?   ?   ?   A . n 
A 1 5  VAL 5  151 ?   ?   ?   A . n 
A 1 6  ALA 6  152 ?   ?   ?   A . n 
A 1 7  GLN 7  153 ?   ?   ?   A . n 
A 1 8  SER 8  154 ?   ?   ?   A . n 
A 1 9  ALA 9  155 ?   ?   ?   A . n 
A 1 10 PRO 10 156 ?   ?   ?   A . n 
A 1 11 ASN 11 157 ?   ?   ?   A . n 
A 1 12 LEU 12 158 ?   ?   ?   A . n 
A 1 13 ALA 13 159 ?   ?   ?   A . n 
A 1 14 GLY 14 160 ?   ?   ?   A . n 
A 1 15 SER 15 161 161 SER SER A . n 
A 1 16 ARG 16 162 162 ARG ARG A . n 
A 1 17 SER 17 163 163 SER SER A . n 
A 1 18 TYR 18 164 164 TYR TYR A . n 
A 1 19 ARG 19 165 165 ARG ARG A . n 
A 1 20 GLU 20 166 166 GLU GLU A . n 
A 1 21 THR 21 167 167 THR THR A . n 
A 1 22 GLY 22 168 168 GLY GLY A . n 
A 1 23 THR 23 169 169 THR THR A . n 
A 1 24 MET 24 170 170 MET MET A . n 
A 1 25 THR 25 171 171 THR THR A . n 
A 1 26 VAL 26 172 172 VAL VAL A . n 
A 1 27 THR 27 173 173 THR THR A . n 
A 1 28 VAL 28 174 174 VAL VAL A . n 
A 1 29 ASP 29 175 175 ASP ASP A . n 
A 1 30 ALA 30 176 176 ALA ALA A . n 
A 1 31 LEU 31 177 177 LEU LEU A . n 
A 1 32 ASN 32 178 178 ASN ASN A . n 
A 1 33 VAL 33 179 179 VAL VAL A . n 
A 1 34 ARG 34 180 180 ARG ARG A . n 
A 1 35 ARG 35 181 181 ARG ARG A . n 
A 1 36 ALA 36 182 182 ALA ALA A . n 
A 1 37 PRO 37 183 183 PRO PRO A . n 
A 1 38 ASN 38 184 184 ASN ASN A . n 
A 1 39 THR 39 185 185 THR THR A . n 
A 1 40 SER 40 186 186 SER SER A . n 
A 1 41 GLY 41 187 187 GLY GLY A . n 
A 1 42 GLU 42 188 188 GLU GLU A . n 
A 1 43 ILE 43 189 189 ILE ILE A . n 
A 1 44 VAL 44 190 190 VAL VAL A . n 
A 1 45 ALA 45 191 191 ALA ALA A . n 
A 1 46 VAL 46 192 192 VAL VAL A . n 
A 1 47 TYR 47 193 193 TYR TYR A . n 
A 1 48 LYS 48 194 194 LYS LYS A . n 
A 1 49 ARG 49 195 195 ARG ARG A . n 
A 1 50 GLY 50 196 196 GLY GLY A . n 
A 1 51 GLU 51 197 197 GLU GLU A . n 
A 1 52 SER 52 198 198 SER SER A . n 
A 1 53 PHE 53 199 199 PHE PHE A . n 
A 1 54 ASP 54 200 200 ASP ASP A . n 
A 1 55 TYR 55 201 201 TYR TYR A . n 
A 1 56 ASP 56 202 202 ASP ASP A . n 
A 1 57 THR 57 203 203 THR THR A . n 
A 1 58 VAL 58 204 204 VAL VAL A . n 
A 1 59 ILE 59 205 205 ILE ILE A . n 
A 1 60 ILE 60 206 206 ILE ILE A . n 
A 1 61 ASP 61 207 207 ASP ASP A . n 
A 1 62 VAL 62 208 208 VAL VAL A . n 
A 1 63 ASN 63 209 209 ASN ASN A . n 
A 1 64 GLY 64 210 210 GLY GLY A . n 
A 1 65 TYR 65 211 211 TYR TYR A . n 
A 1 66 VAL 66 212 212 VAL VAL A . n 
A 1 67 TRP 67 213 213 TRP TRP A . n 
A 1 68 VAL 68 214 214 VAL VAL A . n 
A 1 69 SER 69 215 215 SER SER A . n 
A 1 70 TYR 70 216 216 TYR TYR A . n 
A 1 71 ILE 71 217 217 ILE ILE A . n 
A 1 72 GLY 72 218 218 GLY GLY A . n 
A 1 73 GLY 73 219 219 GLY GLY A . n 
A 1 74 SER 74 220 220 SER SER A . n 
A 1 75 GLY 75 221 221 GLY GLY A . n 
A 1 76 LYS 76 222 222 LYS LYS A . n 
A 1 77 ARG 77 223 223 ARG ARG A . n 
A 1 78 ASN 78 224 224 ASN ASN A . n 
A 1 79 TYR 79 225 225 TYR TYR A . n 
A 1 80 VAL 80 226 226 VAL VAL A . n 
A 1 81 ALA 81 227 227 ALA ALA A . n 
A 1 82 THR 82 228 228 THR THR A . n 
A 1 83 GLY 83 229 229 GLY GLY A . n 
A 1 84 ALA 84 230 230 ALA ALA A . n 
A 1 85 THR 85 231 231 THR THR A . n 
A 1 86 LYS 86 232 232 LYS LYS A . n 
A 1 87 ASP 87 233 233 ASP ASP A . n 
A 1 88 GLY 88 234 234 GLY GLY A . n 
A 1 89 LYS 89 235 235 LYS LYS A . n 
A 1 90 ARG 90 236 236 ARG ARG A . n 
A 1 91 PHE 91 237 237 PHE PHE A . n 
A 1 92 GLY 92 238 238 GLY GLY A . n 
A 1 93 ASN 93 239 239 ASN ASN A . n 
A 1 94 ALA 94 240 240 ALA ALA A . n 
A 1 95 TRP 95 241 241 TRP TRP A . n 
A 1 96 GLY 96 242 242 GLY GLY A . n 
A 1 97 THR 97 243 243 THR THR A . n 
A 1 98 PHE 98 244 244 PHE PHE A . n 
A 1 99 LYS 99 245 245 LYS LYS A . n 
# 
loop_
_pdbx_nonpoly_scheme.asym_id 
_pdbx_nonpoly_scheme.entity_id 
_pdbx_nonpoly_scheme.mon_id 
_pdbx_nonpoly_scheme.ndb_seq_num 
_pdbx_nonpoly_scheme.pdb_seq_num 
_pdbx_nonpoly_scheme.auth_seq_num 
_pdbx_nonpoly_scheme.pdb_mon_id 
_pdbx_nonpoly_scheme.auth_mon_id 
_pdbx_nonpoly_scheme.pdb_strand_id 
_pdbx_nonpoly_scheme.pdb_ins_code 
B 2 HOH 1   301 301 HOH HOH A . 
B 2 HOH 2   302 302 HOH HOH A . 
B 2 HOH 3   303 303 HOH HOH A . 
B 2 HOH 4   304 304 HOH HOH A . 
B 2 HOH 5   305 305 HOH HOH A . 
B 2 HOH 6   306 306 HOH HOH A . 
B 2 HOH 7   307 307 HOH HOH A . 
B 2 HOH 8   308 308 HOH HOH A . 
B 2 HOH 9   309 309 HOH HOH A . 
B 2 HOH 10  310 310 HOH HOH A . 
B 2 HOH 11  311 311 HOH HOH A . 
B 2 HOH 12  312 312 HOH HOH A . 
B 2 HOH 13  313 313 HOH HOH A . 
B 2 HOH 14  314 314 HOH HOH A . 
B 2 HOH 15  315 315 HOH HOH A . 
B 2 HOH 16  316 316 HOH HOH A . 
B 2 HOH 17  317 317 HOH HOH A . 
B 2 HOH 18  318 318 HOH HOH A . 
B 2 HOH 19  319 319 HOH HOH A . 
B 2 HOH 20  320 320 HOH HOH A . 
B 2 HOH 21  321 321 HOH HOH A . 
B 2 HOH 22  322 322 HOH HOH A . 
B 2 HOH 23  323 323 HOH HOH A . 
B 2 HOH 24  324 324 HOH HOH A . 
B 2 HOH 25  325 325 HOH HOH A . 
B 2 HOH 26  326 326 HOH HOH A . 
B 2 HOH 27  327 327 HOH HOH A . 
B 2 HOH 28  328 328 HOH HOH A . 
B 2 HOH 29  329 329 HOH HOH A . 
B 2 HOH 30  330 330 HOH HOH A . 
B 2 HOH 31  331 331 HOH HOH A . 
B 2 HOH 32  332 332 HOH HOH A . 
B 2 HOH 33  333 334 HOH HOH A . 
B 2 HOH 34  334 333 HOH HOH A . 
B 2 HOH 35  335 335 HOH HOH A . 
B 2 HOH 36  336 336 HOH HOH A . 
B 2 HOH 37  337 337 HOH HOH A . 
B 2 HOH 38  338 338 HOH HOH A . 
B 2 HOH 39  339 339 HOH HOH A . 
B 2 HOH 40  340 340 HOH HOH A . 
B 2 HOH 41  341 341 HOH HOH A . 
B 2 HOH 42  342 342 HOH HOH A . 
B 2 HOH 43  343 343 HOH HOH A . 
B 2 HOH 44  344 344 HOH HOH A . 
B 2 HOH 45  345 345 HOH HOH A . 
B 2 HOH 46  346 346 HOH HOH A . 
B 2 HOH 47  347 347 HOH HOH A . 
B 2 HOH 48  348 348 HOH HOH A . 
B 2 HOH 49  349 349 HOH HOH A . 
B 2 HOH 50  350 350 HOH HOH A . 
B 2 HOH 51  351 351 HOH HOH A . 
B 2 HOH 52  352 352 HOH HOH A . 
B 2 HOH 53  353 353 HOH HOH A . 
B 2 HOH 54  354 354 HOH HOH A . 
B 2 HOH 55  355 355 HOH HOH A . 
B 2 HOH 56  356 356 HOH HOH A . 
B 2 HOH 57  357 357 HOH HOH A . 
B 2 HOH 58  358 358 HOH HOH A . 
B 2 HOH 59  359 359 HOH HOH A . 
B 2 HOH 60  360 360 HOH HOH A . 
B 2 HOH 61  361 361 HOH HOH A . 
B 2 HOH 62  362 362 HOH HOH A . 
B 2 HOH 63  363 363 HOH HOH A . 
B 2 HOH 64  364 364 HOH HOH A . 
B 2 HOH 65  365 365 HOH HOH A . 
B 2 HOH 66  366 366 HOH HOH A . 
B 2 HOH 67  367 367 HOH HOH A . 
B 2 HOH 68  368 368 HOH HOH A . 
B 2 HOH 69  369 369 HOH HOH A . 
B 2 HOH 70  370 370 HOH HOH A . 
B 2 HOH 71  371 371 HOH HOH A . 
B 2 HOH 72  372 372 HOH HOH A . 
B 2 HOH 73  373 373 HOH HOH A . 
B 2 HOH 74  374 374 HOH HOH A . 
B 2 HOH 75  375 375 HOH HOH A . 
B 2 HOH 76  376 376 HOH HOH A . 
B 2 HOH 77  377 377 HOH HOH A . 
B 2 HOH 78  378 378 HOH HOH A . 
B 2 HOH 79  379 379 HOH HOH A . 
B 2 HOH 80  380 380 HOH HOH A . 
B 2 HOH 81  381 381 HOH HOH A . 
B 2 HOH 82  382 382 HOH HOH A . 
B 2 HOH 83  383 383 HOH HOH A . 
B 2 HOH 84  384 384 HOH HOH A . 
B 2 HOH 85  385 385 HOH HOH A . 
B 2 HOH 86  386 386 HOH HOH A . 
B 2 HOH 87  387 387 HOH HOH A . 
B 2 HOH 88  388 388 HOH HOH A . 
B 2 HOH 89  389 389 HOH HOH A . 
B 2 HOH 90  390 390 HOH HOH A . 
B 2 HOH 91  391 391 HOH HOH A . 
B 2 HOH 92  392 392 HOH HOH A . 
B 2 HOH 93  393 393 HOH HOH A . 
B 2 HOH 94  394 394 HOH HOH A . 
B 2 HOH 95  395 395 HOH HOH A . 
B 2 HOH 96  396 396 HOH HOH A . 
B 2 HOH 97  397 397 HOH HOH A . 
B 2 HOH 98  398 398 HOH HOH A . 
B 2 HOH 99  399 399 HOH HOH A . 
B 2 HOH 100 400 400 HOH HOH A . 
B 2 HOH 101 401 401 HOH HOH A . 
B 2 HOH 102 402 402 HOH HOH A . 
B 2 HOH 103 403 403 HOH HOH A . 
B 2 HOH 104 404 404 HOH HOH A . 
B 2 HOH 105 405 405 HOH HOH A . 
B 2 HOH 106 406 406 HOH HOH A . 
B 2 HOH 107 407 407 HOH HOH A . 
B 2 HOH 108 408 408 HOH HOH A . 
B 2 HOH 109 409 409 HOH HOH A . 
B 2 HOH 110 410 410 HOH HOH A . 
# 
loop_
_software.citation_id 
_software.classification 
_software.compiler_name 
_software.compiler_version 
_software.contact_author 
_software.contact_author_email 
_software.date 
_software.description 
_software.dependencies 
_software.hardware 
_software.language 
_software.location 
_software.mods 
_software.name 
_software.os 
_software.os_version 
_software.type 
_software.version 
_software.pdbx_ordinal 
? 'data scaling'    ? ? ? ? ? ? ? ? ? ? ? xia2        ? ? ? .           1 
? refinement        ? ? ? ? ? ? ? ? ? ? ? PHENIX      ? ? ? 1.19.2_4158 2 
? 'data extraction' ? ? ? ? ? ? ? ? ? ? ? PDB_EXTRACT ? ? ? 3.27        3 
? 'data reduction'  ? ? ? ? ? ? ? ? ? ? ? xia2        ? ? ? .           4 
? phasing           ? ? ? ? ? ? ? ? ? ? ? REFMAC      ? ? ? .           5 
# 
_cell.angle_alpha                  90.000 
_cell.angle_alpha_esd              ? 
_cell.angle_beta                   90.000 
_cell.angle_beta_esd               ? 
_cell.angle_gamma                  90.000 
_cell.angle_gamma_esd              ? 
_cell.entry_id                     9KZ1 
_cell.details                      ? 
_cell.formula_units_Z              ? 
_cell.length_a                     57.410 
_cell.length_a_esd                 ? 
_cell.length_b                     75.785 
_cell.length_b_esd                 ? 
_cell.length_c                     38.887 
_cell.length_c_esd                 ? 
_cell.volume                       ? 
_cell.volume_esd                   ? 
_cell.Z_PDB                        8 
_cell.reciprocal_angle_alpha       ? 
_cell.reciprocal_angle_beta        ? 
_cell.reciprocal_angle_gamma       ? 
_cell.reciprocal_angle_alpha_esd   ? 
_cell.reciprocal_angle_beta_esd    ? 
_cell.reciprocal_angle_gamma_esd   ? 
_cell.reciprocal_length_a          ? 
_cell.reciprocal_length_b          ? 
_cell.reciprocal_length_c          ? 
_cell.reciprocal_length_a_esd      ? 
_cell.reciprocal_length_b_esd      ? 
_cell.reciprocal_length_c_esd      ? 
_cell.pdbx_unique_axis             ? 
_cell.pdbx_esd_method              ? 
# 
_symmetry.entry_id                         9KZ1 
_symmetry.cell_setting                     ? 
_symmetry.Int_Tables_number                20 
_symmetry.space_group_name_Hall            ? 
_symmetry.space_group_name_H-M             'C 2 2 21' 
_symmetry.pdbx_full_space_group_name_H-M   ? 
# 
_exptl.absorpt_coefficient_mu     ? 
_exptl.absorpt_correction_T_max   ? 
_exptl.absorpt_correction_T_min   ? 
_exptl.absorpt_correction_type    ? 
_exptl.absorpt_process_details    ? 
_exptl.entry_id                   9KZ1 
_exptl.crystals_number            1 
_exptl.details                    ? 
_exptl.method                     'X-RAY DIFFRACTION' 
_exptl.method_details             ? 
# 
_exptl_crystal.colour                       ? 
_exptl_crystal.density_diffrn               ? 
_exptl_crystal.density_Matthews             1.99 
_exptl_crystal.density_method               ? 
_exptl_crystal.density_percent_sol          38.21 
_exptl_crystal.description                  ? 
_exptl_crystal.F_000                        ? 
_exptl_crystal.id                           1 
_exptl_crystal.preparation                  ? 
_exptl_crystal.size_max                     ? 
_exptl_crystal.size_mid                     ? 
_exptl_crystal.size_min                     ? 
_exptl_crystal.size_rad                     ? 
_exptl_crystal.colour_lustre                ? 
_exptl_crystal.colour_modifier              ? 
_exptl_crystal.colour_primary               ? 
_exptl_crystal.density_meas                 ? 
_exptl_crystal.density_meas_esd             ? 
_exptl_crystal.density_meas_gt              ? 
_exptl_crystal.density_meas_lt              ? 
_exptl_crystal.density_meas_temp            ? 
_exptl_crystal.density_meas_temp_esd        ? 
_exptl_crystal.density_meas_temp_gt         ? 
_exptl_crystal.density_meas_temp_lt         ? 
_exptl_crystal.pdbx_crystal_image_url       ? 
_exptl_crystal.pdbx_crystal_image_format    ? 
_exptl_crystal.pdbx_mosaicity               ? 
_exptl_crystal.pdbx_mosaicity_esd           ? 
_exptl_crystal.pdbx_mosaic_method           ? 
_exptl_crystal.pdbx_mosaic_block_size       ? 
_exptl_crystal.pdbx_mosaic_block_size_esd   ? 
# 
_exptl_crystal_grow.apparatus       ? 
_exptl_crystal_grow.atmosphere      ? 
_exptl_crystal_grow.crystal_id      1 
_exptl_crystal_grow.details         ? 
_exptl_crystal_grow.method          'VAPOR DIFFUSION, SITTING DROP' 
_exptl_crystal_grow.method_ref      ? 
_exptl_crystal_grow.pH              ? 
_exptl_crystal_grow.pressure        ? 
_exptl_crystal_grow.pressure_esd    ? 
_exptl_crystal_grow.seeding         ? 
_exptl_crystal_grow.seeding_ref     ? 
_exptl_crystal_grow.temp_details    ? 
_exptl_crystal_grow.temp_esd        ? 
_exptl_crystal_grow.time            ? 
_exptl_crystal_grow.pdbx_details    '0.2 M potassium sodium tartrate tetrahydrate, 20% w/v polyethylene glycol 3350' 
_exptl_crystal_grow.pdbx_pH_range   ? 
_exptl_crystal_grow.temp            289 
# 
_diffrn.ambient_environment              ? 
_diffrn.ambient_temp                     80 
_diffrn.ambient_temp_details             ? 
_diffrn.ambient_temp_esd                 ? 
_diffrn.crystal_id                       1 
_diffrn.crystal_support                  ? 
_diffrn.crystal_treatment                ? 
_diffrn.details                          ? 
_diffrn.id                               1 
_diffrn.ambient_pressure                 ? 
_diffrn.ambient_pressure_esd             ? 
_diffrn.ambient_pressure_gt              ? 
_diffrn.ambient_pressure_lt              ? 
_diffrn.ambient_temp_gt                  ? 
_diffrn.ambient_temp_lt                  ? 
_diffrn.pdbx_serial_crystal_experiment   N 
# 
_diffrn_detector.details                      ? 
_diffrn_detector.detector                     CCD 
_diffrn_detector.diffrn_id                    1 
_diffrn_detector.type                         'MARMOSAIC 225 mm CCD' 
_diffrn_detector.area_resol_mean              ? 
_diffrn_detector.dtime                        ? 
_diffrn_detector.pdbx_frames_total            ? 
_diffrn_detector.pdbx_collection_time_total   ? 
_diffrn_detector.pdbx_collection_date         2016-09-08 
_diffrn_detector.pdbx_frequency               ? 
_diffrn_detector.id                           ? 
_diffrn_detector.number_of_axes               ? 
# 
_diffrn_radiation.collimation                      ? 
_diffrn_radiation.diffrn_id                        1 
_diffrn_radiation.filter_edge                      ? 
_diffrn_radiation.inhomogeneity                    ? 
_diffrn_radiation.monochromator                    ? 
_diffrn_radiation.polarisn_norm                    ? 
_diffrn_radiation.polarisn_ratio                   ? 
_diffrn_radiation.probe                            ? 
_diffrn_radiation.type                             ? 
_diffrn_radiation.xray_symbol                      ? 
_diffrn_radiation.wavelength_id                    1 
_diffrn_radiation.pdbx_monochromatic_or_laue_m_l   M 
_diffrn_radiation.pdbx_wavelength_list             ? 
_diffrn_radiation.pdbx_wavelength                  ? 
_diffrn_radiation.pdbx_diffrn_protocol             'SINGLE WAVELENGTH' 
_diffrn_radiation.pdbx_analyzer                    ? 
_diffrn_radiation.pdbx_scattering_type             x-ray 
# 
_diffrn_radiation_wavelength.id           1 
_diffrn_radiation_wavelength.wavelength   0.9793 
_diffrn_radiation_wavelength.wt           1.0 
# 
_diffrn_source.current                     ? 
_diffrn_source.details                     ? 
_diffrn_source.diffrn_id                   1 
_diffrn_source.power                       ? 
_diffrn_source.size                        ? 
_diffrn_source.source                      SYNCHROTRON 
_diffrn_source.target                      ? 
_diffrn_source.type                        'NFPSS BEAMLINE BL19U1' 
_diffrn_source.voltage                     ? 
_diffrn_source.take-off_angle              ? 
_diffrn_source.pdbx_wavelength_list        0.9793 
_diffrn_source.pdbx_wavelength             ? 
_diffrn_source.pdbx_synchrotron_beamline   BL19U1 
_diffrn_source.pdbx_synchrotron_site       NFPSS 
# 
_reflns.B_iso_Wilson_estimate                          12.960 
_reflns.entry_id                                       9KZ1 
_reflns.data_reduction_details                         ? 
_reflns.data_reduction_method                          ? 
_reflns.d_resolution_high                              1.44 
_reflns.d_resolution_low                               37.89 
_reflns.details                                        ? 
_reflns.limit_h_max                                    ? 
_reflns.limit_h_min                                    ? 
_reflns.limit_k_max                                    ? 
_reflns.limit_k_min                                    ? 
_reflns.limit_l_max                                    ? 
_reflns.limit_l_min                                    ? 
_reflns.number_all                                     ? 
_reflns.number_obs                                     15215 
_reflns.observed_criterion                             ? 
_reflns.observed_criterion_F_max                       ? 
_reflns.observed_criterion_F_min                       ? 
_reflns.observed_criterion_I_max                       ? 
_reflns.observed_criterion_I_min                       ? 
_reflns.observed_criterion_sigma_F                     ? 
_reflns.observed_criterion_sigma_I                     ? 
_reflns.percent_possible_obs                           96.68 
_reflns.R_free_details                                 ? 
_reflns.Rmerge_F_all                                   ? 
_reflns.Rmerge_F_obs                                   ? 
_reflns.Friedel_coverage                               ? 
_reflns.number_gt                                      ? 
_reflns.threshold_expression                           ? 
_reflns.pdbx_redundancy                                13.5 
_reflns.pdbx_netI_over_av_sigmaI                       ? 
_reflns.pdbx_netI_over_sigmaI                          14.62 
_reflns.pdbx_res_netI_over_av_sigmaI_2                 ? 
_reflns.pdbx_res_netI_over_sigmaI_2                    ? 
_reflns.pdbx_chi_squared                               ? 
_reflns.pdbx_scaling_rejects                           ? 
_reflns.pdbx_d_res_high_opt                            ? 
_reflns.pdbx_d_res_low_opt                             ? 
_reflns.pdbx_d_res_opt_method                          ? 
_reflns.phase_calculation_details                      ? 
_reflns.pdbx_Rrim_I_all                                ? 
_reflns.pdbx_Rpim_I_all                                ? 
_reflns.pdbx_d_opt                                     ? 
_reflns.pdbx_number_measured_all                       ? 
_reflns.pdbx_diffrn_id                                 1 
_reflns.pdbx_ordinal                                   1 
_reflns.pdbx_CC_half                                   0.998 
_reflns.pdbx_CC_star                                   ? 
_reflns.pdbx_R_split                                   ? 
_reflns.pdbx_Rmerge_I_obs                              ? 
_reflns.pdbx_Rmerge_I_all                              ? 
_reflns.pdbx_Rsym_value                                ? 
_reflns.pdbx_CC_split_method                           ? 
_reflns.pdbx_aniso_diffraction_limit_axis_1_ortho[1]   ? 
_reflns.pdbx_aniso_diffraction_limit_axis_1_ortho[2]   ? 
_reflns.pdbx_aniso_diffraction_limit_axis_1_ortho[3]   ? 
_reflns.pdbx_aniso_diffraction_limit_axis_2_ortho[1]   ? 
_reflns.pdbx_aniso_diffraction_limit_axis_2_ortho[2]   ? 
_reflns.pdbx_aniso_diffraction_limit_axis_2_ortho[3]   ? 
_reflns.pdbx_aniso_diffraction_limit_axis_3_ortho[1]   ? 
_reflns.pdbx_aniso_diffraction_limit_axis_3_ortho[2]   ? 
_reflns.pdbx_aniso_diffraction_limit_axis_3_ortho[3]   ? 
_reflns.pdbx_aniso_diffraction_limit_1                 ? 
_reflns.pdbx_aniso_diffraction_limit_2                 ? 
_reflns.pdbx_aniso_diffraction_limit_3                 ? 
_reflns.pdbx_aniso_B_tensor_eigenvector_1_ortho[1]     ? 
_reflns.pdbx_aniso_B_tensor_eigenvector_1_ortho[2]     ? 
_reflns.pdbx_aniso_B_tensor_eigenvector_1_ortho[3]     ? 
_reflns.pdbx_aniso_B_tensor_eigenvector_2_ortho[1]     ? 
_reflns.pdbx_aniso_B_tensor_eigenvector_2_ortho[2]     ? 
_reflns.pdbx_aniso_B_tensor_eigenvector_2_ortho[3]     ? 
_reflns.pdbx_aniso_B_tensor_eigenvector_3_ortho[1]     ? 
_reflns.pdbx_aniso_B_tensor_eigenvector_3_ortho[2]     ? 
_reflns.pdbx_aniso_B_tensor_eigenvector_3_ortho[3]     ? 
_reflns.pdbx_aniso_B_tensor_eigenvalue_1               ? 
_reflns.pdbx_aniso_B_tensor_eigenvalue_2               ? 
_reflns.pdbx_aniso_B_tensor_eigenvalue_3               ? 
_reflns.pdbx_orthogonalization_convention              ? 
_reflns.pdbx_percent_possible_ellipsoidal              ? 
_reflns.pdbx_percent_possible_spherical                ? 
_reflns.pdbx_percent_possible_ellipsoidal_anomalous    ? 
_reflns.pdbx_percent_possible_spherical_anomalous      ? 
_reflns.pdbx_redundancy_anomalous                      ? 
_reflns.pdbx_CC_half_anomalous                         ? 
_reflns.pdbx_absDiff_over_sigma_anomalous              ? 
_reflns.pdbx_percent_possible_anomalous                ? 
_reflns.pdbx_observed_signal_threshold                 ? 
_reflns.pdbx_signal_type                               ? 
_reflns.pdbx_signal_details                            ? 
_reflns.pdbx_signal_software_id                        ? 
# 
_reflns_shell.d_res_high                                    1.44 
_reflns_shell.d_res_low                                     1.491 
_reflns_shell.meanI_over_sigI_all                           ? 
_reflns_shell.meanI_over_sigI_obs                           ? 
_reflns_shell.number_measured_all                           ? 
_reflns_shell.number_measured_obs                           ? 
_reflns_shell.number_possible                               ? 
_reflns_shell.number_unique_all                             ? 
_reflns_shell.number_unique_obs                             1478 
_reflns_shell.percent_possible_obs                          ? 
_reflns_shell.Rmerge_F_all                                  ? 
_reflns_shell.Rmerge_F_obs                                  ? 
_reflns_shell.meanI_over_sigI_gt                            ? 
_reflns_shell.meanI_over_uI_all                             ? 
_reflns_shell.meanI_over_uI_gt                              ? 
_reflns_shell.number_measured_gt                            ? 
_reflns_shell.number_unique_gt                              ? 
_reflns_shell.percent_possible_gt                           ? 
_reflns_shell.Rmerge_F_gt                                   ? 
_reflns_shell.Rmerge_I_gt                                   ? 
_reflns_shell.pdbx_redundancy                               ? 
_reflns_shell.pdbx_chi_squared                              ? 
_reflns_shell.pdbx_netI_over_sigmaI_all                     ? 
_reflns_shell.pdbx_netI_over_sigmaI_obs                     ? 
_reflns_shell.pdbx_Rrim_I_all                               ? 
_reflns_shell.pdbx_Rpim_I_all                               ? 
_reflns_shell.pdbx_rejects                                  ? 
_reflns_shell.pdbx_ordinal                                  1 
_reflns_shell.pdbx_diffrn_id                                1 
_reflns_shell.pdbx_CC_half                                  0.52 
_reflns_shell.pdbx_CC_star                                  ? 
_reflns_shell.pdbx_R_split                                  ? 
_reflns_shell.percent_possible_all                          95.79 
_reflns_shell.Rmerge_I_all                                  ? 
_reflns_shell.Rmerge_I_obs                                  ? 
_reflns_shell.pdbx_Rsym_value                               ? 
_reflns_shell.pdbx_percent_possible_ellipsoidal             ? 
_reflns_shell.pdbx_percent_possible_spherical               ? 
_reflns_shell.pdbx_percent_possible_ellipsoidal_anomalous   ? 
_reflns_shell.pdbx_percent_possible_spherical_anomalous     ? 
_reflns_shell.pdbx_redundancy_anomalous                     ? 
_reflns_shell.pdbx_CC_half_anomalous                        ? 
_reflns_shell.pdbx_absDiff_over_sigma_anomalous             ? 
_reflns_shell.pdbx_percent_possible_anomalous               ? 
# 
_refine.aniso_B[1][1]                            ? 
_refine.aniso_B[1][2]                            ? 
_refine.aniso_B[1][3]                            ? 
_refine.aniso_B[2][2]                            ? 
_refine.aniso_B[2][3]                            ? 
_refine.aniso_B[3][3]                            ? 
_refine.B_iso_max                                51.700 
_refine.B_iso_mean                               17.1495 
_refine.B_iso_min                                6.720 
_refine.correlation_coeff_Fo_to_Fc               ? 
_refine.correlation_coeff_Fo_to_Fc_free          ? 
_refine.details                                  ? 
_refine.diff_density_max                         ? 
_refine.diff_density_max_esd                     ? 
_refine.diff_density_min                         ? 
_refine.diff_density_min_esd                     ? 
_refine.diff_density_rms                         ? 
_refine.diff_density_rms_esd                     ? 
_refine.entry_id                                 9KZ1 
_refine.pdbx_refine_id                           'X-RAY DIFFRACTION' 
_refine.ls_abs_structure_details                 ? 
_refine.ls_abs_structure_Flack                   ? 
_refine.ls_abs_structure_Flack_esd               ? 
_refine.ls_abs_structure_Rogers                  ? 
_refine.ls_abs_structure_Rogers_esd              ? 
_refine.ls_d_res_high                            1.4400 
_refine.ls_d_res_low                             37.8900 
_refine.ls_extinction_coef                       ? 
_refine.ls_extinction_coef_esd                   ? 
_refine.ls_extinction_expression                 ? 
_refine.ls_extinction_method                     ? 
_refine.ls_goodness_of_fit_all                   ? 
_refine.ls_goodness_of_fit_all_esd               ? 
_refine.ls_goodness_of_fit_obs                   ? 
_refine.ls_goodness_of_fit_obs_esd               ? 
_refine.ls_hydrogen_treatment                    ? 
_refine.ls_matrix_type                           ? 
_refine.ls_number_constraints                    ? 
_refine.ls_number_parameters                     ? 
_refine.ls_number_reflns_all                     ? 
_refine.ls_number_reflns_obs                     15215 
_refine.ls_number_reflns_R_free                  761 
_refine.ls_number_reflns_R_work                  14454 
_refine.ls_number_restraints                     ? 
_refine.ls_percent_reflns_obs                    96.5500 
_refine.ls_percent_reflns_R_free                 5.0000 
_refine.ls_R_factor_all                          ? 
_refine.ls_R_factor_obs                          0.1721 
_refine.ls_R_factor_R_free                       0.2008 
_refine.ls_R_factor_R_free_error                 ? 
_refine.ls_R_factor_R_free_error_details         ? 
_refine.ls_R_factor_R_work                       0.1706 
_refine.ls_R_Fsqd_factor_obs                     ? 
_refine.ls_R_I_factor_obs                        ? 
_refine.ls_redundancy_reflns_all                 ? 
_refine.ls_redundancy_reflns_obs                 ? 
_refine.ls_restrained_S_all                      ? 
_refine.ls_restrained_S_obs                      ? 
_refine.ls_shift_over_esd_max                    ? 
_refine.ls_shift_over_esd_mean                   ? 
_refine.ls_structure_factor_coef                 ? 
_refine.ls_weighting_details                     ? 
_refine.ls_weighting_scheme                      ? 
_refine.ls_wR_factor_all                         ? 
_refine.ls_wR_factor_obs                         ? 
_refine.ls_wR_factor_R_free                      ? 
_refine.ls_wR_factor_R_work                      ? 
_refine.occupancy_max                            ? 
_refine.occupancy_min                            ? 
_refine.solvent_model_details                    'FLAT BULK SOLVENT MODEL' 
_refine.solvent_model_param_bsol                 ? 
_refine.solvent_model_param_ksol                 ? 
_refine.pdbx_R_complete                          ? 
_refine.ls_R_factor_gt                           ? 
_refine.ls_goodness_of_fit_gt                    ? 
_refine.ls_goodness_of_fit_ref                   ? 
_refine.ls_shift_over_su_max                     ? 
_refine.ls_shift_over_su_max_lt                  ? 
_refine.ls_shift_over_su_mean                    ? 
_refine.ls_shift_over_su_mean_lt                 ? 
_refine.pdbx_ls_sigma_I                          ? 
_refine.pdbx_ls_sigma_F                          1.390 
_refine.pdbx_ls_sigma_Fsqd                       ? 
_refine.pdbx_data_cutoff_high_absF               ? 
_refine.pdbx_data_cutoff_high_rms_absF           ? 
_refine.pdbx_data_cutoff_low_absF                ? 
_refine.pdbx_isotropic_thermal_model             ? 
_refine.pdbx_ls_cross_valid_method               THROUGHOUT 
_refine.pdbx_method_to_determine_struct          'MOLECULAR REPLACEMENT' 
_refine.pdbx_starting_model                      5D74 
_refine.pdbx_stereochemistry_target_values       ML 
_refine.pdbx_R_Free_selection_details            ? 
_refine.pdbx_stereochem_target_val_spec_case     ? 
_refine.pdbx_overall_ESU_R                       ? 
_refine.pdbx_overall_ESU_R_Free                  ? 
_refine.pdbx_solvent_vdw_probe_radii             1.1100 
_refine.pdbx_solvent_ion_probe_radii             ? 
_refine.pdbx_solvent_shrinkage_radii             0.9000 
_refine.pdbx_real_space_R                        ? 
_refine.pdbx_density_correlation                 ? 
_refine.pdbx_pd_number_of_powder_patterns        ? 
_refine.pdbx_pd_number_of_points                 ? 
_refine.pdbx_pd_meas_number_of_points            ? 
_refine.pdbx_pd_proc_ls_prof_R_factor            ? 
_refine.pdbx_pd_proc_ls_prof_wR_factor           ? 
_refine.pdbx_pd_Marquardt_correlation_coeff      ? 
_refine.pdbx_pd_Fsqrd_R_factor                   ? 
_refine.pdbx_pd_ls_matrix_band_width             ? 
_refine.pdbx_overall_phase_error                 22.2700 
_refine.pdbx_overall_SU_R_free_Cruickshank_DPI   ? 
_refine.pdbx_overall_SU_R_free_Blow_DPI          ? 
_refine.pdbx_overall_SU_R_Blow_DPI               ? 
_refine.pdbx_TLS_residual_ADP_flag               ? 
_refine.pdbx_diffrn_id                           1 
_refine.overall_SU_B                             ? 
_refine.overall_SU_ML                            0.1900 
_refine.overall_SU_R_Cruickshank_DPI             ? 
_refine.overall_SU_R_free                        ? 
_refine.overall_FOM_free_R_set                   ? 
_refine.overall_FOM_work_R_set                   ? 
_refine.pdbx_average_fsc_overall                 ? 
_refine.pdbx_average_fsc_work                    ? 
_refine.pdbx_average_fsc_free                    ? 
# 
_refine_hist.pdbx_refine_id                   'X-RAY DIFFRACTION' 
_refine_hist.cycle_id                         final 
_refine_hist.details                          ? 
_refine_hist.d_res_high                       1.4400 
_refine_hist.d_res_low                        37.8900 
_refine_hist.number_atoms_solvent             110 
_refine_hist.number_atoms_total               770 
_refine_hist.number_reflns_all                ? 
_refine_hist.number_reflns_obs                ? 
_refine_hist.number_reflns_R_free             ? 
_refine_hist.number_reflns_R_work             ? 
_refine_hist.R_factor_all                     ? 
_refine_hist.R_factor_obs                     ? 
_refine_hist.R_factor_R_free                  ? 
_refine_hist.R_factor_R_work                  ? 
_refine_hist.pdbx_number_residues_total       85 
_refine_hist.pdbx_B_iso_mean_ligand           ? 
_refine_hist.pdbx_B_iso_mean_solvent          28.48 
_refine_hist.pdbx_number_atoms_protein        660 
_refine_hist.pdbx_number_atoms_nucleic_acid   0 
_refine_hist.pdbx_number_atoms_ligand         0 
_refine_hist.pdbx_number_atoms_lipid          ? 
_refine_hist.pdbx_number_atoms_carb           ? 
_refine_hist.pdbx_pseudo_atom_details         ? 
# 
loop_
_refine_ls_shell.pdbx_refine_id 
_refine_ls_shell.d_res_high 
_refine_ls_shell.d_res_low 
_refine_ls_shell.number_reflns_all 
_refine_ls_shell.number_reflns_obs 
_refine_ls_shell.number_reflns_R_free 
_refine_ls_shell.number_reflns_R_work 
_refine_ls_shell.percent_reflns_obs 
_refine_ls_shell.percent_reflns_R_free 
_refine_ls_shell.R_factor_all 
_refine_ls_shell.R_factor_obs 
_refine_ls_shell.R_factor_R_free_error 
_refine_ls_shell.R_factor_R_work 
_refine_ls_shell.redundancy_reflns_all 
_refine_ls_shell.redundancy_reflns_obs 
_refine_ls_shell.wR_factor_all 
_refine_ls_shell.wR_factor_obs 
_refine_ls_shell.wR_factor_R_free 
_refine_ls_shell.wR_factor_R_work 
_refine_ls_shell.pdbx_R_complete 
_refine_ls_shell.pdbx_total_number_of_bins_used 
_refine_ls_shell.pdbx_phase_error 
_refine_ls_shell.pdbx_fsc_work 
_refine_ls_shell.pdbx_fsc_free 
_refine_ls_shell.R_factor_R_free 
'X-RAY DIFFRACTION' 1.4400 1.5500  3005 . 150 2855 97.0000  . . . 0.0000 0.2799 . . . . . . . 5 . . . 0.3122 
'X-RAY DIFFRACTION' 1.5500 1.7100  3103 . 155 2948 100.0000 . . . 0.0000 0.1874 . . . . . . . 5 . . . 0.1967 
'X-RAY DIFFRACTION' 1.7100 1.9500  3121 . 156 2965 100.0000 . . . 0.0000 0.1622 . . . . . . . 5 . . . 0.2081 
'X-RAY DIFFRACTION' 1.9500 2.4600  2781 . 139 2642 88.0000  . . . 0.0000 0.1595 . . . . . . . 5 . . . 0.1904 
'X-RAY DIFFRACTION' 2.4600 37.8900 3205 . 161 3044 98.0000  . . . 0.0000 0.1566 . . . . . . . 5 . . . 0.1870 
# 
_struct.entry_id                     9KZ1 
_struct.title                        'Crystal structure of PlySb from a chimeolysin ClyR' 
_struct.pdbx_model_details           ? 
_struct.pdbx_formula_weight          ? 
_struct.pdbx_formula_weight_method   ? 
_struct.pdbx_model_type_details      ? 
_struct.pdbx_CASP_flag               N 
# 
_struct_keywords.entry_id        9KZ1 
_struct_keywords.text            'chimeolysin, ClyR, PlySb, LIGASE' 
_struct_keywords.pdbx_keywords   LIGASE 
# 
loop_
_struct_asym.id 
_struct_asym.pdbx_blank_PDB_chainid_flag 
_struct_asym.pdbx_modified 
_struct_asym.entity_id 
_struct_asym.details 
A N N 1 ? 
B N N 2 ? 
# 
_struct_ref.id                         1 
_struct_ref.db_name                    UNP 
_struct_ref.db_code                    A0A1X9I5F2_9CAUD 
_struct_ref.pdbx_db_accession          A0A1X9I5F2 
_struct_ref.pdbx_db_isoform            ? 
_struct_ref.entity_id                  1 
_struct_ref.pdbx_seq_one_letter_code   
;PPGTVAQSAPNLAGSRSYRETGTMTVTVDALNVRRAPNTSGEIVAVYKRGESFDYDTVIIDVNGYVWVSYIGGSGKRNYV
ATGATKDGKRFGNAWGTFK
;
_struct_ref.pdbx_align_begin           147 
# 
_struct_ref_seq.align_id                      1 
_struct_ref_seq.ref_id                        1 
_struct_ref_seq.pdbx_PDB_id_code              9KZ1 
_struct_ref_seq.pdbx_strand_id                A 
_struct_ref_seq.seq_align_beg                 1 
_struct_ref_seq.pdbx_seq_align_beg_ins_code   ? 
_struct_ref_seq.seq_align_end                 99 
_struct_ref_seq.pdbx_seq_align_end_ins_code   ? 
_struct_ref_seq.pdbx_db_accession             A0A1X9I5F2 
_struct_ref_seq.db_align_beg                  147 
_struct_ref_seq.pdbx_db_align_beg_ins_code    ? 
_struct_ref_seq.db_align_end                  245 
_struct_ref_seq.pdbx_db_align_end_ins_code    ? 
_struct_ref_seq.pdbx_auth_seq_align_beg       147 
_struct_ref_seq.pdbx_auth_seq_align_end       245 
# 
_pdbx_struct_assembly.id                   1 
_pdbx_struct_assembly.details              author_and_software_defined_assembly 
_pdbx_struct_assembly.method_details       PISA 
_pdbx_struct_assembly.oligomeric_details   monomeric 
_pdbx_struct_assembly.oligomeric_count     1 
# 
loop_
_pdbx_struct_assembly_prop.biol_id 
_pdbx_struct_assembly_prop.type 
_pdbx_struct_assembly_prop.value 
_pdbx_struct_assembly_prop.details 
1 'ABSA (A^2)' 0    ? 
1 MORE         0    ? 
1 'SSA (A^2)'  4920 ? 
# 
_pdbx_struct_assembly_gen.assembly_id       1 
_pdbx_struct_assembly_gen.oper_expression   1 
_pdbx_struct_assembly_gen.asym_id_list      A,B 
# 
_pdbx_struct_assembly_auth_evidence.id                     1 
_pdbx_struct_assembly_auth_evidence.assembly_id            1 
_pdbx_struct_assembly_auth_evidence.experimental_support   'gel filtration' 
_pdbx_struct_assembly_auth_evidence.details                ? 
# 
_pdbx_struct_oper_list.id                   1 
_pdbx_struct_oper_list.type                 'identity operation' 
_pdbx_struct_oper_list.name                 1_555 
_pdbx_struct_oper_list.symmetry_operation   x,y,z 
_pdbx_struct_oper_list.matrix[1][1]         1.0000000000 
_pdbx_struct_oper_list.matrix[1][2]         0.0000000000 
_pdbx_struct_oper_list.matrix[1][3]         0.0000000000 
_pdbx_struct_oper_list.vector[1]            0.0000000000 
_pdbx_struct_oper_list.matrix[2][1]         0.0000000000 
_pdbx_struct_oper_list.matrix[2][2]         1.0000000000 
_pdbx_struct_oper_list.matrix[2][3]         0.0000000000 
_pdbx_struct_oper_list.vector[2]            0.0000000000 
_pdbx_struct_oper_list.matrix[3][1]         0.0000000000 
_pdbx_struct_oper_list.matrix[3][2]         0.0000000000 
_pdbx_struct_oper_list.matrix[3][3]         1.0000000000 
_pdbx_struct_oper_list.vector[3]            0.0000000000 
# 
loop_
_struct_sheet.id 
_struct_sheet.type 
_struct_sheet.number_strands 
_struct_sheet.details 
AA1 ? 4 ? 
AA2 ? 7 ? 
# 
loop_
_struct_sheet_order.sheet_id 
_struct_sheet_order.range_id_1 
_struct_sheet_order.range_id_2 
_struct_sheet_order.offset 
_struct_sheet_order.sense 
AA1 1 2 ? anti-parallel 
AA1 2 3 ? anti-parallel 
AA1 3 4 ? anti-parallel 
AA2 1 2 ? anti-parallel 
AA2 2 3 ? anti-parallel 
AA2 3 4 ? anti-parallel 
AA2 4 5 ? anti-parallel 
AA2 5 6 ? anti-parallel 
AA2 6 7 ? anti-parallel 
# 
loop_
_struct_sheet_range.sheet_id 
_struct_sheet_range.id 
_struct_sheet_range.beg_label_comp_id 
_struct_sheet_range.beg_label_asym_id 
_struct_sheet_range.beg_label_seq_id 
_struct_sheet_range.pdbx_beg_PDB_ins_code 
_struct_sheet_range.end_label_comp_id 
_struct_sheet_range.end_label_asym_id 
_struct_sheet_range.end_label_seq_id 
_struct_sheet_range.pdbx_end_PDB_ins_code 
_struct_sheet_range.beg_auth_comp_id 
_struct_sheet_range.beg_auth_asym_id 
_struct_sheet_range.beg_auth_seq_id 
_struct_sheet_range.end_auth_comp_id 
_struct_sheet_range.end_auth_asym_id 
_struct_sheet_range.end_auth_seq_id 
AA1 1 ILE A 43 ? LYS A 48 ? ILE A 189 LYS A 194 
AA1 2 ALA A 30 ? ARG A 34 ? ALA A 176 ARG A 180 
AA1 3 ARG A 77 ? LYS A 86 ? ARG A 223 LYS A 232 
AA1 4 LYS A 89 ? PHE A 91 ? LYS A 235 PHE A 237 
AA2 1 ILE A 43 ? LYS A 48 ? ILE A 189 LYS A 194 
AA2 2 ALA A 30 ? ARG A 34 ? ALA A 176 ARG A 180 
AA2 3 ARG A 77 ? LYS A 86 ? ARG A 223 LYS A 232 
AA2 4 TYR A 65 ? ILE A 71 ? TYR A 211 ILE A 217 
AA2 5 SER A 52 ? ILE A 60 ? SER A 198 ILE A 206 
AA2 6 ARG A 16 ? VAL A 26 ? ARG A 162 VAL A 172 
AA2 7 GLY A 96 ? PHE A 98 ? GLY A 242 PHE A 244 
# 
loop_
_pdbx_struct_sheet_hbond.sheet_id 
_pdbx_struct_sheet_hbond.range_id_1 
_pdbx_struct_sheet_hbond.range_id_2 
_pdbx_struct_sheet_hbond.range_1_label_atom_id 
_pdbx_struct_sheet_hbond.range_1_label_comp_id 
_pdbx_struct_sheet_hbond.range_1_label_asym_id 
_pdbx_struct_sheet_hbond.range_1_label_seq_id 
_pdbx_struct_sheet_hbond.range_1_PDB_ins_code 
_pdbx_struct_sheet_hbond.range_1_auth_atom_id 
_pdbx_struct_sheet_hbond.range_1_auth_comp_id 
_pdbx_struct_sheet_hbond.range_1_auth_asym_id 
_pdbx_struct_sheet_hbond.range_1_auth_seq_id 
_pdbx_struct_sheet_hbond.range_2_label_atom_id 
_pdbx_struct_sheet_hbond.range_2_label_comp_id 
_pdbx_struct_sheet_hbond.range_2_label_asym_id 
_pdbx_struct_sheet_hbond.range_2_label_seq_id 
_pdbx_struct_sheet_hbond.range_2_PDB_ins_code 
_pdbx_struct_sheet_hbond.range_2_auth_atom_id 
_pdbx_struct_sheet_hbond.range_2_auth_comp_id 
_pdbx_struct_sheet_hbond.range_2_auth_asym_id 
_pdbx_struct_sheet_hbond.range_2_auth_seq_id 
AA1 1 2 O ALA A 45 ? O ALA A 191 N VAL A 33 ? N VAL A 179 
AA1 2 3 N ARG A 34 ? N ARG A 180 O TYR A 79 ? O TYR A 225 
AA1 3 4 N LYS A 86 ? N LYS A 232 O LYS A 89 ? O LYS A 235 
AA2 1 2 O ALA A 45 ? O ALA A 191 N VAL A 33 ? N VAL A 179 
AA2 2 3 N ARG A 34 ? N ARG A 180 O TYR A 79 ? O TYR A 225 
AA2 3 4 O ASN A 78 ? O ASN A 224 N TYR A 70 ? N TYR A 216 
AA2 4 5 O TRP A 67 ? O TRP A 213 N ILE A 59 ? N ILE A 205 
AA2 5 6 O ILE A 60 ? O ILE A 206 N ARG A 16 ? N ARG A 162 
AA2 6 7 N THR A 25 ? N THR A 171 O THR A 97 ? O THR A 243 
# 
_pdbx_entry_details.entry_id                   9KZ1 
_pdbx_entry_details.compound_details           ? 
_pdbx_entry_details.source_details             ? 
_pdbx_entry_details.nonpolymer_details         ? 
_pdbx_entry_details.sequence_details           ? 
_pdbx_entry_details.has_ligand_of_interest     ? 
_pdbx_entry_details.has_protein_modification   N 
# 
loop_
_pdbx_validate_close_contact.id 
_pdbx_validate_close_contact.PDB_model_num 
_pdbx_validate_close_contact.auth_atom_id_1 
_pdbx_validate_close_contact.auth_asym_id_1 
_pdbx_validate_close_contact.auth_comp_id_1 
_pdbx_validate_close_contact.auth_seq_id_1 
_pdbx_validate_close_contact.PDB_ins_code_1 
_pdbx_validate_close_contact.label_alt_id_1 
_pdbx_validate_close_contact.auth_atom_id_2 
_pdbx_validate_close_contact.auth_asym_id_2 
_pdbx_validate_close_contact.auth_comp_id_2 
_pdbx_validate_close_contact.auth_seq_id_2 
_pdbx_validate_close_contact.PDB_ins_code_2 
_pdbx_validate_close_contact.label_alt_id_2 
_pdbx_validate_close_contact.dist 
1 1 O A HOH 339 ? ? O A HOH 362 ? ? 2.11 
2 1 O A HOH 382 ? ? O A HOH 387 ? ? 2.14 
3 1 O A HOH 367 ? ? O A HOH 377 ? ? 2.17 
# 
_pdbx_validate_symm_contact.id                1 
_pdbx_validate_symm_contact.PDB_model_num     1 
_pdbx_validate_symm_contact.auth_atom_id_1    O 
_pdbx_validate_symm_contact.auth_asym_id_1    A 
_pdbx_validate_symm_contact.auth_comp_id_1    HOH 
_pdbx_validate_symm_contact.auth_seq_id_1     358 
_pdbx_validate_symm_contact.PDB_ins_code_1    ? 
_pdbx_validate_symm_contact.label_alt_id_1    ? 
_pdbx_validate_symm_contact.site_symmetry_1   1_555 
_pdbx_validate_symm_contact.auth_atom_id_2    O 
_pdbx_validate_symm_contact.auth_asym_id_2    A 
_pdbx_validate_symm_contact.auth_comp_id_2    HOH 
_pdbx_validate_symm_contact.auth_seq_id_2     386 
_pdbx_validate_symm_contact.PDB_ins_code_2    ? 
_pdbx_validate_symm_contact.label_alt_id_2    ? 
_pdbx_validate_symm_contact.site_symmetry_2   6_444 
_pdbx_validate_symm_contact.dist              2.18 
# 
_pdbx_validate_torsion.id              1 
_pdbx_validate_torsion.PDB_model_num   1 
_pdbx_validate_torsion.auth_comp_id    GLU 
_pdbx_validate_torsion.auth_asym_id    A 
_pdbx_validate_torsion.auth_seq_id     166 
_pdbx_validate_torsion.PDB_ins_code    ? 
_pdbx_validate_torsion.label_alt_id    ? 
_pdbx_validate_torsion.phi             -171.58 
_pdbx_validate_torsion.psi             124.91 
# 
loop_
_pdbx_struct_special_symmetry.id 
_pdbx_struct_special_symmetry.PDB_model_num 
_pdbx_struct_special_symmetry.auth_asym_id 
_pdbx_struct_special_symmetry.auth_comp_id 
_pdbx_struct_special_symmetry.auth_seq_id 
_pdbx_struct_special_symmetry.PDB_ins_code 
_pdbx_struct_special_symmetry.label_asym_id 
_pdbx_struct_special_symmetry.label_comp_id 
_pdbx_struct_special_symmetry.label_seq_id 
1 1 A HOH 344 ? B HOH . 
2 1 A HOH 375 ? B HOH . 
3 1 A HOH 389 ? B HOH . 
# 
loop_
_pdbx_refine_tls.id 
_pdbx_refine_tls.pdbx_refine_id 
_pdbx_refine_tls.details 
_pdbx_refine_tls.method 
_pdbx_refine_tls.origin_x 
_pdbx_refine_tls.origin_y 
_pdbx_refine_tls.origin_z 
_pdbx_refine_tls.T[1][1] 
_pdbx_refine_tls.T[1][1]_esd 
_pdbx_refine_tls.T[1][2] 
_pdbx_refine_tls.T[1][2]_esd 
_pdbx_refine_tls.T[1][3] 
_pdbx_refine_tls.T[1][3]_esd 
_pdbx_refine_tls.T[2][2] 
_pdbx_refine_tls.T[2][2]_esd 
_pdbx_refine_tls.T[2][3] 
_pdbx_refine_tls.T[2][3]_esd 
_pdbx_refine_tls.T[3][3] 
_pdbx_refine_tls.T[3][3]_esd 
_pdbx_refine_tls.L[1][1] 
_pdbx_refine_tls.L[1][1]_esd 
_pdbx_refine_tls.L[1][2] 
_pdbx_refine_tls.L[1][2]_esd 
_pdbx_refine_tls.L[1][3] 
_pdbx_refine_tls.L[1][3]_esd 
_pdbx_refine_tls.L[2][2] 
_pdbx_refine_tls.L[2][2]_esd 
_pdbx_refine_tls.L[2][3] 
_pdbx_refine_tls.L[2][3]_esd 
_pdbx_refine_tls.L[3][3] 
_pdbx_refine_tls.L[3][3]_esd 
_pdbx_refine_tls.S[1][1] 
_pdbx_refine_tls.S[1][1]_esd 
_pdbx_refine_tls.S[1][2] 
_pdbx_refine_tls.S[1][2]_esd 
_pdbx_refine_tls.S[1][3] 
_pdbx_refine_tls.S[1][3]_esd 
_pdbx_refine_tls.S[2][1] 
_pdbx_refine_tls.S[2][1]_esd 
_pdbx_refine_tls.S[2][2] 
_pdbx_refine_tls.S[2][2]_esd 
_pdbx_refine_tls.S[2][3] 
_pdbx_refine_tls.S[2][3]_esd 
_pdbx_refine_tls.S[3][1] 
_pdbx_refine_tls.S[3][1]_esd 
_pdbx_refine_tls.S[3][2] 
_pdbx_refine_tls.S[3][2]_esd 
_pdbx_refine_tls.S[3][3] 
_pdbx_refine_tls.S[3][3]_esd 
1 'X-RAY DIFFRACTION' ? refined -6.7690 1.2338  -2.5028  0.1202 ? 0.0022  ? 0.0026  ? 0.1146 ? -0.0072 ? 0.1301 ? 2.7356 ? -1.3965 ? 0.6960  ? 3.1153 ? -2.3535 ? 1.8903 ? 0.0995  ? 0.2246  ? 0.0137  ? -0.2066 ? -0.0313 ? 0.1240  ? 0.0465  ? -0.0219 ? -0.2053 ? 
2 'X-RAY DIFFRACTION' ? refined 6.8192  -3.8879 4.0285   0.1012 ? -0.0003 ? 0.0092  ? 0.0853 ? 0.0238  ? 0.0841 ? 3.3594 ? -0.0279 ? -0.0937 ? 7.6277 ? 3.4065  ? 2.5405 ? -0.0898 ? -0.1587 ? -0.0814 ? 0.0432  ? 0.1666  ? -0.5398 ? 0.0077  ? 0.1336  ? -0.0761 ? 
3 'X-RAY DIFFRACTION' ? refined 6.5714  8.4250  2.7516   0.2167 ? -0.0213 ? 0.0039  ? 0.1662 ? -0.0087 ? 0.1675 ? 1.2502 ? -0.3472 ? -2.5881 ? 3.6011 ? -0.7657 ? 8.3130 ? 0.1528  ? -0.2662 ? 0.3605  ? 0.1963  ? 0.0940  ? -0.3625 ? -0.8175 ? 1.0684  ? -0.1694 ? 
4 'X-RAY DIFFRACTION' ? refined 5.8900  -1.3351 9.5128   0.1146 ? -0.0151 ? 0.0040  ? 0.1354 ? -0.0124 ? 0.0926 ? 6.0545 ? 2.6912  ? 0.7529  ? 1.4640 ? 1.5908  ? 5.8403 ? 0.1677  ? -0.4293 ? -0.1477 ? 0.2852  ? -0.1261 ? -0.1251 ? 0.0218  ? 0.3539  ? -0.0927 ? 
5 'X-RAY DIFFRACTION' ? refined -1.8840 -6.9901 6.2949   0.1337 ? -0.0084 ? 0.0156  ? 0.0811 ? 0.0090  ? 0.0930 ? 9.4926 ? -3.8852 ? 2.1837  ? 8.2396 ? -2.7301 ? 2.7647 ? -0.2832 ? -0.1860 ? -0.2519 ? 0.2977  ? 0.1739  ? -0.0909 ? 0.0067  ? -0.1354 ? 0.2153  ? 
6 'X-RAY DIFFRACTION' ? refined -0.5714 3.3836  -6.4869  0.1141 ? 0.0207  ? -0.0059 ? 0.1370 ? 0.0149  ? 0.0976 ? 7.4655 ? 0.7817  ? -3.5459 ? 3.0171 ? -1.4944 ? 2.7580 ? 0.2765  ? 0.2026  ? 0.4100  ? -0.1073 ? -0.0173 ? -0.0437 ? -0.3027 ? -0.0737 ? -0.1328 ? 
7 'X-RAY DIFFRACTION' ? refined -0.8147 3.4505  1.8507   0.1006 ? 0.0067  ? 0.0030  ? 0.0678 ? 0.0014  ? 0.1031 ? 3.9185 ? -1.0317 ? -2.2352 ? 3.0247 ? 1.4319  ? 6.3429 ? 0.0732  ? -0.0980 ? 0.2373  ? 0.2092  ? -0.0271 ? -0.0095 ? -0.2131 ? -0.2887 ? -0.0448 ? 
8 'X-RAY DIFFRACTION' ? refined 0.7553  -2.7548 -14.0489 0.1708 ? 0.0552  ? -0.0117 ? 0.2463 ? -0.0115 ? 0.1570 ? 0.3500 ? -0.4567 ? -0.9751 ? 2.5301 ? 2.5209  ? 3.5098 ? 0.2989  ? 0.6803  ? -0.1439 ? -0.3295 ? -0.1703 ? 0.0303  ? -0.0375 ? -0.4428 ? -0.2809 ? 
9 'X-RAY DIFFRACTION' ? refined -0.4098 -9.3861 -3.2286  0.1468 ? -0.0306 ? -0.0079 ? 0.1521 ? -0.0083 ? 0.0948 ? 8.5645 ? 3.5976  ? -3.0396 ? 6.9515 ? -2.3051 ? 7.4159 ? -0.3980 ? 0.2712  ? -0.1337 ? -0.3787 ? 0.1385  ? 0.1112  ? 0.1845  ? -0.6930 ? 0.2244  ? 
# 
loop_
_pdbx_refine_tls_group.id 
_pdbx_refine_tls_group.pdbx_refine_id 
_pdbx_refine_tls_group.refine_tls_id 
_pdbx_refine_tls_group.beg_label_asym_id 
_pdbx_refine_tls_group.beg_label_seq_id 
_pdbx_refine_tls_group.beg_auth_asym_id 
_pdbx_refine_tls_group.beg_auth_seq_id 
_pdbx_refine_tls_group.beg_PDB_ins_code 
_pdbx_refine_tls_group.end_label_asym_id 
_pdbx_refine_tls_group.end_label_seq_id 
_pdbx_refine_tls_group.end_auth_asym_id 
_pdbx_refine_tls_group.end_auth_seq_id 
_pdbx_refine_tls_group.end_PDB_ins_code 
_pdbx_refine_tls_group.selection 
_pdbx_refine_tls_group.selection_details 
1 'X-RAY DIFFRACTION' 1 ? ? A 161 ? ? ? A 172 ? ? 
;chain 'A' and (resid 161 through 172 )
;
2 'X-RAY DIFFRACTION' 2 ? ? A 173 ? ? ? A 180 ? ? 
;chain 'A' and (resid 173 through 180 )
;
3 'X-RAY DIFFRACTION' 3 ? ? A 181 ? ? ? A 188 ? ? 
;chain 'A' and (resid 181 through 188 )
;
4 'X-RAY DIFFRACTION' 4 ? ? A 189 ? ? ? A 194 ? ? 
;chain 'A' and (resid 189 through 194 )
;
5 'X-RAY DIFFRACTION' 5 ? ? A 195 ? ? ? A 201 ? ? 
;chain 'A' and (resid 195 through 201 )
;
6 'X-RAY DIFFRACTION' 6 ? ? A 202 ? ? ? A 211 ? ? 
;chain 'A' and (resid 202 through 211 )
;
7 'X-RAY DIFFRACTION' 7 ? ? A 212 ? ? ? A 232 ? ? 
;chain 'A' and (resid 212 through 232 )
;
8 'X-RAY DIFFRACTION' 8 ? ? A 233 ? ? ? A 237 ? ? 
;chain 'A' and (resid 233 through 237 )
;
9 'X-RAY DIFFRACTION' 9 ? ? A 238 ? ? ? A 245 ? ? 
;chain 'A' and (resid 238 through 245 )
;
# 
loop_
_pdbx_unobs_or_zero_occ_residues.id 
_pdbx_unobs_or_zero_occ_residues.PDB_model_num 
_pdbx_unobs_or_zero_occ_residues.polymer_flag 
_pdbx_unobs_or_zero_occ_residues.occupancy_flag 
_pdbx_unobs_or_zero_occ_residues.auth_asym_id 
_pdbx_unobs_or_zero_occ_residues.auth_comp_id 
_pdbx_unobs_or_zero_occ_residues.auth_seq_id 
_pdbx_unobs_or_zero_occ_residues.PDB_ins_code 
_pdbx_unobs_or_zero_occ_residues.label_asym_id 
_pdbx_unobs_or_zero_occ_residues.label_comp_id 
_pdbx_unobs_or_zero_occ_residues.label_seq_id 
1  1 Y 1 A PRO 147 ? A PRO 1  
2  1 Y 1 A PRO 148 ? A PRO 2  
3  1 Y 1 A GLY 149 ? A GLY 3  
4  1 Y 1 A THR 150 ? A THR 4  
5  1 Y 1 A VAL 151 ? A VAL 5  
6  1 Y 1 A ALA 152 ? A ALA 6  
7  1 Y 1 A GLN 153 ? A GLN 7  
8  1 Y 1 A SER 154 ? A SER 8  
9  1 Y 1 A ALA 155 ? A ALA 9  
10 1 Y 1 A PRO 156 ? A PRO 10 
11 1 Y 1 A ASN 157 ? A ASN 11 
12 1 Y 1 A LEU 158 ? A LEU 12 
13 1 Y 1 A ALA 159 ? A ALA 13 
14 1 Y 1 A GLY 160 ? A GLY 14 
# 
loop_
_chem_comp_atom.comp_id 
_chem_comp_atom.atom_id 
_chem_comp_atom.type_symbol 
_chem_comp_atom.pdbx_aromatic_flag 
_chem_comp_atom.pdbx_stereo_config 
_chem_comp_atom.pdbx_ordinal 
ALA N    N N N 1   
ALA CA   C N S 2   
ALA C    C N N 3   
ALA O    O N N 4   
ALA CB   C N N 5   
ALA OXT  O N N 6   
ALA H    H N N 7   
ALA H2   H N N 8   
ALA HA   H N N 9   
ALA HB1  H N N 10  
ALA HB2  H N N 11  
ALA HB3  H N N 12  
ALA HXT  H N N 13  
ARG N    N N N 14  
ARG CA   C N S 15  
ARG C    C N N 16  
ARG O    O N N 17  
ARG CB   C N N 18  
ARG CG   C N N 19  
ARG CD   C N N 20  
ARG NE   N N N 21  
ARG CZ   C N N 22  
ARG NH1  N N N 23  
ARG NH2  N N N 24  
ARG OXT  O N N 25  
ARG H    H N N 26  
ARG H2   H N N 27  
ARG HA   H N N 28  
ARG HB2  H N N 29  
ARG HB3  H N N 30  
ARG HG2  H N N 31  
ARG HG3  H N N 32  
ARG HD2  H N N 33  
ARG HD3  H N N 34  
ARG HE   H N N 35  
ARG HH11 H N N 36  
ARG HH12 H N N 37  
ARG HH21 H N N 38  
ARG HH22 H N N 39  
ARG HXT  H N N 40  
ASN N    N N N 41  
ASN CA   C N S 42  
ASN C    C N N 43  
ASN O    O N N 44  
ASN CB   C N N 45  
ASN CG   C N N 46  
ASN OD1  O N N 47  
ASN ND2  N N N 48  
ASN OXT  O N N 49  
ASN H    H N N 50  
ASN H2   H N N 51  
ASN HA   H N N 52  
ASN HB2  H N N 53  
ASN HB3  H N N 54  
ASN HD21 H N N 55  
ASN HD22 H N N 56  
ASN HXT  H N N 57  
ASP N    N N N 58  
ASP CA   C N S 59  
ASP C    C N N 60  
ASP O    O N N 61  
ASP CB   C N N 62  
ASP CG   C N N 63  
ASP OD1  O N N 64  
ASP OD2  O N N 65  
ASP OXT  O N N 66  
ASP H    H N N 67  
ASP H2   H N N 68  
ASP HA   H N N 69  
ASP HB2  H N N 70  
ASP HB3  H N N 71  
ASP HD2  H N N 72  
ASP HXT  H N N 73  
GLN N    N N N 74  
GLN CA   C N S 75  
GLN C    C N N 76  
GLN O    O N N 77  
GLN CB   C N N 78  
GLN CG   C N N 79  
GLN CD   C N N 80  
GLN OE1  O N N 81  
GLN NE2  N N N 82  
GLN OXT  O N N 83  
GLN H    H N N 84  
GLN H2   H N N 85  
GLN HA   H N N 86  
GLN HB2  H N N 87  
GLN HB3  H N N 88  
GLN HG2  H N N 89  
GLN HG3  H N N 90  
GLN HE21 H N N 91  
GLN HE22 H N N 92  
GLN HXT  H N N 93  
GLU N    N N N 94  
GLU CA   C N S 95  
GLU C    C N N 96  
GLU O    O N N 97  
GLU CB   C N N 98  
GLU CG   C N N 99  
GLU CD   C N N 100 
GLU OE1  O N N 101 
GLU OE2  O N N 102 
GLU OXT  O N N 103 
GLU H    H N N 104 
GLU H2   H N N 105 
GLU HA   H N N 106 
GLU HB2  H N N 107 
GLU HB3  H N N 108 
GLU HG2  H N N 109 
GLU HG3  H N N 110 
GLU HE2  H N N 111 
GLU HXT  H N N 112 
GLY N    N N N 113 
GLY CA   C N N 114 
GLY C    C N N 115 
GLY O    O N N 116 
GLY OXT  O N N 117 
GLY H    H N N 118 
GLY H2   H N N 119 
GLY HA2  H N N 120 
GLY HA3  H N N 121 
GLY HXT  H N N 122 
HOH O    O N N 123 
HOH H1   H N N 124 
HOH H2   H N N 125 
ILE N    N N N 126 
ILE CA   C N S 127 
ILE C    C N N 128 
ILE O    O N N 129 
ILE CB   C N S 130 
ILE CG1  C N N 131 
ILE CG2  C N N 132 
ILE CD1  C N N 133 
ILE OXT  O N N 134 
ILE H    H N N 135 
ILE H2   H N N 136 
ILE HA   H N N 137 
ILE HB   H N N 138 
ILE HG12 H N N 139 
ILE HG13 H N N 140 
ILE HG21 H N N 141 
ILE HG22 H N N 142 
ILE HG23 H N N 143 
ILE HD11 H N N 144 
ILE HD12 H N N 145 
ILE HD13 H N N 146 
ILE HXT  H N N 147 
LEU N    N N N 148 
LEU CA   C N S 149 
LEU C    C N N 150 
LEU O    O N N 151 
LEU CB   C N N 152 
LEU CG   C N N 153 
LEU CD1  C N N 154 
LEU CD2  C N N 155 
LEU OXT  O N N 156 
LEU H    H N N 157 
LEU H2   H N N 158 
LEU HA   H N N 159 
LEU HB2  H N N 160 
LEU HB3  H N N 161 
LEU HG   H N N 162 
LEU HD11 H N N 163 
LEU HD12 H N N 164 
LEU HD13 H N N 165 
LEU HD21 H N N 166 
LEU HD22 H N N 167 
LEU HD23 H N N 168 
LEU HXT  H N N 169 
LYS N    N N N 170 
LYS CA   C N S 171 
LYS C    C N N 172 
LYS O    O N N 173 
LYS CB   C N N 174 
LYS CG   C N N 175 
LYS CD   C N N 176 
LYS CE   C N N 177 
LYS NZ   N N N 178 
LYS OXT  O N N 179 
LYS H    H N N 180 
LYS H2   H N N 181 
LYS HA   H N N 182 
LYS HB2  H N N 183 
LYS HB3  H N N 184 
LYS HG2  H N N 185 
LYS HG3  H N N 186 
LYS HD2  H N N 187 
LYS HD3  H N N 188 
LYS HE2  H N N 189 
LYS HE3  H N N 190 
LYS HZ1  H N N 191 
LYS HZ2  H N N 192 
LYS HZ3  H N N 193 
LYS HXT  H N N 194 
MET N    N N N 195 
MET CA   C N S 196 
MET C    C N N 197 
MET O    O N N 198 
MET CB   C N N 199 
MET CG   C N N 200 
MET SD   S N N 201 
MET CE   C N N 202 
MET OXT  O N N 203 
MET H    H N N 204 
MET H2   H N N 205 
MET HA   H N N 206 
MET HB2  H N N 207 
MET HB3  H N N 208 
MET HG2  H N N 209 
MET HG3  H N N 210 
MET HE1  H N N 211 
MET HE2  H N N 212 
MET HE3  H N N 213 
MET HXT  H N N 214 
PHE N    N N N 215 
PHE CA   C N S 216 
PHE C    C N N 217 
PHE O    O N N 218 
PHE CB   C N N 219 
PHE CG   C Y N 220 
PHE CD1  C Y N 221 
PHE CD2  C Y N 222 
PHE CE1  C Y N 223 
PHE CE2  C Y N 224 
PHE CZ   C Y N 225 
PHE OXT  O N N 226 
PHE H    H N N 227 
PHE H2   H N N 228 
PHE HA   H N N 229 
PHE HB2  H N N 230 
PHE HB3  H N N 231 
PHE HD1  H N N 232 
PHE HD2  H N N 233 
PHE HE1  H N N 234 
PHE HE2  H N N 235 
PHE HZ   H N N 236 
PHE HXT  H N N 237 
PRO N    N N N 238 
PRO CA   C N S 239 
PRO C    C N N 240 
PRO O    O N N 241 
PRO CB   C N N 242 
PRO CG   C N N 243 
PRO CD   C N N 244 
PRO OXT  O N N 245 
PRO H    H N N 246 
PRO HA   H N N 247 
PRO HB2  H N N 248 
PRO HB3  H N N 249 
PRO HG2  H N N 250 
PRO HG3  H N N 251 
PRO HD2  H N N 252 
PRO HD3  H N N 253 
PRO HXT  H N N 254 
SER N    N N N 255 
SER CA   C N S 256 
SER C    C N N 257 
SER O    O N N 258 
SER CB   C N N 259 
SER OG   O N N 260 
SER OXT  O N N 261 
SER H    H N N 262 
SER H2   H N N 263 
SER HA   H N N 264 
SER HB2  H N N 265 
SER HB3  H N N 266 
SER HG   H N N 267 
SER HXT  H N N 268 
THR N    N N N 269 
THR CA   C N S 270 
THR C    C N N 271 
THR O    O N N 272 
THR CB   C N R 273 
THR OG1  O N N 274 
THR CG2  C N N 275 
THR OXT  O N N 276 
THR H    H N N 277 
THR H2   H N N 278 
THR HA   H N N 279 
THR HB   H N N 280 
THR HG1  H N N 281 
THR HG21 H N N 282 
THR HG22 H N N 283 
THR HG23 H N N 284 
THR HXT  H N N 285 
TRP N    N N N 286 
TRP CA   C N S 287 
TRP C    C N N 288 
TRP O    O N N 289 
TRP CB   C N N 290 
TRP CG   C Y N 291 
TRP CD1  C Y N 292 
TRP CD2  C Y N 293 
TRP NE1  N Y N 294 
TRP CE2  C Y N 295 
TRP CE3  C Y N 296 
TRP CZ2  C Y N 297 
TRP CZ3  C Y N 298 
TRP CH2  C Y N 299 
TRP OXT  O N N 300 
TRP H    H N N 301 
TRP H2   H N N 302 
TRP HA   H N N 303 
TRP HB2  H N N 304 
TRP HB3  H N N 305 
TRP HD1  H N N 306 
TRP HE1  H N N 307 
TRP HE3  H N N 308 
TRP HZ2  H N N 309 
TRP HZ3  H N N 310 
TRP HH2  H N N 311 
TRP HXT  H N N 312 
TYR N    N N N 313 
TYR CA   C N S 314 
TYR C    C N N 315 
TYR O    O N N 316 
TYR CB   C N N 317 
TYR CG   C Y N 318 
TYR CD1  C Y N 319 
TYR CD2  C Y N 320 
TYR CE1  C Y N 321 
TYR CE2  C Y N 322 
TYR CZ   C Y N 323 
TYR OH   O N N 324 
TYR OXT  O N N 325 
TYR H    H N N 326 
TYR H2   H N N 327 
TYR HA   H N N 328 
TYR HB2  H N N 329 
TYR HB3  H N N 330 
TYR HD1  H N N 331 
TYR HD2  H N N 332 
TYR HE1  H N N 333 
TYR HE2  H N N 334 
TYR HH   H N N 335 
TYR HXT  H N N 336 
VAL N    N N N 337 
VAL CA   C N S 338 
VAL C    C N N 339 
VAL O    O N N 340 
VAL CB   C N N 341 
VAL CG1  C N N 342 
VAL CG2  C N N 343 
VAL OXT  O N N 344 
VAL H    H N N 345 
VAL H2   H N N 346 
VAL HA   H N N 347 
VAL HB   H N N 348 
VAL HG11 H N N 349 
VAL HG12 H N N 350 
VAL HG13 H N N 351 
VAL HG21 H N N 352 
VAL HG22 H N N 353 
VAL HG23 H N N 354 
VAL HXT  H N N 355 
# 
loop_
_chem_comp_bond.comp_id 
_chem_comp_bond.atom_id_1 
_chem_comp_bond.atom_id_2 
_chem_comp_bond.value_order 
_chem_comp_bond.pdbx_aromatic_flag 
_chem_comp_bond.pdbx_stereo_config 
_chem_comp_bond.pdbx_ordinal 
ALA N   CA   sing N N 1   
ALA N   H    sing N N 2   
ALA N   H2   sing N N 3   
ALA CA  C    sing N N 4   
ALA CA  CB   sing N N 5   
ALA CA  HA   sing N N 6   
ALA C   O    doub N N 7   
ALA C   OXT  sing N N 8   
ALA CB  HB1  sing N N 9   
ALA CB  HB2  sing N N 10  
ALA CB  HB3  sing N N 11  
ALA OXT HXT  sing N N 12  
ARG N   CA   sing N N 13  
ARG N   H    sing N N 14  
ARG N   H2   sing N N 15  
ARG CA  C    sing N N 16  
ARG CA  CB   sing N N 17  
ARG CA  HA   sing N N 18  
ARG C   O    doub N N 19  
ARG C   OXT  sing N N 20  
ARG CB  CG   sing N N 21  
ARG CB  HB2  sing N N 22  
ARG CB  HB3  sing N N 23  
ARG CG  CD   sing N N 24  
ARG CG  HG2  sing N N 25  
ARG CG  HG3  sing N N 26  
ARG CD  NE   sing N N 27  
ARG CD  HD2  sing N N 28  
ARG CD  HD3  sing N N 29  
ARG NE  CZ   sing N N 30  
ARG NE  HE   sing N N 31  
ARG CZ  NH1  sing N N 32  
ARG CZ  NH2  doub N N 33  
ARG NH1 HH11 sing N N 34  
ARG NH1 HH12 sing N N 35  
ARG NH2 HH21 sing N N 36  
ARG NH2 HH22 sing N N 37  
ARG OXT HXT  sing N N 38  
ASN N   CA   sing N N 39  
ASN N   H    sing N N 40  
ASN N   H2   sing N N 41  
ASN CA  C    sing N N 42  
ASN CA  CB   sing N N 43  
ASN CA  HA   sing N N 44  
ASN C   O    doub N N 45  
ASN C   OXT  sing N N 46  
ASN CB  CG   sing N N 47  
ASN CB  HB2  sing N N 48  
ASN CB  HB3  sing N N 49  
ASN CG  OD1  doub N N 50  
ASN CG  ND2  sing N N 51  
ASN ND2 HD21 sing N N 52  
ASN ND2 HD22 sing N N 53  
ASN OXT HXT  sing N N 54  
ASP N   CA   sing N N 55  
ASP N   H    sing N N 56  
ASP N   H2   sing N N 57  
ASP CA  C    sing N N 58  
ASP CA  CB   sing N N 59  
ASP CA  HA   sing N N 60  
ASP C   O    doub N N 61  
ASP C   OXT  sing N N 62  
ASP CB  CG   sing N N 63  
ASP CB  HB2  sing N N 64  
ASP CB  HB3  sing N N 65  
ASP CG  OD1  doub N N 66  
ASP CG  OD2  sing N N 67  
ASP OD2 HD2  sing N N 68  
ASP OXT HXT  sing N N 69  
GLN N   CA   sing N N 70  
GLN N   H    sing N N 71  
GLN N   H2   sing N N 72  
GLN CA  C    sing N N 73  
GLN CA  CB   sing N N 74  
GLN CA  HA   sing N N 75  
GLN C   O    doub N N 76  
GLN C   OXT  sing N N 77  
GLN CB  CG   sing N N 78  
GLN CB  HB2  sing N N 79  
GLN CB  HB3  sing N N 80  
GLN CG  CD   sing N N 81  
GLN CG  HG2  sing N N 82  
GLN CG  HG3  sing N N 83  
GLN CD  OE1  doub N N 84  
GLN CD  NE2  sing N N 85  
GLN NE2 HE21 sing N N 86  
GLN NE2 HE22 sing N N 87  
GLN OXT HXT  sing N N 88  
GLU N   CA   sing N N 89  
GLU N   H    sing N N 90  
GLU N   H2   sing N N 91  
GLU CA  C    sing N N 92  
GLU CA  CB   sing N N 93  
GLU CA  HA   sing N N 94  
GLU C   O    doub N N 95  
GLU C   OXT  sing N N 96  
GLU CB  CG   sing N N 97  
GLU CB  HB2  sing N N 98  
GLU CB  HB3  sing N N 99  
GLU CG  CD   sing N N 100 
GLU CG  HG2  sing N N 101 
GLU CG  HG3  sing N N 102 
GLU CD  OE1  doub N N 103 
GLU CD  OE2  sing N N 104 
GLU OE2 HE2  sing N N 105 
GLU OXT HXT  sing N N 106 
GLY N   CA   sing N N 107 
GLY N   H    sing N N 108 
GLY N   H2   sing N N 109 
GLY CA  C    sing N N 110 
GLY CA  HA2  sing N N 111 
GLY CA  HA3  sing N N 112 
GLY C   O    doub N N 113 
GLY C   OXT  sing N N 114 
GLY OXT HXT  sing N N 115 
HOH O   H1   sing N N 116 
HOH O   H2   sing N N 117 
ILE N   CA   sing N N 118 
ILE N   H    sing N N 119 
ILE N   H2   sing N N 120 
ILE CA  C    sing N N 121 
ILE CA  CB   sing N N 122 
ILE CA  HA   sing N N 123 
ILE C   O    doub N N 124 
ILE C   OXT  sing N N 125 
ILE CB  CG1  sing N N 126 
ILE CB  CG2  sing N N 127 
ILE CB  HB   sing N N 128 
ILE CG1 CD1  sing N N 129 
ILE CG1 HG12 sing N N 130 
ILE CG1 HG13 sing N N 131 
ILE CG2 HG21 sing N N 132 
ILE CG2 HG22 sing N N 133 
ILE CG2 HG23 sing N N 134 
ILE CD1 HD11 sing N N 135 
ILE CD1 HD12 sing N N 136 
ILE CD1 HD13 sing N N 137 
ILE OXT HXT  sing N N 138 
LEU N   CA   sing N N 139 
LEU N   H    sing N N 140 
LEU N   H2   sing N N 141 
LEU CA  C    sing N N 142 
LEU CA  CB   sing N N 143 
LEU CA  HA   sing N N 144 
LEU C   O    doub N N 145 
LEU C   OXT  sing N N 146 
LEU CB  CG   sing N N 147 
LEU CB  HB2  sing N N 148 
LEU CB  HB3  sing N N 149 
LEU CG  CD1  sing N N 150 
LEU CG  CD2  sing N N 151 
LEU CG  HG   sing N N 152 
LEU CD1 HD11 sing N N 153 
LEU CD1 HD12 sing N N 154 
LEU CD1 HD13 sing N N 155 
LEU CD2 HD21 sing N N 156 
LEU CD2 HD22 sing N N 157 
LEU CD2 HD23 sing N N 158 
LEU OXT HXT  sing N N 159 
LYS N   CA   sing N N 160 
LYS N   H    sing N N 161 
LYS N   H2   sing N N 162 
LYS CA  C    sing N N 163 
LYS CA  CB   sing N N 164 
LYS CA  HA   sing N N 165 
LYS C   O    doub N N 166 
LYS C   OXT  sing N N 167 
LYS CB  CG   sing N N 168 
LYS CB  HB2  sing N N 169 
LYS CB  HB3  sing N N 170 
LYS CG  CD   sing N N 171 
LYS CG  HG2  sing N N 172 
LYS CG  HG3  sing N N 173 
LYS CD  CE   sing N N 174 
LYS CD  HD2  sing N N 175 
LYS CD  HD3  sing N N 176 
LYS CE  NZ   sing N N 177 
LYS CE  HE2  sing N N 178 
LYS CE  HE3  sing N N 179 
LYS NZ  HZ1  sing N N 180 
LYS NZ  HZ2  sing N N 181 
LYS NZ  HZ3  sing N N 182 
LYS OXT HXT  sing N N 183 
MET N   CA   sing N N 184 
MET N   H    sing N N 185 
MET N   H2   sing N N 186 
MET CA  C    sing N N 187 
MET CA  CB   sing N N 188 
MET CA  HA   sing N N 189 
MET C   O    doub N N 190 
MET C   OXT  sing N N 191 
MET CB  CG   sing N N 192 
MET CB  HB2  sing N N 193 
MET CB  HB3  sing N N 194 
MET CG  SD   sing N N 195 
MET CG  HG2  sing N N 196 
MET CG  HG3  sing N N 197 
MET SD  CE   sing N N 198 
MET CE  HE1  sing N N 199 
MET CE  HE2  sing N N 200 
MET CE  HE3  sing N N 201 
MET OXT HXT  sing N N 202 
PHE N   CA   sing N N 203 
PHE N   H    sing N N 204 
PHE N   H2   sing N N 205 
PHE CA  C    sing N N 206 
PHE CA  CB   sing N N 207 
PHE CA  HA   sing N N 208 
PHE C   O    doub N N 209 
PHE C   OXT  sing N N 210 
PHE CB  CG   sing N N 211 
PHE CB  HB2  sing N N 212 
PHE CB  HB3  sing N N 213 
PHE CG  CD1  doub Y N 214 
PHE CG  CD2  sing Y N 215 
PHE CD1 CE1  sing Y N 216 
PHE CD1 HD1  sing N N 217 
PHE CD2 CE2  doub Y N 218 
PHE CD2 HD2  sing N N 219 
PHE CE1 CZ   doub Y N 220 
PHE CE1 HE1  sing N N 221 
PHE CE2 CZ   sing Y N 222 
PHE CE2 HE2  sing N N 223 
PHE CZ  HZ   sing N N 224 
PHE OXT HXT  sing N N 225 
PRO N   CA   sing N N 226 
PRO N   CD   sing N N 227 
PRO N   H    sing N N 228 
PRO CA  C    sing N N 229 
PRO CA  CB   sing N N 230 
PRO CA  HA   sing N N 231 
PRO C   O    doub N N 232 
PRO C   OXT  sing N N 233 
PRO CB  CG   sing N N 234 
PRO CB  HB2  sing N N 235 
PRO CB  HB3  sing N N 236 
PRO CG  CD   sing N N 237 
PRO CG  HG2  sing N N 238 
PRO CG  HG3  sing N N 239 
PRO CD  HD2  sing N N 240 
PRO CD  HD3  sing N N 241 
PRO OXT HXT  sing N N 242 
SER N   CA   sing N N 243 
SER N   H    sing N N 244 
SER N   H2   sing N N 245 
SER CA  C    sing N N 246 
SER CA  CB   sing N N 247 
SER CA  HA   sing N N 248 
SER C   O    doub N N 249 
SER C   OXT  sing N N 250 
SER CB  OG   sing N N 251 
SER CB  HB2  sing N N 252 
SER CB  HB3  sing N N 253 
SER OG  HG   sing N N 254 
SER OXT HXT  sing N N 255 
THR N   CA   sing N N 256 
THR N   H    sing N N 257 
THR N   H2   sing N N 258 
THR CA  C    sing N N 259 
THR CA  CB   sing N N 260 
THR CA  HA   sing N N 261 
THR C   O    doub N N 262 
THR C   OXT  sing N N 263 
THR CB  OG1  sing N N 264 
THR CB  CG2  sing N N 265 
THR CB  HB   sing N N 266 
THR OG1 HG1  sing N N 267 
THR CG2 HG21 sing N N 268 
THR CG2 HG22 sing N N 269 
THR CG2 HG23 sing N N 270 
THR OXT HXT  sing N N 271 
TRP N   CA   sing N N 272 
TRP N   H    sing N N 273 
TRP N   H2   sing N N 274 
TRP CA  C    sing N N 275 
TRP CA  CB   sing N N 276 
TRP CA  HA   sing N N 277 
TRP C   O    doub N N 278 
TRP C   OXT  sing N N 279 
TRP CB  CG   sing N N 280 
TRP CB  HB2  sing N N 281 
TRP CB  HB3  sing N N 282 
TRP CG  CD1  doub Y N 283 
TRP CG  CD2  sing Y N 284 
TRP CD1 NE1  sing Y N 285 
TRP CD1 HD1  sing N N 286 
TRP CD2 CE2  doub Y N 287 
TRP CD2 CE3  sing Y N 288 
TRP NE1 CE2  sing Y N 289 
TRP NE1 HE1  sing N N 290 
TRP CE2 CZ2  sing Y N 291 
TRP CE3 CZ3  doub Y N 292 
TRP CE3 HE3  sing N N 293 
TRP CZ2 CH2  doub Y N 294 
TRP CZ2 HZ2  sing N N 295 
TRP CZ3 CH2  sing Y N 296 
TRP CZ3 HZ3  sing N N 297 
TRP CH2 HH2  sing N N 298 
TRP OXT HXT  sing N N 299 
TYR N   CA   sing N N 300 
TYR N   H    sing N N 301 
TYR N   H2   sing N N 302 
TYR CA  C    sing N N 303 
TYR CA  CB   sing N N 304 
TYR CA  HA   sing N N 305 
TYR C   O    doub N N 306 
TYR C   OXT  sing N N 307 
TYR CB  CG   sing N N 308 
TYR CB  HB2  sing N N 309 
TYR CB  HB3  sing N N 310 
TYR CG  CD1  doub Y N 311 
TYR CG  CD2  sing Y N 312 
TYR CD1 CE1  sing Y N 313 
TYR CD1 HD1  sing N N 314 
TYR CD2 CE2  doub Y N 315 
TYR CD2 HD2  sing N N 316 
TYR CE1 CZ   doub Y N 317 
TYR CE1 HE1  sing N N 318 
TYR CE2 CZ   sing Y N 319 
TYR CE2 HE2  sing N N 320 
TYR CZ  OH   sing N N 321 
TYR OH  HH   sing N N 322 
TYR OXT HXT  sing N N 323 
VAL N   CA   sing N N 324 
VAL N   H    sing N N 325 
VAL N   H2   sing N N 326 
VAL CA  C    sing N N 327 
VAL CA  CB   sing N N 328 
VAL CA  HA   sing N N 329 
VAL C   O    doub N N 330 
VAL C   OXT  sing N N 331 
VAL CB  CG1  sing N N 332 
VAL CB  CG2  sing N N 333 
VAL CB  HB   sing N N 334 
VAL CG1 HG11 sing N N 335 
VAL CG1 HG12 sing N N 336 
VAL CG1 HG13 sing N N 337 
VAL CG2 HG21 sing N N 338 
VAL CG2 HG22 sing N N 339 
VAL CG2 HG23 sing N N 340 
VAL OXT HXT  sing N N 341 
# 
_pdbx_audit_support.funding_organization   'National Natural Science Foundation of China (NSFC)' 
_pdbx_audit_support.country                China 
_pdbx_audit_support.grant_number           81802001 
_pdbx_audit_support.ordinal                1 
# 
_pdbx_initial_refinement_model.accession_code   5D74 
_pdbx_initial_refinement_model.details          ? 
_pdbx_initial_refinement_model.entity_id_list   ? 
_pdbx_initial_refinement_model.id               1 
_pdbx_initial_refinement_model.source_name      PDB 
_pdbx_initial_refinement_model.type             'experimental model' 
# 
_atom_sites.entry_id                    9KZ1 
_atom_sites.Cartn_transf_matrix[1][1]   ? 
_atom_sites.Cartn_transf_matrix[1][2]   ? 
_atom_sites.Cartn_transf_matrix[1][3]   ? 
_atom_sites.Cartn_transf_matrix[2][1]   ? 
_atom_sites.Cartn_transf_matrix[2][2]   ? 
_atom_sites.Cartn_transf_matrix[2][3]   ? 
_atom_sites.Cartn_transf_matrix[3][1]   ? 
_atom_sites.Cartn_transf_matrix[3][2]   ? 
_atom_sites.Cartn_transf_matrix[3][3]   ? 
_atom_sites.Cartn_transf_vector[1]      ? 
_atom_sites.Cartn_transf_vector[2]      ? 
_atom_sites.Cartn_transf_vector[3]      ? 
_atom_sites.Cartn_transform_axes        ? 
_atom_sites.fract_transf_matrix[1][1]   0.00401167 
_atom_sites.fract_transf_matrix[1][2]   0.01693531 
_atom_sites.fract_transf_matrix[1][3]   -0.00072350 
_atom_sites.fract_transf_matrix[2][1]   0.01180735 
_atom_sites.fract_transf_matrix[2][2]   -0.00301317 
_atom_sites.fract_transf_matrix[2][3]   -0.00506117 
_atom_sites.fract_transf_matrix[3][1]   -0.00983382 
_atom_sites.fract_transf_matrix[3][2]   0.00131589 
_atom_sites.fract_transf_matrix[3][3]   -0.02372503 
_atom_sites.fract_transf_vector[1]      -0.255181 
_atom_sites.fract_transf_vector[2]      -0.154031 
_atom_sites.fract_transf_vector[3]      -0.109242 
_atom_sites.solution_primary            ? 
_atom_sites.solution_secondary          ? 
_atom_sites.solution_hydrogens          ? 
_atom_sites.special_details             ? 
# 
loop_
_atom_type.symbol 
C 
N 
O 
S 
# 
loop_
_atom_site.group_PDB 
_atom_site.id 
_atom_site.type_symbol 
_atom_site.label_atom_id 
_atom_site.label_alt_id 
_atom_site.label_comp_id 
_atom_site.label_asym_id 
_atom_site.label_entity_id 
_atom_site.label_seq_id 
_atom_site.pdbx_PDB_ins_code 
_atom_site.Cartn_x 
_atom_site.Cartn_y 
_atom_site.Cartn_z 
_atom_site.occupancy 
_atom_site.B_iso_or_equiv 
_atom_site.pdbx_formal_charge 
_atom_site.auth_seq_id 
_atom_site.auth_comp_id 
_atom_site.auth_asym_id 
_atom_site.auth_atom_id 
_atom_site.pdbx_PDB_model_num 
ATOM   1   N N   . SER A 1 15 ? 0.095   9.476   -10.601 1.00 21.28 ? 161 SER A N   1 
ATOM   2   C CA  A SER A 1 15 ? -0.597  8.381   -9.931  0.64 17.67 ? 161 SER A CA  1 
ATOM   3   C CA  B SER A 1 15 ? -0.596  8.378   -9.939  0.36 17.68 ? 161 SER A CA  1 
ATOM   4   C C   . SER A 1 15 ? -2.102  8.626   -9.893  1.00 18.78 ? 161 SER A C   1 
ATOM   5   O O   . SER A 1 15 ? -2.566  9.749   -10.115 1.00 22.61 ? 161 SER A O   1 
ATOM   6   C CB  A SER A 1 15 ? -0.076  8.209   -8.503  0.64 19.30 ? 161 SER A CB  1 
ATOM   7   C CB  B SER A 1 15 ? -0.043  8.170   -8.525  0.36 19.27 ? 161 SER A CB  1 
ATOM   8   O OG  A SER A 1 15 ? -0.545  9.255   -7.670  0.64 19.20 ? 161 SER A OG  1 
ATOM   9   O OG  B SER A 1 15 ? 1.353   7.922   -8.559  0.36 18.25 ? 161 SER A OG  1 
ATOM   10  N N   . ARG A 1 16 ? -2.862  7.575   -9.605  1.00 15.45 ? 162 ARG A N   1 
ATOM   11  C CA  . ARG A 1 16 ? -4.317  7.640   -9.533  1.00 14.79 ? 162 ARG A CA  1 
ATOM   12  C C   . ARG A 1 16 ? -4.769  7.090   -8.189  1.00 13.49 ? 162 ARG A C   1 
ATOM   13  O O   . ARG A 1 16 ? -4.404  5.969   -7.820  1.00 13.51 ? 162 ARG A O   1 
ATOM   14  C CB  . ARG A 1 16 ? -4.948  6.807   -10.651 1.00 15.50 ? 162 ARG A CB  1 
ATOM   15  C CG  . ARG A 1 16 ? -4.794  7.392   -12.045 1.00 17.78 ? 162 ARG A CG  1 
ATOM   16  C CD  . ARG A 1 16 ? -5.268  6.400   -13.107 1.00 18.69 ? 162 ARG A CD  1 
ATOM   17  N NE  . ARG A 1 16 ? -5.214  6.960   -14.454 1.00 23.52 ? 162 ARG A NE  1 
ATOM   18  C CZ  . ARG A 1 16 ? -4.171  6.864   -15.268 1.00 25.86 ? 162 ARG A CZ  1 
ATOM   19  N NH1 . ARG A 1 16 ? -3.065  6.232   -14.904 1.00 30.29 ? 162 ARG A NH1 1 
ATOM   20  N NH2 . ARG A 1 16 ? -4.237  7.418   -16.475 1.00 29.95 ? 162 ARG A NH2 1 
ATOM   21  N N   . SER A 1 17 ? -5.575  7.864   -7.468  1.00 13.05 ? 163 SER A N   1 
ATOM   22  C CA  A SER A 1 17 ? -6.059  7.477   -6.152  0.63 12.12 ? 163 SER A CA  1 
ATOM   23  C CA  B SER A 1 17 ? -6.060  7.478   -6.151  0.37 12.12 ? 163 SER A CA  1 
ATOM   24  C C   . SER A 1 17 ? -7.523  7.066   -6.239  1.00 11.99 ? 163 SER A C   1 
ATOM   25  O O   . SER A 1 17 ? -8.301  7.664   -6.988  1.00 12.58 ? 163 SER A O   1 
ATOM   26  C CB  A SER A 1 17 ? -5.899  8.632   -5.163  0.63 14.43 ? 163 SER A CB  1 
ATOM   27  C CB  B SER A 1 17 ? -5.908  8.634   -5.158  0.37 14.44 ? 163 SER A CB  1 
ATOM   28  O OG  A SER A 1 17 ? -4.547  9.049   -5.099  0.63 18.07 ? 163 SER A OG  1 
ATOM   29  O OG  B SER A 1 17 ? -6.268  8.231   -3.847  0.37 18.19 ? 163 SER A OG  1 
ATOM   30  N N   . TYR A 1 18 ? -7.892  6.045   -5.465  1.00 11.41 ? 164 TYR A N   1 
ATOM   31  C CA  . TYR A 1 18 ? -9.243  5.494   -5.467  1.00 11.52 ? 164 TYR A CA  1 
ATOM   32  C C   . TYR A 1 18 ? -9.653  5.146   -4.052  1.00 10.97 ? 164 TYR A C   1 
ATOM   33  O O   . TYR A 1 18 ? -8.812  4.842   -3.205  1.00 11.19 ? 164 TYR A O   1 
ATOM   34  C CB  . TYR A 1 18 ? -9.276  4.161   -6.224  1.00 11.86 ? 164 TYR A CB  1 
ATOM   35  C CG  . TYR A 1 18 ? -8.892  4.272   -7.668  1.00 12.76 ? 164 TYR A CG  1 
ATOM   36  C CD1 . TYR A 1 18 ? -9.811  4.691   -8.616  1.00 13.65 ? 164 TYR A CD1 1 
ATOM   37  C CD2 . TYR A 1 18 ? -7.609  3.967   -8.087  1.00 12.93 ? 164 TYR A CD2 1 
ATOM   38  C CE1 . TYR A 1 18 ? -9.464  4.795   -9.946  1.00 14.73 ? 164 TYR A CE1 1 
ATOM   39  C CE2 . TYR A 1 18 ? -7.254  4.072   -9.411  1.00 14.33 ? 164 TYR A CE2 1 
ATOM   40  C CZ  . TYR A 1 18 ? -8.185  4.489   -10.336 1.00 15.07 ? 164 TYR A CZ  1 
ATOM   41  O OH  . TYR A 1 18 ? -7.835  4.590   -11.664 1.00 18.56 ? 164 TYR A OH  1 
ATOM   42  N N   . ARG A 1 19 ? -10.956 5.177   -3.800  1.00 11.29 ? 165 ARG A N   1 
ATOM   43  C CA  A ARG A 1 19 ? -11.500 4.649   -2.553  0.53 11.11 ? 165 ARG A CA  1 
ATOM   44  C CA  B ARG A 1 19 ? -11.494 4.647   -2.556  0.47 11.11 ? 165 ARG A CA  1 
ATOM   45  C C   . ARG A 1 19 ? -11.888 3.192   -2.768  1.00 11.33 ? 165 ARG A C   1 
ATOM   46  O O   . ARG A 1 19 ? -12.506 2.850   -3.782  1.00 13.88 ? 165 ARG A O   1 
ATOM   47  C CB  A ARG A 1 19 ? -12.721 5.441   -2.087  0.53 11.73 ? 165 ARG A CB  1 
ATOM   48  C CB  B ARG A 1 19 ? -12.693 5.468   -2.078  0.47 11.72 ? 165 ARG A CB  1 
ATOM   49  C CG  A ARG A 1 19 ? -12.464 6.905   -1.773  0.53 11.98 ? 165 ARG A CG  1 
ATOM   50  C CG  B ARG A 1 19 ? -12.309 6.867   -1.640  0.47 12.08 ? 165 ARG A CG  1 
ATOM   51  C CD  A ARG A 1 19 ? -11.383 7.111   -0.729  0.53 17.17 ? 165 ARG A CD  1 
ATOM   52  C CD  B ARG A 1 19 ? -13.426 7.574   -0.903  0.47 14.60 ? 165 ARG A CD  1 
ATOM   53  N NE  A ARG A 1 19 ? -11.468 8.447   -0.150  0.53 18.08 ? 165 ARG A NE  1 
ATOM   54  N NE  B ARG A 1 19 ? -12.888 8.596   -0.015  0.47 18.26 ? 165 ARG A NE  1 
ATOM   55  C CZ  A ARG A 1 19 ? -10.436 9.139   0.315   0.53 20.66 ? 165 ARG A CZ  1 
ATOM   56  C CZ  B ARG A 1 19 ? -13.623 9.375   0.763   0.47 21.54 ? 165 ARG A CZ  1 
ATOM   57  N NH1 A ARG A 1 19 ? -9.202  8.666   0.255   0.53 19.50 ? 165 ARG A NH1 1 
ATOM   58  N NH1 B ARG A 1 19 ? -14.942 9.305   0.759   0.47 19.66 ? 165 ARG A NH1 1 
ATOM   59  N NH2 A ARG A 1 19 ? -10.648 10.341  0.843   0.53 22.94 ? 165 ARG A NH2 1 
ATOM   60  N NH2 B ARG A 1 19 ? -13.017 10.250  1.561   0.47 21.70 ? 165 ARG A NH2 1 
ATOM   61  N N   . GLU A 1 20 ? -11.509 2.343   -1.823  1.00 10.85 ? 166 GLU A N   1 
ATOM   62  C CA  . GLU A 1 20 ? -11.840 0.929   -1.866  1.00 11.87 ? 166 GLU A CA  1 
ATOM   63  C C   . GLU A 1 20 ? -11.429 0.334   -0.536  1.00 10.69 ? 166 GLU A C   1 
ATOM   64  O O   . GLU A 1 20 ? -10.272 0.484   -0.129  1.00 11.87 ? 166 GLU A O   1 
ATOM   65  C CB  . GLU A 1 20 ? -11.076 0.216   -2.985  1.00 14.48 ? 166 GLU A CB  1 
ATOM   66  C CG  . GLU A 1 20 ? -11.547 -1.208  -3.202  1.00 19.84 ? 166 GLU A CG  1 
ATOM   67  C CD  . GLU A 1 20 ? -10.683 -1.963  -4.185  1.00 21.58 ? 166 GLU A CD  1 
ATOM   68  O OE1 . GLU A 1 20 ? -9.439  -1.833  -4.117  1.00 25.02 ? 166 GLU A OE1 1 
ATOM   69  O OE2 . GLU A 1 20 ? -11.245 -2.693  -5.026  1.00 19.58 ? 166 GLU A OE2 1 
ATOM   70  N N   . THR A 1 21 ? -12.351 -0.317  0.158   1.00 11.98 ? 167 THR A N   1 
ATOM   71  C CA  . THR A 1 21 ? -11.990 -1.003  1.385   1.00 12.36 ? 167 THR A CA  1 
ATOM   72  C C   . THR A 1 21 ? -11.589 -2.439  1.080   1.00 13.63 ? 167 THR A C   1 
ATOM   73  O O   . THR A 1 21 ? -12.123 -3.082  0.172   1.00 16.77 ? 167 THR A O   1 
ATOM   74  C CB  . THR A 1 21 ? -13.136 -0.985  2.394   1.00 12.93 ? 167 THR A CB  1 
ATOM   75  O OG1 . THR A 1 21 ? -14.264 -1.664  1.840   1.00 18.47 ? 167 THR A OG1 1 
ATOM   76  C CG2 . THR A 1 21 ? -13.526 0.443   2.737   1.00 14.69 ? 167 THR A CG2 1 
ATOM   77  N N   . GLY A 1 22 ? -10.627 -2.937  1.844   1.00 10.69 ? 168 GLY A N   1 
ATOM   78  C CA  . GLY A 1 22 ? -10.181 -4.303  1.668   1.00 10.91 ? 168 GLY A CA  1 
ATOM   79  C C   . GLY A 1 22 ? -9.263  -4.677  2.804   1.00 11.01 ? 168 GLY A C   1 
ATOM   80  O O   . GLY A 1 22 ? -9.050  -3.905  3.742   1.00 10.59 ? 168 GLY A O   1 
ATOM   81  N N   . THR A 1 23 ? -8.731  -5.886  2.711   1.00 11.84 ? 169 THR A N   1 
ATOM   82  C CA  . THR A 1 23 ? -7.756  -6.390  3.667   1.00 10.34 ? 169 THR A CA  1 
ATOM   83  C C   . THR A 1 23 ? -6.569  -6.913  2.880   1.00 10.37 ? 169 THR A C   1 
ATOM   84  O O   . THR A 1 23 ? -6.750  -7.617  1.882   1.00 14.93 ? 169 THR A O   1 
ATOM   85  C CB  . THR A 1 23 ? -8.349  -7.547  4.472   1.00 11.49 ? 169 THR A CB  1 
ATOM   86  O OG1 . THR A 1 23 ? -9.506  -7.094  5.180   1.00 16.07 ? 169 THR A OG1 1 
ATOM   87  C CG2 . THR A 1 23 ? -7.325  -8.082  5.473   1.00 12.43 ? 169 THR A CG2 1 
ATOM   88  N N   . MET A 1 24 ? -5.365  -6.564  3.313   1.00 9.57  ? 170 MET A N   1 
ATOM   89  C CA  . MET A 1 24 ? -4.152  -7.116  2.728   1.00 9.81  ? 170 MET A CA  1 
ATOM   90  C C   . MET A 1 24 ? -3.478  -8.034  3.735   1.00 10.06 ? 170 MET A C   1 
ATOM   91  O O   . MET A 1 24 ? -3.441  -7.732  4.925   1.00 10.03 ? 170 MET A O   1 
ATOM   92  C CB  . MET A 1 24 ? -3.177  -6.011  2.333   1.00 12.34 ? 170 MET A CB  1 
ATOM   93  C CG  . MET A 1 24 ? -1.866  -6.540  1.759   1.00 17.12 ? 170 MET A CG  1 
ATOM   94  S SD  . MET A 1 24 ? -0.631  -5.246  1.531   1.00 18.68 ? 170 MET A SD  1 
ATOM   95  C CE  . MET A 1 24 ? 0.705   -6.194  0.822   1.00 11.92 ? 170 MET A CE  1 
ATOM   96  N N   . THR A 1 25 ? -2.965  -9.162  3.259   1.00 9.88  ? 171 THR A N   1 
ATOM   97  C CA  . THR A 1 25 ? -2.120  -10.044 4.054   1.00 10.02 ? 171 THR A CA  1 
ATOM   98  C C   . THR A 1 25 ? -0.734  -10.029 3.429   1.00 10.16 ? 171 THR A C   1 
ATOM   99  O O   . THR A 1 25 ? -0.578  -10.373 2.257   1.00 10.81 ? 171 THR A O   1 
ATOM   100 C CB  . THR A 1 25 ? -2.687  -11.463 4.061   1.00 10.90 ? 171 THR A CB  1 
ATOM   101 O OG1 . THR A 1 25 ? -3.982  -11.456 4.682   1.00 12.45 ? 171 THR A OG1 1 
ATOM   102 C CG2 . THR A 1 25 ? -1.763  -12.401 4.822   1.00 11.42 ? 171 THR A CG2 1 
ATOM   103 N N   . VAL A 1 26 ? 0.270   -9.636  4.212   1.00 9.82  ? 172 VAL A N   1 
ATOM   104 C CA  . VAL A 1 26 ? 1.619   -9.474  3.685   1.00 10.13 ? 172 VAL A CA  1 
ATOM   105 C C   . VAL A 1 26 ? 2.234   -10.841 3.420   1.00 10.99 ? 172 VAL A C   1 
ATOM   106 O O   . VAL A 1 26 ? 2.195   -11.735 4.272   1.00 11.13 ? 172 VAL A O   1 
ATOM   107 C CB  . VAL A 1 26 ? 2.476   -8.667  4.670   1.00 10.67 ? 172 VAL A CB  1 
ATOM   108 C CG1 . VAL A 1 26 ? 3.882   -8.520  4.118   1.00 11.53 ? 172 VAL A CG1 1 
ATOM   109 C CG2 . VAL A 1 26 ? 1.859   -7.308  4.905   1.00 10.34 ? 172 VAL A CG2 1 
ATOM   110 N N   . THR A 1 27 ? 2.804   -11.016 2.224   1.00 8.26  ? 173 THR A N   1 
ATOM   111 C CA  . THR A 1 27 ? 3.428   -12.279 1.858   1.00 10.43 ? 173 THR A CA  1 
ATOM   112 C C   . THR A 1 27 ? 4.926   -12.174 1.633   1.00 13.41 ? 173 THR A C   1 
ATOM   113 O O   . THR A 1 27 ? 5.581   -13.212 1.500   1.00 15.63 ? 173 THR A O   1 
ATOM   114 C CB  . THR A 1 27 ? 2.738   -12.916 0.635   1.00 12.87 ? 173 THR A CB  1 
ATOM   115 O OG1 . THR A 1 27 ? 2.698   -11.993 -0.459  1.00 14.72 ? 173 THR A OG1 1 
ATOM   116 C CG2 . THR A 1 27 ? 1.324   -13.334 0.978   1.00 11.80 ? 173 THR A CG2 1 
ATOM   117 N N   . VAL A 1 28 ? 5.480   -10.964 1.594   1.00 11.89 ? 174 VAL A N   1 
ATOM   118 C CA  . VAL A 1 28 ? 6.923   -10.745 1.567   1.00 11.09 ? 174 VAL A CA  1 
ATOM   119 C C   . VAL A 1 28 ? 7.424   -10.648 3.001   1.00 12.29 ? 174 VAL A C   1 
ATOM   120 O O   . VAL A 1 28 ? 6.629   -10.659 3.947   1.00 13.98 ? 174 VAL A O   1 
ATOM   121 C CB  . VAL A 1 28 ? 7.269   -9.476  0.773   1.00 13.16 ? 174 VAL A CB  1 
ATOM   122 C CG1 . VAL A 1 28 ? 6.952   -9.673  -0.696  1.00 13.18 ? 174 VAL A CG1 1 
ATOM   123 C CG2 . VAL A 1 28 ? 6.500   -8.290  1.327   1.00 12.08 ? 174 VAL A CG2 1 
ATOM   124 N N   . ASP A 1 29 ? 8.743   -10.547 3.180   1.00 12.24 ? 175 ASP A N   1 
ATOM   125 C CA  . ASP A 1 29 ? 9.285   -10.594 4.534   1.00 13.04 ? 175 ASP A CA  1 
ATOM   126 C C   . ASP A 1 29 ? 8.814   -9.413  5.377   1.00 12.84 ? 175 ASP A C   1 
ATOM   127 O O   . ASP A 1 29 ? 8.493   -9.584  6.560   1.00 13.65 ? 175 ASP A O   1 
ATOM   128 C CB  . ASP A 1 29 ? 10.811  -10.730 4.513   1.00 15.17 ? 175 ASP A CB  1 
ATOM   129 C CG  . ASP A 1 29 ? 11.520  -9.481  4.006   1.00 22.80 ? 175 ASP A CG  1 
ATOM   130 O OD1 . ASP A 1 29 ? 10.942  -8.726  3.203   1.00 24.60 ? 175 ASP A OD1 1 
ATOM   131 O OD2 . ASP A 1 29 ? 12.689  -9.269  4.405   1.00 38.39 ? 175 ASP A OD2 1 
ATOM   132 N N   . ALA A 1 30 ? 8.767   -8.217  4.796   1.00 11.65 ? 176 ALA A N   1 
ATOM   133 C CA  . ALA A 1 30 ? 8.403   -7.019  5.546   1.00 11.40 ? 176 ALA A CA  1 
ATOM   134 C C   . ALA A 1 30 ? 8.058   -5.894  4.583   1.00 10.84 ? 176 ALA A C   1 
ATOM   135 O O   . ALA A 1 30 ? 8.650   -5.778  3.509   1.00 10.48 ? 176 ALA A O   1 
ATOM   136 C CB  . ALA A 1 30 ? 9.545   -6.563  6.458   1.00 14.12 ? 176 ALA A CB  1 
ATOM   137 N N   . LEU A 1 31 ? 7.099   -5.055  4.988   1.00 11.22 ? 177 LEU A N   1 
ATOM   138 C CA  . LEU A 1 31 ? 6.746   -3.851  4.246   1.00 7.89  ? 177 LEU A CA  1 
ATOM   139 C C   . LEU A 1 31 ? 6.735   -2.656  5.186   1.00 8.58  ? 177 LEU A C   1 
ATOM   140 O O   . LEU A 1 31 ? 6.185   -2.726  6.287   1.00 11.51 ? 177 LEU A O   1 
ATOM   141 C CB  . LEU A 1 31 ? 5.363   -3.961  3.594   1.00 7.56  ? 177 LEU A CB  1 
ATOM   142 C CG  . LEU A 1 31 ? 5.309   -4.987  2.467   1.00 9.39  ? 177 LEU A CG  1 
ATOM   143 C CD1 . LEU A 1 31 ? 3.874   -5.282  2.120   1.00 9.77  ? 177 LEU A CD1 1 
ATOM   144 C CD2 . LEU A 1 31 ? 6.065   -4.498  1.246   1.00 11.08 ? 177 LEU A CD2 1 
ATOM   145 N N   . ASN A 1 32 ? 7.321   -1.550  4.740   1.00 8.34  ? 178 ASN A N   1 
ATOM   146 C CA  . ASN A 1 32 ? 7.294   -0.329  5.533   1.00 9.42  ? 178 ASN A CA  1 
ATOM   147 C C   . ASN A 1 32 ? 5.944   0.370   5.431   1.00 11.37 ? 178 ASN A C   1 
ATOM   148 O O   . ASN A 1 32 ? 5.291   0.367   4.384   1.00 11.98 ? 178 ASN A O   1 
ATOM   149 C CB  . ASN A 1 32 ? 8.369   0.628   5.036   1.00 12.21 ? 178 ASN A CB  1 
ATOM   150 C CG  . ASN A 1 32 ? 9.757   0.124   5.321   1.00 13.89 ? 178 ASN A CG  1 
ATOM   151 O OD1 . ASN A 1 32 ? 10.034  -0.369  6.413   1.00 17.08 ? 178 ASN A OD1 1 
ATOM   152 N ND2 . ASN A 1 32 ? 10.638  0.228   4.337   1.00 15.89 ? 178 ASN A ND2 1 
ATOM   153 N N   . VAL A 1 33 ? 5.539   0.981   6.541   1.00 8.06  ? 179 VAL A N   1 
ATOM   154 C CA  . VAL A 1 33 ? 4.375   1.863   6.595   1.00 8.63  ? 179 VAL A CA  1 
ATOM   155 C C   . VAL A 1 33 ? 4.899   3.288   6.572   1.00 8.11  ? 179 VAL A C   1 
ATOM   156 O O   . VAL A 1 33 ? 5.675   3.677   7.455   1.00 9.97  ? 179 VAL A O   1 
ATOM   157 C CB  . VAL A 1 33 ? 3.567   1.628   7.878   1.00 10.13 ? 179 VAL A CB  1 
ATOM   158 C CG1 . VAL A 1 33 ? 2.302   2.466   7.851   1.00 11.35 ? 179 VAL A CG1 1 
ATOM   159 C CG2 . VAL A 1 33 ? 3.256   0.159   8.038   1.00 11.98 ? 179 VAL A CG2 1 
ATOM   160 N N   . ARG A 1 34 ? 4.489   4.066   5.575   1.00 8.31  ? 180 ARG A N   1 
ATOM   161 C CA  . ARG A 1 34 ? 5.030   5.399   5.357   1.00 9.97  ? 180 ARG A CA  1 
ATOM   162 C C   . ARG A 1 34 ? 3.933   6.448   5.436   1.00 9.98  ? 180 ARG A C   1 
ATOM   163 O O   . ARG A 1 34 ? 2.747   6.164   5.250   1.00 10.55 ? 180 ARG A O   1 
ATOM   164 C CB  . ARG A 1 34 ? 5.718   5.497   3.994   1.00 11.31 ? 180 ARG A CB  1 
ATOM   165 C CG  . ARG A 1 34 ? 6.953   4.626   3.884   1.00 15.49 ? 180 ARG A CG  1 
ATOM   166 C CD  . ARG A 1 34 ? 7.534   4.735   2.492   1.00 16.53 ? 180 ARG A CD  1 
ATOM   167 N NE  . ARG A 1 34 ? 8.685   3.863   2.293   1.00 15.22 ? 180 ARG A NE  1 
ATOM   168 C CZ  . ARG A 1 34 ? 9.943   4.218   2.514   1.00 17.29 ? 180 ARG A CZ  1 
ATOM   169 N NH1 . ARG A 1 34 ? 10.253  5.419   2.974   1.00 19.38 ? 180 ARG A NH1 1 
ATOM   170 N NH2 . ARG A 1 34 ? 10.917  3.344   2.270   1.00 19.70 ? 180 ARG A NH2 1 
ATOM   171 N N   . ARG A 1 35 ? 4.347   7.689   5.680   1.00 12.57 ? 181 ARG A N   1 
ATOM   172 C CA  . ARG A 1 35 ? 3.404   8.797   5.734   1.00 12.92 ? 181 ARG A CA  1 
ATOM   173 C C   . ARG A 1 35 ? 3.177   9.468   4.386   1.00 12.90 ? 181 ARG A C   1 
ATOM   174 O O   . ARG A 1 35 ? 2.450   10.463  4.314   1.00 13.96 ? 181 ARG A O   1 
ATOM   175 C CB  . ARG A 1 35 ? 3.839   9.810   6.795   1.00 15.19 ? 181 ARG A CB  1 
ATOM   176 C CG  . ARG A 1 35 ? 3.542   9.333   8.206   1.00 15.26 ? 181 ARG A CG  1 
ATOM   177 C CD  . ARG A 1 35 ? 2.054   9.485   8.531   1.00 18.79 ? 181 ARG A CD  1 
ATOM   178 N NE  . ARG A 1 35 ? 1.633   8.640   9.644   1.00 17.52 ? 181 ARG A NE  1 
ATOM   179 C CZ  . ARG A 1 35 ? 1.848   8.920   10.919  1.00 21.43 ? 181 ARG A CZ  1 
ATOM   180 N NH1 . ARG A 1 35 ? 2.519   10.000  11.285  1.00 22.98 ? 181 ARG A NH1 1 
ATOM   181 N NH2 . ARG A 1 35 ? 1.384   8.093   11.851  1.00 20.41 ? 181 ARG A NH2 1 
ATOM   182 N N   . ALA A 1 36 ? 3.772   8.952   3.318   1.00 12.33 ? 182 ALA A N   1 
ATOM   183 C CA  . ALA A 1 36 ? 3.496   9.414   1.969   1.00 12.39 ? 182 ALA A CA  1 
ATOM   184 C C   . ALA A 1 36 ? 3.710   8.222   1.061   1.00 13.23 ? 182 ALA A C   1 
ATOM   185 O O   . ALA A 1 36 ? 4.539   7.361   1.371   1.00 12.57 ? 182 ALA A O   1 
ATOM   186 C CB  . ALA A 1 36 ? 4.435   10.559  1.554   1.00 14.37 ? 182 ALA A CB  1 
ATOM   187 N N   . PRO A 1 37 ? 2.981   8.134   -0.053  1.00 11.06 ? 183 PRO A N   1 
ATOM   188 C CA  . PRO A 1 37 ? 3.114   6.982   -0.965  1.00 13.49 ? 183 PRO A CA  1 
ATOM   189 C C   . PRO A 1 37 ? 4.292   7.145   -1.917  1.00 13.83 ? 183 PRO A C   1 
ATOM   190 O O   . PRO A 1 37 ? 4.146   7.205   -3.142  1.00 15.01 ? 183 PRO A O   1 
ATOM   191 C CB  . PRO A 1 37 ? 1.767   6.991   -1.694  1.00 12.18 ? 183 PRO A CB  1 
ATOM   192 C CG  . PRO A 1 37 ? 1.431   8.440   -1.778  1.00 12.09 ? 183 PRO A CG  1 
ATOM   193 C CD  . PRO A 1 37 ? 1.896   9.040   -0.468  1.00 11.63 ? 183 PRO A CD  1 
ATOM   194 N N   . ASN A 1 38 ? 5.484   7.247   -1.341  1.00 12.34 ? 184 ASN A N   1 
ATOM   195 C CA  . ASN A 1 38 ? 6.711   7.224   -2.117  1.00 13.65 ? 184 ASN A CA  1 
ATOM   196 C C   . ASN A 1 38 ? 7.829   6.705   -1.226  1.00 15.55 ? 184 ASN A C   1 
ATOM   197 O O   . ASN A 1 38 ? 7.695   6.629   -0.002  1.00 16.12 ? 184 ASN A O   1 
ATOM   198 C CB  . ASN A 1 38 ? 7.028   8.593   -2.735  1.00 15.89 ? 184 ASN A CB  1 
ATOM   199 C CG  . ASN A 1 38 ? 7.243   9.672   -1.696  1.00 17.77 ? 184 ASN A CG  1 
ATOM   200 O OD1 . ASN A 1 38 ? 8.246   9.670   -0.985  1.00 22.77 ? 184 ASN A OD1 1 
ATOM   201 N ND2 . ASN A 1 38 ? 6.312   10.620  -1.622  1.00 20.39 ? 184 ASN A ND2 1 
ATOM   202 N N   . THR A 1 39 ? 8.937   6.333   -1.858  1.00 18.79 ? 185 THR A N   1 
ATOM   203 C CA  . THR A 1 39 ? 10.032  5.707   -1.128  1.00 18.46 ? 185 THR A CA  1 
ATOM   204 C C   . THR A 1 39 ? 10.801  6.681   -0.242  1.00 20.47 ? 185 THR A C   1 
ATOM   205 O O   . THR A 1 39 ? 11.758  6.266   0.422   1.00 22.09 ? 185 THR A O   1 
ATOM   206 C CB  . THR A 1 39 ? 10.962  4.988   -2.103  1.00 23.27 ? 185 THR A CB  1 
ATOM   207 O OG1 . THR A 1 39 ? 11.404  5.910   -3.109  1.00 24.08 ? 185 THR A OG1 1 
ATOM   208 C CG2 . THR A 1 39 ? 10.218  3.845   -2.773  1.00 25.80 ? 185 THR A CG2 1 
ATOM   209 N N   . SER A 1 40 ? 10.409  7.950   -0.211  1.00 20.35 ? 186 SER A N   1 
ATOM   210 C CA  . SER A 1 40 ? 10.959  8.915   0.728   1.00 21.76 ? 186 SER A CA  1 
ATOM   211 C C   . SER A 1 40 ? 10.006  9.242   1.871   1.00 22.29 ? 186 SER A C   1 
ATOM   212 O O   . SER A 1 40 ? 10.368  10.027  2.752   1.00 25.09 ? 186 SER A O   1 
ATOM   213 C CB  . SER A 1 40 ? 11.359  10.203  -0.001  1.00 26.15 ? 186 SER A CB  1 
ATOM   214 O OG  . SER A 1 40 ? 12.366  9.953   -0.967  1.00 35.92 ? 186 SER A OG  1 
ATOM   215 N N   . GLY A 1 41 ? 8.805   8.663   1.884   1.00 18.36 ? 187 GLY A N   1 
ATOM   216 C CA  . GLY A 1 41 ? 7.855   8.968   2.944   1.00 17.04 ? 187 GLY A CA  1 
ATOM   217 C C   . GLY A 1 41 ? 8.342   8.462   4.293   1.00 18.01 ? 187 GLY A C   1 
ATOM   218 O O   . GLY A 1 41 ? 8.960   7.401   4.399   1.00 18.80 ? 187 GLY A O   1 
ATOM   219 N N   . GLU A 1 42 ? 8.056   9.237   5.338   1.00 19.13 ? 188 GLU A N   1 
ATOM   220 C CA  . GLU A 1 42 ? 8.545   8.901   6.670   1.00 20.60 ? 188 GLU A CA  1 
ATOM   221 C C   . GLU A 1 42 ? 8.009   7.545   7.106   1.00 18.47 ? 188 GLU A C   1 
ATOM   222 O O   . GLU A 1 42 ? 6.806   7.286   7.025   1.00 16.17 ? 188 GLU A O   1 
ATOM   223 C CB  . GLU A 1 42 ? 8.103   9.967   7.672   1.00 22.03 ? 188 GLU A CB  1 
ATOM   224 C CG  . GLU A 1 42 ? 8.505   9.661   9.112   1.00 23.73 ? 188 GLU A CG  1 
ATOM   225 C CD  . GLU A 1 42 ? 7.822   10.560  10.130  1.00 35.33 ? 188 GLU A CD  1 
ATOM   226 O OE1 . GLU A 1 42 ? 6.966   11.382  9.732   1.00 39.12 ? 188 GLU A OE1 1 
ATOM   227 O OE2 . GLU A 1 42 ? 8.144   10.441  11.332  1.00 39.25 ? 188 GLU A OE2 1 
ATOM   228 N N   . ILE A 1 43 ? 8.904   6.685   7.589   1.00 14.38 ? 189 ILE A N   1 
ATOM   229 C CA  . ILE A 1 43 ? 8.509   5.351   8.031   1.00 12.77 ? 189 ILE A CA  1 
ATOM   230 C C   . ILE A 1 43 ? 8.026   5.411   9.471   1.00 13.31 ? 189 ILE A C   1 
ATOM   231 O O   . ILE A 1 43 ? 8.740   5.891   10.361  1.00 16.71 ? 189 ILE A O   1 
ATOM   232 C CB  . ILE A 1 43 ? 9.668   4.359   7.878   1.00 13.78 ? 189 ILE A CB  1 
ATOM   233 C CG1 . ILE A 1 43 ? 10.010  4.182   6.403   1.00 13.73 ? 189 ILE A CG1 1 
ATOM   234 C CG2 . ILE A 1 43 ? 9.293   3.018   8.510   1.00 14.11 ? 189 ILE A CG2 1 
ATOM   235 C CD1 . ILE A 1 43 ? 11.281  3.383   6.157   1.00 14.94 ? 189 ILE A CD1 1 
ATOM   236 N N   . VAL A 1 44 ? 6.819   4.899   9.710   1.00 12.06 ? 190 VAL A N   1 
ATOM   237 C CA  . VAL A 1 44 ? 6.222   4.909   11.039  1.00 12.72 ? 190 VAL A CA  1 
ATOM   238 C C   . VAL A 1 44 ? 5.911   3.522   11.580  1.00 11.88 ? 190 VAL A C   1 
ATOM   239 O O   . VAL A 1 44 ? 5.510   3.413   12.751  1.00 14.39 ? 190 VAL A O   1 
ATOM   240 C CB  . VAL A 1 44 ? 4.972   5.813   11.112  1.00 14.71 ? 190 VAL A CB  1 
ATOM   241 C CG1 . VAL A 1 44 ? 5.328   7.247   10.724  1.00 17.75 ? 190 VAL A CG1 1 
ATOM   242 C CG2 . VAL A 1 44 ? 3.874   5.263   10.231  1.00 14.71 ? 190 VAL A CG2 1 
ATOM   243 N N   . ALA A 1 45 ? 6.098   2.462   10.795  1.00 11.61 ? 191 ALA A N   1 
ATOM   244 C CA  . ALA A 1 45 ? 5.846   1.103   11.257  1.00 10.41 ? 191 ALA A CA  1 
ATOM   245 C C   . ALA A 1 45 ? 6.327   0.144   10.182  1.00 9.89  ? 191 ALA A C   1 
ATOM   246 O O   . ALA A 1 45 ? 6.667   0.550   9.065   1.00 10.80 ? 191 ALA A O   1 
ATOM   247 C CB  . ALA A 1 45 ? 4.361   0.858   11.555  1.00 13.01 ? 191 ALA A CB  1 
ATOM   248 N N   . VAL A 1 46 ? 6.346   -1.141  10.531  1.00 10.72 ? 192 VAL A N   1 
ATOM   249 C CA  . VAL A 1 46 ? 6.732   -2.200  9.604   1.00 9.73  ? 192 VAL A CA  1 
ATOM   250 C C   . VAL A 1 46 ? 5.798   -3.380  9.804   1.00 10.97 ? 192 VAL A C   1 
ATOM   251 O O   . VAL A 1 46 ? 5.650   -3.871  10.926  1.00 16.16 ? 192 VAL A O   1 
ATOM   252 C CB  . VAL A 1 46 ? 8.186   -2.658  9.820   1.00 13.25 ? 192 VAL A CB  1 
ATOM   253 C CG1 . VAL A 1 46 ? 8.529   -3.771  8.850   1.00 13.54 ? 192 VAL A CG1 1 
ATOM   254 C CG2 . VAL A 1 46 ? 9.142   -1.505  9.641   1.00 14.09 ? 192 VAL A CG2 1 
ATOM   255 N N   . TYR A 1 47 ? 5.171   -3.844  8.724   1.00 9.72  ? 193 TYR A N   1 
ATOM   256 C CA  . TYR A 1 47 ? 4.418   -5.093  8.752   1.00 9.64  ? 193 TYR A CA  1 
ATOM   257 C C   . TYR A 1 47 ? 5.320   -6.250  8.374   1.00 13.20 ? 193 TYR A C   1 
ATOM   258 O O   . TYR A 1 47 ? 6.153   -6.130  7.474   1.00 14.66 ? 193 TYR A O   1 
ATOM   259 C CB  . TYR A 1 47 ? 3.246   -5.062  7.771   1.00 10.68 ? 193 TYR A CB  1 
ATOM   260 C CG  . TYR A 1 47 ? 2.107   -4.239  8.289   1.00 9.99  ? 193 TYR A CG  1 
ATOM   261 C CD1 . TYR A 1 47 ? 1.326   -4.689  9.346   1.00 9.60  ? 193 TYR A CD1 1 
ATOM   262 C CD2 . TYR A 1 47 ? 1.833   -2.986  7.753   1.00 8.89  ? 193 TYR A CD2 1 
ATOM   263 C CE1 . TYR A 1 47 ? 0.285   -3.919  9.839   1.00 11.60 ? 193 TYR A CE1 1 
ATOM   264 C CE2 . TYR A 1 47 ? 0.797   -2.214  8.240   1.00 10.46 ? 193 TYR A CE2 1 
ATOM   265 C CZ  . TYR A 1 47 ? 0.038   -2.682  9.286   1.00 9.06  ? 193 TYR A CZ  1 
ATOM   266 O OH  . TYR A 1 47 ? -0.979  -1.896  9.768   1.00 11.42 ? 193 TYR A OH  1 
ATOM   267 N N   . LYS A 1 48 ? 5.126   -7.372  9.050   1.00 12.57 ? 194 LYS A N   1 
ATOM   268 C CA  . LYS A 1 48 ? 5.905   -8.575  8.803   1.00 14.59 ? 194 LYS A CA  1 
ATOM   269 C C   . LYS A 1 48 ? 5.083   -9.586  8.016   1.00 15.01 ? 194 LYS A C   1 
ATOM   270 O O   . LYS A 1 48 ? 3.854   -9.519  7.956   1.00 14.07 ? 194 LYS A O   1 
ATOM   271 C CB  . LYS A 1 48 ? 6.364   -9.206  10.119  1.00 17.07 ? 194 LYS A CB  1 
ATOM   272 C CG  . LYS A 1 48 ? 7.110   -8.257  11.036  1.00 22.41 ? 194 LYS A CG  1 
ATOM   273 C CD  . LYS A 1 48 ? 8.236   -7.555  10.303  1.00 28.68 ? 194 LYS A CD  1 
ATOM   274 C CE  . LYS A 1 48 ? 9.191   -6.877  11.277  1.00 34.05 ? 194 LYS A CE  1 
ATOM   275 N NZ  . LYS A 1 48 ? 10.051  -7.868  11.989  1.00 37.37 ? 194 LYS A NZ  1 
ATOM   276 N N   . ARG A 1 49 ? 5.796   -10.523 7.403   1.00 13.56 ? 195 ARG A N   1 
ATOM   277 C CA  . ARG A 1 49 ? 5.180   -11.641 6.705   1.00 13.42 ? 195 ARG A CA  1 
ATOM   278 C C   . ARG A 1 49 ? 4.083   -12.280 7.546   1.00 13.32 ? 195 ARG A C   1 
ATOM   279 O O   . ARG A 1 49 ? 4.292   -12.620 8.714   1.00 14.29 ? 195 ARG A O   1 
ATOM   280 C CB  . ARG A 1 49 ? 6.266   -12.678 6.405   1.00 15.26 ? 195 ARG A CB  1 
ATOM   281 C CG  . ARG A 1 49 ? 5.815   -13.796 5.487   1.00 16.26 ? 195 ARG A CG  1 
ATOM   282 C CD  . ARG A 1 49 ? 6.863   -14.905 5.372   1.00 18.53 ? 195 ARG A CD  1 
ATOM   283 N NE  . ARG A 1 49 ? 8.213   -14.418 5.100   1.00 26.40 ? 195 ARG A NE  1 
ATOM   284 C CZ  . ARG A 1 49 ? 8.745   -14.301 3.889   1.00 27.33 ? 195 ARG A CZ  1 
ATOM   285 N NH1 . ARG A 1 49 ? 8.045   -14.560 2.796   1.00 27.24 ? 195 ARG A NH1 1 
ATOM   286 N NH2 . ARG A 1 49 ? 10.013  -13.920 3.772   1.00 26.55 ? 195 ARG A NH2 1 
ATOM   287 N N   . GLY A 1 50 ? 2.908   -12.444 6.947   1.00 12.61 ? 196 GLY A N   1 
ATOM   288 C CA  . GLY A 1 50 ? 1.805   -13.088 7.617   1.00 13.16 ? 196 GLY A CA  1 
ATOM   289 C C   . GLY A 1 50 ? 0.881   -12.156 8.361   1.00 12.48 ? 196 GLY A C   1 
ATOM   290 O O   . GLY A 1 50 ? -0.145  -12.615 8.871   1.00 14.29 ? 196 GLY A O   1 
ATOM   291 N N   . GLU A 1 51 ? 1.206   -10.874 8.452   1.00 11.49 ? 197 GLU A N   1 
ATOM   292 C CA  . GLU A 1 51 ? 0.330   -9.931  9.126   1.00 11.40 ? 197 GLU A CA  1 
ATOM   293 C C   . GLU A 1 51 ? -0.674  -9.369  8.141   1.00 10.16 ? 197 GLU A C   1 
ATOM   294 O O   . GLU A 1 51 ? -0.407  -9.285  6.941   1.00 9.48  ? 197 GLU A O   1 
ATOM   295 C CB  . GLU A 1 51 ? 1.146   -8.811  9.772   1.00 11.82 ? 197 GLU A CB  1 
ATOM   296 C CG  . GLU A 1 51 ? 2.017   -9.383  10.874  1.00 14.77 ? 197 GLU A CG  1 
ATOM   297 C CD  . GLU A 1 51 ? 2.879   -8.375  11.602  1.00 16.65 ? 197 GLU A CD  1 
ATOM   298 O OE1 . GLU A 1 51 ? 3.146   -7.279  11.070  1.00 15.31 ? 197 GLU A OE1 1 
ATOM   299 O OE2 . GLU A 1 51 ? 3.301   -8.699  12.737  1.00 25.64 ? 197 GLU A OE2 1 
ATOM   300 N N   . SER A 1 52 ? -1.844  -9.007  8.657   1.00 10.60 ? 198 SER A N   1 
ATOM   301 C CA  . SER A 1 52 ? -2.930  -8.500  7.844   1.00 9.98  ? 198 SER A CA  1 
ATOM   302 C C   . SER A 1 52 ? -3.385  -7.162  8.399   1.00 10.08 ? 198 SER A C   1 
ATOM   303 O O   . SER A 1 52 ? -3.322  -6.916  9.606   1.00 11.53 ? 198 SER A O   1 
ATOM   304 C CB  . SER A 1 52 ? -4.117  -9.460  7.842   1.00 11.39 ? 198 SER A CB  1 
ATOM   305 O OG  . SER A 1 52 ? -3.759  -10.703 7.272   1.00 15.24 ? 198 SER A OG  1 
ATOM   306 N N   . PHE A 1 53 ? -3.832  -6.294  7.499   1.00 9.17  ? 199 PHE A N   1 
ATOM   307 C CA  . PHE A 1 53 ? -4.389  -5.015  7.906   1.00 9.73  ? 199 PHE A CA  1 
ATOM   308 C C   . PHE A 1 53 ? -5.397  -4.577  6.860   1.00 9.23  ? 199 PHE A C   1 
ATOM   309 O O   . PHE A 1 53 ? -5.350  -4.993  5.701   1.00 8.57  ? 199 PHE A O   1 
ATOM   310 C CB  . PHE A 1 53 ? -3.294  -3.954  8.099   1.00 9.85  ? 199 PHE A CB  1 
ATOM   311 C CG  . PHE A 1 53 ? -2.564  -3.610  6.830   1.00 9.47  ? 199 PHE A CG  1 
ATOM   312 C CD1 . PHE A 1 53 ? -1.484  -4.372  6.408   1.00 10.24 ? 199 PHE A CD1 1 
ATOM   313 C CD2 . PHE A 1 53 ? -2.974  -2.543  6.053   1.00 11.26 ? 199 PHE A CD2 1 
ATOM   314 C CE1 . PHE A 1 53 ? -0.818  -4.061  5.221   1.00 10.09 ? 199 PHE A CE1 1 
ATOM   315 C CE2 . PHE A 1 53 ? -2.322  -2.225  4.873   1.00 11.60 ? 199 PHE A CE2 1 
ATOM   316 C CZ  . PHE A 1 53 ? -1.241  -2.989  4.454   1.00 9.22  ? 199 PHE A CZ  1 
ATOM   317 N N   . ASP A 1 54 ? -6.318  -3.726  7.284   1.00 10.26 ? 200 ASP A N   1 
ATOM   318 C CA  . ASP A 1 54 ? -7.328  -3.228  6.369   1.00 10.28 ? 200 ASP A CA  1 
ATOM   319 C C   . ASP A 1 54 ? -6.897  -1.896  5.759   1.00 12.91 ? 200 ASP A C   1 
ATOM   320 O O   . ASP A 1 54 ? -6.017  -1.200  6.274   1.00 13.43 ? 200 ASP A O   1 
ATOM   321 C CB  . ASP A 1 54 ? -8.665  -3.063  7.098   1.00 12.13 ? 200 ASP A CB  1 
ATOM   322 C CG  . ASP A 1 54 ? -9.398  -4.379  7.308   1.00 15.74 ? 200 ASP A CG  1 
ATOM   323 O OD1 . ASP A 1 54 ? -8.795  -5.453  7.127   1.00 16.26 ? 200 ASP A OD1 1 
ATOM   324 O OD2 . ASP A 1 54 ? -10.599 -4.339  7.649   1.00 22.85 ? 200 ASP A OD2 1 
ATOM   325 N N   . TYR A 1 55 ? -7.509  -1.561  4.625   1.00 9.75  ? 201 TYR A N   1 
ATOM   326 C CA  . TYR A 1 55 ? -7.231  -0.292  3.968   1.00 10.04 ? 201 TYR A CA  1 
ATOM   327 C C   . TYR A 1 55 ? -8.541  0.270   3.444   1.00 11.04 ? 201 TYR A C   1 
ATOM   328 O O   . TYR A 1 55 ? -9.527  -0.451  3.302   1.00 11.39 ? 201 TYR A O   1 
ATOM   329 C CB  . TYR A 1 55 ? -6.210  -0.443  2.818   1.00 9.47  ? 201 TYR A CB  1 
ATOM   330 C CG  . TYR A 1 55 ? -6.615  -1.445  1.771   1.00 9.39  ? 201 TYR A CG  1 
ATOM   331 C CD1 . TYR A 1 55 ? -7.381  -1.062  0.674   1.00 10.46 ? 201 TYR A CD1 1 
ATOM   332 C CD2 . TYR A 1 55 ? -6.231  -2.779  1.880   1.00 11.39 ? 201 TYR A CD2 1 
ATOM   333 C CE1 . TYR A 1 55 ? -7.759  -1.975  -0.278  1.00 11.75 ? 201 TYR A CE1 1 
ATOM   334 C CE2 . TYR A 1 55 ? -6.603  -3.697  0.926   1.00 13.71 ? 201 TYR A CE2 1 
ATOM   335 C CZ  . TYR A 1 55 ? -7.365  -3.290  -0.142  1.00 13.25 ? 201 TYR A CZ  1 
ATOM   336 O OH  . TYR A 1 55 ? -7.739  -4.199  -1.105  1.00 24.00 ? 201 TYR A OH  1 
ATOM   337 N N   . ASP A 1 56 ? -8.549  1.576   3.174   1.00 11.54 ? 202 ASP A N   1 
ATOM   338 C CA  . ASP A 1 56 ? -9.723  2.209   2.585   1.00 11.88 ? 202 ASP A CA  1 
ATOM   339 C C   . ASP A 1 56 ? -9.428  3.001   1.323   1.00 11.67 ? 202 ASP A C   1 
ATOM   340 O O   . ASP A 1 56 ? -10.366 3.515   0.703   1.00 12.31 ? 202 ASP A O   1 
ATOM   341 C CB  . ASP A 1 56 ? -10.481 3.074   3.611   1.00 13.70 ? 202 ASP A CB  1 
ATOM   342 C CG  . ASP A 1 56 ? -9.683  4.280   4.108   1.00 15.18 ? 202 ASP A CG  1 
ATOM   343 O OD1 . ASP A 1 56 ? -8.652  4.643   3.517   1.00 17.93 ? 202 ASP A OD1 1 
ATOM   344 O OD2 . ASP A 1 56 ? -10.115 4.882   5.116   1.00 23.06 ? 202 ASP A OD2 1 
ATOM   345 N N   . THR A 1 57 ? -8.164  3.097   0.917   1.00 11.10 ? 203 THR A N   1 
ATOM   346 C CA  . THR A 1 57 ? -7.751  3.917   -0.206  1.00 11.69 ? 203 THR A CA  1 
ATOM   347 C C   . THR A 1 57 ? -6.631  3.182   -0.921  1.00 10.17 ? 203 THR A C   1 
ATOM   348 O O   . THR A 1 57 ? -5.837  2.474   -0.291  1.00 10.12 ? 203 THR A O   1 
ATOM   349 C CB  . THR A 1 57 ? -7.288  5.305   0.285   1.00 14.96 ? 203 THR A CB  1 
ATOM   350 O OG1 . THR A 1 57 ? -8.405  6.003   0.848   1.00 17.74 ? 203 THR A OG1 1 
ATOM   351 C CG2 . THR A 1 57 ? -6.715  6.141   -0.846  1.00 18.26 ? 203 THR A CG2 1 
ATOM   352 N N   . VAL A 1 58 ? -6.609  3.310   -2.244  1.00 9.82  ? 204 VAL A N   1 
ATOM   353 C CA  . VAL A 1 58 ? -5.625  2.665   -3.102  1.00 10.23 ? 204 VAL A CA  1 
ATOM   354 C C   . VAL A 1 58 ? -5.030  3.734   -4.007  1.00 10.17 ? 204 VAL A C   1 
ATOM   355 O O   . VAL A 1 58 ? -5.758  4.543   -4.582  1.00 11.20 ? 204 VAL A O   1 
ATOM   356 C CB  . VAL A 1 58 ? -6.280  1.561   -3.952  1.00 13.77 ? 204 VAL A CB  1 
ATOM   357 C CG1 . VAL A 1 58 ? -5.254  0.946   -4.880  1.00 14.05 ? 204 VAL A CG1 1 
ATOM   358 C CG2 . VAL A 1 58 ? -6.920  0.496   -3.067  1.00 13.64 ? 204 VAL A CG2 1 
ATOM   359 N N   . ILE A 1 59 ? -3.708  3.736   -4.139  1.00 9.98  ? 205 ILE A N   1 
ATOM   360 C CA  . ILE A 1 59 ? -3.018  4.651   -5.037  1.00 10.13 ? 205 ILE A CA  1 
ATOM   361 C C   . ILE A 1 59 ? -2.250  3.806   -6.033  1.00 9.51  ? 205 ILE A C   1 
ATOM   362 O O   . ILE A 1 59 ? -1.415  2.982   -5.642  1.00 10.19 ? 205 ILE A O   1 
ATOM   363 C CB  . ILE A 1 59 ? -2.083  5.599   -4.277  1.00 10.93 ? 205 ILE A CB  1 
ATOM   364 C CG1 . ILE A 1 59 ? -2.876  6.427   -3.268  1.00 17.67 ? 205 ILE A CG1 1 
ATOM   365 C CG2 . ILE A 1 59 ? -1.346  6.522   -5.241  1.00 16.20 ? 205 ILE A CG2 1 
ATOM   366 C CD1 . ILE A 1 59 ? -2.027  7.411   -2.517  1.00 24.36 ? 205 ILE A CD1 1 
ATOM   367 N N   . ILE A 1 60 ? -2.532  3.997   -7.312  1.00 11.07 ? 206 ILE A N   1 
ATOM   368 C CA  . ILE A 1 60 ? -1.891  3.230   -8.375  1.00 11.36 ? 206 ILE A CA  1 
ATOM   369 C C   . ILE A 1 60 ? -0.936  4.159   -9.115  1.00 11.92 ? 206 ILE A C   1 
ATOM   370 O O   . ILE A 1 60 ? -1.365  5.022   -9.886  1.00 13.24 ? 206 ILE A O   1 
ATOM   371 C CB  . ILE A 1 60 ? -2.926  2.618   -9.326  1.00 11.27 ? 206 ILE A CB  1 
ATOM   372 C CG1 . ILE A 1 60 ? -3.884  1.737   -8.529  1.00 16.11 ? 206 ILE A CG1 1 
ATOM   373 C CG2 . ILE A 1 60 ? -2.223  1.803   -10.412 1.00 14.34 ? 206 ILE A CG2 1 
ATOM   374 C CD1 . ILE A 1 60 ? -4.919  1.027   -9.370  1.00 18.86 ? 206 ILE A CD1 1 
ATOM   375 N N   . ASP A 1 61 ? 0.366   3.993   -8.883  1.00 10.62 ? 207 ASP A N   1 
ATOM   376 C CA  . ASP A 1 61 ? 1.348   4.741   -9.654  1.00 11.60 ? 207 ASP A CA  1 
ATOM   377 C C   . ASP A 1 61 ? 1.342   4.269   -11.103 1.00 12.74 ? 207 ASP A C   1 
ATOM   378 O O   . ASP A 1 61 ? 1.061   3.107   -11.402 1.00 13.68 ? 207 ASP A O   1 
ATOM   379 C CB  . ASP A 1 61 ? 2.758   4.511   -9.100  1.00 11.15 ? 207 ASP A CB  1 
ATOM   380 C CG  . ASP A 1 61 ? 2.932   5.017   -7.676  1.00 14.10 ? 207 ASP A CG  1 
ATOM   381 O OD1 . ASP A 1 61 ? 2.174   5.910   -7.246  1.00 18.48 ? 207 ASP A OD1 1 
ATOM   382 O OD2 . ASP A 1 61 ? 3.857   4.521   -6.989  1.00 12.93 ? 207 ASP A OD2 1 
ATOM   383 N N   . VAL A 1 62 ? 1.660   5.182   -12.016 1.00 13.94 ? 208 VAL A N   1 
ATOM   384 C CA  . VAL A 1 62 ? 1.788   4.786   -13.418 1.00 15.26 ? 208 VAL A CA  1 
ATOM   385 C C   . VAL A 1 62 ? 2.932   3.791   -13.588 1.00 17.08 ? 208 VAL A C   1 
ATOM   386 O O   . VAL A 1 62 ? 2.764   2.720   -14.182 1.00 15.74 ? 208 VAL A O   1 
ATOM   387 C CB  . VAL A 1 62 ? 1.935   6.020   -14.327 1.00 18.26 ? 208 VAL A CB  1 
ATOM   388 C CG1 . VAL A 1 62 ? 2.107   5.593   -15.782 1.00 20.66 ? 208 VAL A CG1 1 
ATOM   389 C CG2 . VAL A 1 62 ? 0.722   6.936   -14.173 1.00 21.45 ? 208 VAL A CG2 1 
ATOM   390 N N   . ASN A 1 63 ? 4.117   4.129   -13.060 1.00 15.75 ? 209 ASN A N   1 
ATOM   391 C CA  . ASN A 1 63 ? 5.281   3.239   -13.094 1.00 13.90 ? 209 ASN A CA  1 
ATOM   392 C C   . ASN A 1 63 ? 5.936   3.346   -11.720 1.00 13.55 ? 209 ASN A C   1 
ATOM   393 O O   . ASN A 1 63 ? 6.917   4.066   -11.523 1.00 21.07 ? 209 ASN A O   1 
ATOM   394 C CB  . ASN A 1 63 ? 6.252   3.592   -14.223 1.00 17.12 ? 209 ASN A CB  1 
ATOM   395 C CG  . ASN A 1 63 ? 5.642   3.398   -15.597 1.00 19.27 ? 209 ASN A CG  1 
ATOM   396 O OD1 . ASN A 1 63 ? 5.370   2.272   -16.014 1.00 19.84 ? 209 ASN A OD1 1 
ATOM   397 N ND2 . ASN A 1 63 ? 5.427   4.497   -16.309 1.00 21.76 ? 209 ASN A ND2 1 
ATOM   398 N N   . GLY A 1 64 ? 5.370   2.619   -10.769 1.00 11.95 ? 210 GLY A N   1 
ATOM   399 C CA  . GLY A 1 64 ? 5.816   2.671   -9.395  1.00 11.06 ? 210 GLY A CA  1 
ATOM   400 C C   . GLY A 1 64 ? 5.219   1.515   -8.635  1.00 10.16 ? 210 GLY A C   1 
ATOM   401 O O   . GLY A 1 64 ? 5.523   0.356   -8.929  1.00 10.26 ? 210 GLY A O   1 
ATOM   402 N N   . TYR A 1 65 ? 4.323   1.803   -7.693  1.00 9.60  ? 211 TYR A N   1 
ATOM   403 C CA  . TYR A 1 65 ? 3.721   0.760   -6.880  1.00 8.96  ? 211 TYR A CA  1 
ATOM   404 C C   . TYR A 1 65 ? 2.220   0.970   -6.806  1.00 8.51  ? 211 TYR A C   1 
ATOM   405 O O   . TYR A 1 65 ? 1.716   2.053   -7.105  1.00 9.21  ? 211 TYR A O   1 
ATOM   406 C CB  . TYR A 1 65 ? 4.297   0.770   -5.455  1.00 9.80  ? 211 TYR A CB  1 
ATOM   407 C CG  . TYR A 1 65 ? 5.795   0.875   -5.479  1.00 10.06 ? 211 TYR A CG  1 
ATOM   408 C CD1 . TYR A 1 65 ? 6.578   -0.255  -5.613  1.00 10.55 ? 211 TYR A CD1 1 
ATOM   409 C CD2 . TYR A 1 65 ? 6.425   2.112   -5.425  1.00 12.54 ? 211 TYR A CD2 1 
ATOM   410 C CE1 . TYR A 1 65 ? 7.958   -0.160  -5.654  1.00 14.74 ? 211 TYR A CE1 1 
ATOM   411 C CE2 . TYR A 1 65 ? 7.799   2.222   -5.469  1.00 14.78 ? 211 TYR A CE2 1 
ATOM   412 C CZ  . TYR A 1 65 ? 8.566   1.083   -5.584  1.00 13.11 ? 211 TYR A CZ  1 
ATOM   413 O OH  . TYR A 1 65 ? 9.942   1.198   -5.631  1.00 16.47 ? 211 TYR A OH  1 
ATOM   414 N N   . VAL A 1 66 ? 1.511   -0.089  -6.416  1.00 8.18  ? 212 VAL A N   1 
ATOM   415 C CA  . VAL A 1 66 ? 0.158   0.039   -5.879  1.00 8.90  ? 212 VAL A CA  1 
ATOM   416 C C   . VAL A 1 66 ? 0.295   0.208   -4.374  1.00 8.23  ? 212 VAL A C   1 
ATOM   417 O O   . VAL A 1 66 ? 0.788   -0.691  -3.684  1.00 9.71  ? 212 VAL A O   1 
ATOM   418 C CB  . VAL A 1 66 ? -0.716  -1.187  -6.182  1.00 9.96  ? 212 VAL A CB  1 
ATOM   419 C CG1 . VAL A 1 66 ? -2.111  -0.973  -5.588  1.00 9.77  ? 212 VAL A CG1 1 
ATOM   420 C CG2 . VAL A 1 66 ? -0.822  -1.445  -7.659  1.00 12.51 ? 212 VAL A CG2 1 
ATOM   421 N N   . TRP A 1 67 ? -0.149  1.347   -3.867  1.00 7.44  ? 213 TRP A N   1 
ATOM   422 C CA  . TRP A 1 67 ? -0.145  1.621   -2.437  1.00 7.21  ? 213 TRP A CA  1 
ATOM   423 C C   . TRP A 1 67 ? -1.549  1.398   -1.897  1.00 7.63  ? 213 TRP A C   1 
ATOM   424 O O   . TRP A 1 67 ? -2.536  1.697   -2.568  1.00 10.86 ? 213 TRP A O   1 
ATOM   425 C CB  . TRP A 1 67 ? 0.246   3.080   -2.188  1.00 8.62  ? 213 TRP A CB  1 
ATOM   426 C CG  . TRP A 1 67 ? 1.610   3.447   -2.716  1.00 8.59  ? 213 TRP A CG  1 
ATOM   427 C CD1 . TRP A 1 67 ? 1.923   3.801   -3.998  1.00 8.78  ? 213 TRP A CD1 1 
ATOM   428 C CD2 . TRP A 1 67 ? 2.846   3.472   -1.980  1.00 8.95  ? 213 TRP A CD2 1 
ATOM   429 N NE1 . TRP A 1 67 ? 3.274   4.051   -4.103  1.00 10.04 ? 213 TRP A NE1 1 
ATOM   430 C CE2 . TRP A 1 67 ? 3.861   3.858   -2.880  1.00 10.53 ? 213 TRP A CE2 1 
ATOM   431 C CE3 . TRP A 1 67 ? 3.192   3.210   -0.645  1.00 8.46  ? 213 TRP A CE3 1 
ATOM   432 C CZ2 . TRP A 1 67 ? 5.192   3.989   -2.489  1.00 11.25 ? 213 TRP A CZ2 1 
ATOM   433 C CZ3 . TRP A 1 67 ? 4.513   3.345   -0.262  1.00 11.23 ? 213 TRP A CZ3 1 
ATOM   434 C CH2 . TRP A 1 67 ? 5.494   3.732   -1.178  1.00 12.33 ? 213 TRP A CH2 1 
ATOM   435 N N   . VAL A 1 68 ? -1.634  0.863   -0.691  1.00 8.94  ? 214 VAL A N   1 
ATOM   436 C CA  . VAL A 1 68 ? -2.886  0.874   0.050   1.00 9.07  ? 214 VAL A CA  1 
ATOM   437 C C   . VAL A 1 68 ? -2.694  1.773   1.260   1.00 8.84  ? 214 VAL A C   1 
ATOM   438 O O   . VAL A 1 68 ? -1.571  2.001   1.723   1.00 8.73  ? 214 VAL A O   1 
ATOM   439 C CB  . VAL A 1 68 ? -3.398  -0.528  0.439   1.00 9.47  ? 214 VAL A CB  1 
ATOM   440 C CG1 . VAL A 1 68 ? -3.680  -1.349  -0.810  1.00 11.07 ? 214 VAL A CG1 1 
ATOM   441 C CG2 . VAL A 1 68 ? -2.409  -1.246  1.357   1.00 9.68  ? 214 VAL A CG2 1 
ATOM   442 N N   . SER A 1 69 ? -3.800  2.314   1.760   1.00 8.35  ? 215 SER A N   1 
ATOM   443 C CA  . SER A 1 69 ? -3.718  3.369   2.751   1.00 8.80  ? 215 SER A CA  1 
ATOM   444 C C   . SER A 1 69 ? -4.826  3.225   3.780   1.00 10.20 ? 215 SER A C   1 
ATOM   445 O O   . SER A 1 69 ? -5.939  2.817   3.448   1.00 10.60 ? 215 SER A O   1 
ATOM   446 C CB  . SER A 1 69 ? -3.853  4.717   2.053   1.00 11.98 ? 215 SER A CB  1 
ATOM   447 O OG  . SER A 1 69 ? -3.697  5.762   2.968   1.00 13.14 ? 215 SER A OG  1 
ATOM   448 N N   . TYR A 1 70 ? -4.508  3.561   5.028   1.00 10.18 ? 216 TYR A N   1 
ATOM   449 C CA  . TYR A 1 70 ? -5.489  3.597   6.101   1.00 11.51 ? 216 TYR A CA  1 
ATOM   450 C C   . TYR A 1 70 ? -5.217  4.791   6.996   1.00 12.29 ? 216 TYR A C   1 
ATOM   451 O O   . TYR A 1 70 ? -4.102  5.320   7.041   1.00 13.62 ? 216 TYR A O   1 
ATOM   452 C CB  . TYR A 1 70 ? -5.469  2.327   6.961   1.00 12.83 ? 216 TYR A CB  1 
ATOM   453 C CG  . TYR A 1 70 ? -4.129  1.967   7.563   1.00 12.15 ? 216 TYR A CG  1 
ATOM   454 C CD1 . TYR A 1 70 ? -3.748  2.425   8.829   1.00 12.36 ? 216 TYR A CD1 1 
ATOM   455 C CD2 . TYR A 1 70 ? -3.259  1.134   6.881   1.00 10.82 ? 216 TYR A CD2 1 
ATOM   456 C CE1 . TYR A 1 70 ? -2.514  2.059   9.384   1.00 12.49 ? 216 TYR A CE1 1 
ATOM   457 C CE2 . TYR A 1 70 ? -2.039  0.772   7.419   1.00 12.43 ? 216 TYR A CE2 1 
ATOM   458 C CZ  . TYR A 1 70 ? -1.673  1.228   8.661   1.00 12.51 ? 216 TYR A CZ  1 
ATOM   459 O OH  . TYR A 1 70 ? -0.455  0.837   9.168   1.00 14.10 ? 216 TYR A OH  1 
ATOM   460 N N   . ILE A 1 71 ? -6.261  5.216   7.703   1.00 13.77 ? 217 ILE A N   1 
ATOM   461 C CA  . ILE A 1 71 ? -6.142  6.258   8.710   1.00 16.77 ? 217 ILE A CA  1 
ATOM   462 C C   . ILE A 1 71 ? -5.747  5.604   10.021  1.00 16.44 ? 217 ILE A C   1 
ATOM   463 O O   . ILE A 1 71 ? -6.377  4.629   10.456  1.00 17.42 ? 217 ILE A O   1 
ATOM   464 C CB  . ILE A 1 71 ? -7.466  7.018   8.864   1.00 16.77 ? 217 ILE A CB  1 
ATOM   465 C CG1 . ILE A 1 71 ? -7.814  7.752   7.572   1.00 20.08 ? 217 ILE A CG1 1 
ATOM   466 C CG2 . ILE A 1 71 ? -7.367  7.991   10.021  1.00 18.77 ? 217 ILE A CG2 1 
ATOM   467 C CD1 . ILE A 1 71 ? -6.772  8.755   7.162   1.00 23.86 ? 217 ILE A CD1 1 
ATOM   468 N N   . GLY A 1 72 ? -4.718  6.148   10.663  1.00 19.25 ? 218 GLY A N   1 
ATOM   469 C CA  . GLY A 1 72 ? -4.222  5.634   11.922  1.00 19.04 ? 218 GLY A CA  1 
ATOM   470 C C   . GLY A 1 72 ? -4.950  6.207   13.123  1.00 22.56 ? 218 GLY A C   1 
ATOM   471 O O   . GLY A 1 72 ? -6.032  6.790   13.013  1.00 27.44 ? 218 GLY A O   1 
ATOM   472 N N   . GLY A 1 73 ? -4.339  6.031   14.300  1.00 22.65 ? 219 GLY A N   1 
ATOM   473 C CA  . GLY A 1 73 ? -4.950  6.518   15.524  1.00 23.41 ? 219 GLY A CA  1 
ATOM   474 C C   . GLY A 1 73 ? -4.888  8.017   15.702  1.00 23.85 ? 219 GLY A C   1 
ATOM   475 O O   . GLY A 1 73 ? -5.714  8.577   16.427  1.00 25.74 ? 219 GLY A O   1 
ATOM   476 N N   . SER A 1 74 ? -3.932  8.677   15.054  1.00 27.08 ? 220 SER A N   1 
ATOM   477 C CA  . SER A 1 74 ? -3.782  10.120  15.140  1.00 26.94 ? 220 SER A CA  1 
ATOM   478 C C   . SER A 1 74 ? -4.480  10.857  14.007  1.00 28.35 ? 220 SER A C   1 
ATOM   479 O O   . SER A 1 74 ? -4.332  12.077  13.897  1.00 31.32 ? 220 SER A O   1 
ATOM   480 C CB  . SER A 1 74 ? -2.296  10.487  15.158  1.00 26.98 ? 220 SER A CB  1 
ATOM   481 O OG  . SER A 1 74 ? -1.611  9.925   14.057  1.00 33.55 ? 220 SER A OG  1 
ATOM   482 N N   . GLY A 1 75 ? -5.221  10.151  13.157  1.00 24.72 ? 221 GLY A N   1 
ATOM   483 C CA  . GLY A 1 75 ? -5.876  10.782  12.038  1.00 24.17 ? 221 GLY A CA  1 
ATOM   484 C C   . GLY A 1 75 ? -4.997  10.998  10.832  1.00 24.75 ? 221 GLY A C   1 
ATOM   485 O O   . GLY A 1 75 ? -5.489  11.489  9.808   1.00 27.26 ? 221 GLY A O   1 
ATOM   486 N N   . LYS A 1 76 ? -3.721  10.638  10.913  1.00 21.12 ? 222 LYS A N   1 
ATOM   487 C CA  . LYS A 1 76 ? -2.818  10.760  9.781   1.00 21.31 ? 222 LYS A CA  1 
ATOM   488 C C   . LYS A 1 76 ? -2.900  9.520   8.905   1.00 19.18 ? 222 LYS A C   1 
ATOM   489 O O   . LYS A 1 76 ? -3.090  8.397   9.381   1.00 18.68 ? 222 LYS A O   1 
ATOM   490 C CB  . LYS A 1 76 ? -1.381  10.961  10.251  1.00 20.51 ? 222 LYS A CB  1 
ATOM   491 C CG  . LYS A 1 76 ? -1.179  12.253  11.010  1.00 25.91 ? 222 LYS A CG  1 
ATOM   492 C CD  . LYS A 1 76 ? 0.284   12.603  11.106  1.00 32.02 ? 222 LYS A CD  1 
ATOM   493 C CE  . LYS A 1 76 ? 0.477   14.043  11.542  1.00 37.59 ? 222 LYS A CE  1 
ATOM   494 N NZ  . LYS A 1 76 ? 1.924   14.404  11.539  1.00 45.08 ? 222 LYS A NZ  1 
ATOM   495 N N   . ARG A 1 77 ? -2.741  9.731   7.610   1.00 15.80 ? 223 ARG A N   1 
ATOM   496 C CA  . ARG A 1 77 ? -2.863  8.646   6.657   1.00 14.93 ? 223 ARG A CA  1 
ATOM   497 C C   . ARG A 1 77 ? -1.541  7.903   6.516   1.00 15.15 ? 223 ARG A C   1 
ATOM   498 O O   . ARG A 1 77 ? -0.470  8.515   6.463   1.00 16.60 ? 223 ARG A O   1 
ATOM   499 C CB  . ARG A 1 77 ? -3.309  9.211   5.313   1.00 18.68 ? 223 ARG A CB  1 
ATOM   500 C CG  . ARG A 1 77 ? -3.863  8.171   4.419   1.00 22.00 ? 223 ARG A CG  1 
ATOM   501 C CD  . ARG A 1 77 ? -4.773  8.732   3.333   1.00 18.23 ? 223 ARG A CD  1 
ATOM   502 N NE  . ARG A 1 77 ? -6.180  8.767   3.716   1.00 19.24 ? 223 ARG A NE  1 
ATOM   503 C CZ  . ARG A 1 77 ? -6.957  7.699   3.854   1.00 16.81 ? 223 ARG A CZ  1 
ATOM   504 N NH1 . ARG A 1 77 ? -6.475  6.473   3.756   1.00 16.24 ? 223 ARG A NH1 1 
ATOM   505 N NH2 . ARG A 1 77 ? -8.253  7.865   4.090   1.00 20.28 ? 223 ARG A NH2 1 
ATOM   506 N N   . ASN A 1 78 ? -1.630  6.575   6.466   1.00 11.48 ? 224 ASN A N   1 
ATOM   507 C CA  . ASN A 1 78 ? -0.482  5.693   6.326   1.00 10.75 ? 224 ASN A CA  1 
ATOM   508 C C   . ASN A 1 78 ? -0.562  4.976   4.989   1.00 11.16 ? 224 ASN A C   1 
ATOM   509 O O   . ASN A 1 78 ? -1.652  4.728   4.471   1.00 11.37 ? 224 ASN A O   1 
ATOM   510 C CB  . ASN A 1 78 ? -0.460  4.673   7.468   1.00 11.20 ? 224 ASN A CB  1 
ATOM   511 C CG  . ASN A 1 78 ? -0.347  5.334   8.820   1.00 15.03 ? 224 ASN A CG  1 
ATOM   512 O OD1 . ASN A 1 78 ? 0.662   5.957   9.133   1.00 15.92 ? 224 ASN A OD1 1 
ATOM   513 N ND2 . ASN A 1 78 ? -1.394  5.221   9.628   1.00 17.95 ? 224 ASN A ND2 1 
ATOM   514 N N   . TYR A 1 79 ? 0.597   4.655   4.420   1.00 8.73  ? 225 TYR A N   1 
ATOM   515 C CA  . TYR A 1 79 ? 0.677   4.083   3.081   1.00 7.82  ? 225 TYR A CA  1 
ATOM   516 C C   . TYR A 1 79 ? 1.622   2.892   3.082   1.00 9.45  ? 225 TYR A C   1 
ATOM   517 O O   . TYR A 1 79 ? 2.684   2.933   3.707   1.00 9.09  ? 225 TYR A O   1 
ATOM   518 C CB  . TYR A 1 79 ? 1.213   5.126   2.091   1.00 8.39  ? 225 TYR A CB  1 
ATOM   519 C CG  . TYR A 1 79 ? 0.357   6.359   1.993   1.00 8.94  ? 225 TYR A CG  1 
ATOM   520 C CD1 . TYR A 1 79 ? 0.562   7.436   2.840   1.00 11.21 ? 225 TYR A CD1 1 
ATOM   521 C CD2 . TYR A 1 79 ? -0.663  6.446   1.056   1.00 9.76  ? 225 TYR A CD2 1 
ATOM   522 C CE1 . TYR A 1 79 ? -0.228  8.568   2.764   1.00 13.04 ? 225 TYR A CE1 1 
ATOM   523 C CE2 . TYR A 1 79 ? -1.456  7.580   0.971   1.00 11.96 ? 225 TYR A CE2 1 
ATOM   524 C CZ  . TYR A 1 79 ? -1.231  8.635   1.829   1.00 12.05 ? 225 TYR A CZ  1 
ATOM   525 O OH  . TYR A 1 79 ? -2.012  9.770   1.757   1.00 16.52 ? 225 TYR A OH  1 
ATOM   526 N N   . VAL A 1 80 ? 1.228   1.826   2.392   1.00 7.10  ? 226 VAL A N   1 
ATOM   527 C CA  . VAL A 1 80 ? 2.029   0.608   2.293   1.00 7.29  ? 226 VAL A CA  1 
ATOM   528 C C   . VAL A 1 80 ? 2.075   0.212   0.825   1.00 6.72  ? 226 VAL A C   1 
ATOM   529 O O   . VAL A 1 80 ? 1.035   0.147   0.168   1.00 6.78  ? 226 VAL A O   1 
ATOM   530 C CB  . VAL A 1 80 ? 1.435   -0.541  3.136   1.00 8.44  ? 226 VAL A CB  1 
ATOM   531 C CG1 . VAL A 1 80 ? 2.294   -1.794  3.029   1.00 8.41  ? 226 VAL A CG1 1 
ATOM   532 C CG2 . VAL A 1 80 ? 1.298   -0.138  4.603   1.00 8.79  ? 226 VAL A CG2 1 
ATOM   533 N N   . ALA A 1 81 ? 3.270   -0.056  0.307   1.00 7.24  ? 227 ALA A N   1 
ATOM   534 C CA  . ALA A 1 81 ? 3.390   -0.482  -1.081  1.00 7.57  ? 227 ALA A CA  1 
ATOM   535 C C   . ALA A 1 81 ? 3.117   -1.977  -1.173  1.00 8.00  ? 227 ALA A C   1 
ATOM   536 O O   . ALA A 1 81 ? 3.526   -2.751  -0.305  1.00 9.79  ? 227 ALA A O   1 
ATOM   537 C CB  . ALA A 1 81 ? 4.780   -0.154  -1.626  1.00 8.55  ? 227 ALA A CB  1 
ATOM   538 N N   . THR A 1 82 ? 2.406   -2.392  -2.232  1.00 7.58  ? 228 THR A N   1 
ATOM   539 C CA  . THR A 1 82 ? 1.902   -3.761  -2.304  1.00 7.77  ? 228 THR A CA  1 
ATOM   540 C C   . THR A 1 82 ? 2.271   -4.485  -3.590  1.00 9.00  ? 228 THR A C   1 
ATOM   541 O O   . THR A 1 82 ? 1.778   -5.595  -3.821  1.00 10.57 ? 228 THR A O   1 
ATOM   542 C CB  . THR A 1 82 ? 0.380   -3.811  -2.128  1.00 9.92  ? 228 THR A CB  1 
ATOM   543 O OG1 . THR A 1 82 ? -0.242  -3.354  -3.331  1.00 10.11 ? 228 THR A OG1 1 
ATOM   544 C CG2 . THR A 1 82 ? -0.074  -2.923  -0.986  1.00 10.45 ? 228 THR A CG2 1 
ATOM   545 N N   . GLY A 1 83 ? 3.120   -3.906  -4.414  1.00 8.18  ? 229 GLY A N   1 
ATOM   546 C CA  . GLY A 1 83 ? 3.558   -4.532  -5.646  1.00 8.57  ? 229 GLY A CA  1 
ATOM   547 C C   . GLY A 1 83 ? 3.901   -3.461  -6.653  1.00 9.10  ? 229 GLY A C   1 
ATOM   548 O O   . GLY A 1 83 ? 3.565   -2.296  -6.491  1.00 9.52  ? 229 GLY A O   1 
ATOM   549 N N   . ALA A 1 84 ? 4.591   -3.878  -7.710  1.00 7.72  ? 230 ALA A N   1 
ATOM   550 C CA  . ALA A 1 84 ? 5.015   -2.947  -8.743  1.00 7.79  ? 230 ALA A CA  1 
ATOM   551 C C   . ALA A 1 84 ? 3.884   -2.688  -9.735  1.00 8.30  ? 230 ALA A C   1 
ATOM   552 O O   . ALA A 1 84 ? 2.953   -3.486  -9.882  1.00 10.17 ? 230 ALA A O   1 
ATOM   553 C CB  . ALA A 1 84 ? 6.214   -3.522  -9.496  1.00 10.10 ? 230 ALA A CB  1 
ATOM   554 N N   . THR A 1 85 ? 3.978   -1.546  -10.419 1.00 9.85  ? 231 THR A N   1 
ATOM   555 C CA  . THR A 1 85 ? 3.083   -1.214  -11.518 1.00 9.72  ? 231 THR A CA  1 
ATOM   556 C C   . THR A 1 85 ? 3.883   -0.861  -12.761 1.00 12.27 ? 231 THR A C   1 
ATOM   557 O O   . THR A 1 85 ? 5.030   -0.411  -12.688 1.00 13.09 ? 231 THR A O   1 
ATOM   558 C CB  . THR A 1 85 ? 2.162   -0.022  -11.216 1.00 11.30 ? 231 THR A CB  1 
ATOM   559 O OG1 . THR A 1 85 ? 2.945   1.132   -10.896 1.00 11.70 ? 231 THR A OG1 1 
ATOM   560 C CG2 . THR A 1 85 ? 1.230   -0.335  -10.088 1.00 11.76 ? 231 THR A CG2 1 
ATOM   561 N N   . LYS A 1 86 ? 3.251   -1.070  -13.910 1.00 12.29 ? 232 LYS A N   1 
ATOM   562 C CA  . LYS A 1 86 ? 3.792   -0.676  -15.200 1.00 13.87 ? 232 LYS A CA  1 
ATOM   563 C C   . LYS A 1 86 ? 2.605   -0.209  -16.019 1.00 17.25 ? 232 LYS A C   1 
ATOM   564 O O   . LYS A 1 86 ? 1.605   -0.922  -16.098 1.00 16.65 ? 232 LYS A O   1 
ATOM   565 C CB  . LYS A 1 86 ? 4.441   -1.865  -15.908 1.00 14.62 ? 232 LYS A CB  1 
ATOM   566 C CG  . LYS A 1 86 ? 4.900   -1.565  -17.320 1.00 16.56 ? 232 LYS A CG  1 
ATOM   567 C CD  . LYS A 1 86 ? 5.412   -2.821  -17.985 1.00 17.47 ? 232 LYS A CD  1 
ATOM   568 C CE  . LYS A 1 86 ? 5.843   -2.547  -19.413 1.00 19.75 ? 232 LYS A CE  1 
ATOM   569 N NZ  . LYS A 1 86 ? 6.303   -3.801  -20.065 1.00 24.24 ? 232 LYS A NZ  1 
ATOM   570 N N   . ASP A 1 87 ? 2.714   0.982   -16.606 1.00 17.40 ? 233 ASP A N   1 
ATOM   571 C CA  . ASP A 1 87 ? 1.641   1.551   -17.432 1.00 18.89 ? 233 ASP A CA  1 
ATOM   572 C C   . ASP A 1 87 ? 0.300   1.567   -16.695 1.00 20.50 ? 233 ASP A C   1 
ATOM   573 O O   . ASP A 1 87 ? -0.758  1.311   -17.277 1.00 22.74 ? 233 ASP A O   1 
ATOM   574 C CB  . ASP A 1 87 ? 1.539   0.838   -18.784 1.00 20.41 ? 233 ASP A CB  1 
ATOM   575 C CG  . ASP A 1 87 ? 2.846   0.865   -19.559 1.00 33.95 ? 233 ASP A CG  1 
ATOM   576 O OD1 . ASP A 1 87 ? 3.602   1.850   -19.412 1.00 41.71 ? 233 ASP A OD1 1 
ATOM   577 O OD2 . ASP A 1 87 ? 3.119   -0.098  -20.314 1.00 37.23 ? 233 ASP A OD2 1 
ATOM   578 N N   . GLY A 1 88 ? 0.344   1.864   -15.397 1.00 17.05 ? 234 GLY A N   1 
ATOM   579 C CA  . GLY A 1 88 ? -0.866  2.002   -14.611 1.00 16.94 ? 234 GLY A CA  1 
ATOM   580 C C   . GLY A 1 88 ? -1.554  0.713   -14.230 1.00 16.55 ? 234 GLY A C   1 
ATOM   581 O O   . GLY A 1 88 ? -2.704  0.759   -13.783 1.00 16.85 ? 234 GLY A O   1 
ATOM   582 N N   . LYS A 1 89 ? -0.896  -0.434  -14.383 1.00 16.22 ? 235 LYS A N   1 
ATOM   583 C CA  . LYS A 1 89 ? -1.468  -1.720  -14.017 1.00 16.20 ? 235 LYS A CA  1 
ATOM   584 C C   . LYS A 1 89 ? -0.455  -2.503  -13.199 1.00 14.89 ? 235 LYS A C   1 
ATOM   585 O O   . LYS A 1 89 ? 0.758   -2.333  -13.358 1.00 14.43 ? 235 LYS A O   1 
ATOM   586 C CB  . LYS A 1 89 ? -1.806  -2.553  -15.263 1.00 20.51 ? 235 LYS A CB  1 
ATOM   587 C CG  . LYS A 1 89 ? -2.706  -1.864  -16.269 1.00 26.85 ? 235 LYS A CG  1 
ATOM   588 C CD  . LYS A 1 89 ? -2.684  -2.607  -17.594 1.00 29.70 ? 235 LYS A CD  1 
ATOM   589 C CE  . LYS A 1 89 ? -4.065  -2.649  -18.228 1.00 38.43 ? 235 LYS A CE  1 
ATOM   590 N NZ  . LYS A 1 89 ? -4.683  -1.298  -18.307 1.00 43.06 ? 235 LYS A NZ  1 
ATOM   591 N N   . ARG A 1 90 ? -0.958  -3.388  -12.343 1.00 14.56 ? 236 ARG A N   1 
ATOM   592 C CA  . ARG A 1 90 ? -0.073  -4.264  -11.592 1.00 13.71 ? 236 ARG A CA  1 
ATOM   593 C C   . ARG A 1 90 ? 0.831   -5.030  -12.541 1.00 14.25 ? 236 ARG A C   1 
ATOM   594 O O   . ARG A 1 90 ? 0.424   -5.434  -13.633 1.00 16.37 ? 236 ARG A O   1 
ATOM   595 C CB  . ARG A 1 90 ? -0.875  -5.251  -10.746 1.00 13.85 ? 236 ARG A CB  1 
ATOM   596 C CG  . ARG A 1 90 ? -1.435  -4.651  -9.475  1.00 13.06 ? 236 ARG A CG  1 
ATOM   597 C CD  . ARG A 1 90 ? -1.843  -5.737  -8.500  1.00 13.20 ? 236 ARG A CD  1 
ATOM   598 N NE  . ARG A 1 90 ? -2.344  -5.192  -7.244  1.00 13.11 ? 236 ARG A NE  1 
ATOM   599 C CZ  . ARG A 1 90 ? -1.582  -4.933  -6.191  1.00 11.94 ? 236 ARG A CZ  1 
ATOM   600 N NH1 . ARG A 1 90 ? -0.273  -5.125  -6.223  1.00 13.87 ? 236 ARG A NH1 1 
ATOM   601 N NH2 . ARG A 1 90 ? -2.147  -4.473  -5.077  1.00 13.60 ? 236 ARG A NH2 1 
ATOM   602 N N   . PHE A 1 91 ? 2.077   -5.211  -12.125 1.00 13.55 ? 237 PHE A N   1 
ATOM   603 C CA  . PHE A 1 91 ? 3.074   -5.883  -12.943 1.00 14.10 ? 237 PHE A CA  1 
ATOM   604 C C   . PHE A 1 91 ? 3.852   -6.816  -12.037 1.00 13.70 ? 237 PHE A C   1 
ATOM   605 O O   . PHE A 1 91 ? 4.315   -6.400  -10.970 1.00 17.20 ? 237 PHE A O   1 
ATOM   606 C CB  . PHE A 1 91 ? 4.013   -4.849  -13.560 1.00 14.12 ? 237 PHE A CB  1 
ATOM   607 C CG  . PHE A 1 91 ? 4.890   -5.402  -14.637 1.00 14.99 ? 237 PHE A CG  1 
ATOM   608 C CD1 . PHE A 1 91 ? 4.354   -5.777  -15.847 1.00 16.09 ? 237 PHE A CD1 1 
ATOM   609 C CD2 . PHE A 1 91 ? 6.250   -5.540  -14.439 1.00 15.69 ? 237 PHE A CD2 1 
ATOM   610 C CE1 . PHE A 1 91 ? 5.152   -6.273  -16.850 1.00 16.94 ? 237 PHE A CE1 1 
ATOM   611 C CE2 . PHE A 1 91 ? 7.053   -6.039  -15.434 1.00 16.35 ? 237 PHE A CE2 1 
ATOM   612 C CZ  . PHE A 1 91 ? 6.506   -6.411  -16.641 1.00 16.77 ? 237 PHE A CZ  1 
ATOM   613 N N   . GLY A 1 92 ? 3.995   -8.066  -12.456 1.00 22.51 ? 238 GLY A N   1 
ATOM   614 C CA  . GLY A 1 92 ? 4.622   -9.050  -11.608 1.00 20.96 ? 238 GLY A CA  1 
ATOM   615 C C   . GLY A 1 92 ? 3.701   -9.455  -10.471 1.00 23.05 ? 238 GLY A C   1 
ATOM   616 O O   . GLY A 1 92 ? 2.523   -9.102  -10.417 1.00 29.81 ? 238 GLY A O   1 
ATOM   617 N N   . ASN A 1 93 ? 4.273   -10.212 -9.542  1.00 17.81 ? 239 ASN A N   1 
ATOM   618 C CA  . ASN A 1 93 ? 3.499   -10.755 -8.438  1.00 18.52 ? 239 ASN A CA  1 
ATOM   619 C C   . ASN A 1 93 ? 3.355   -9.717  -7.338  1.00 16.35 ? 239 ASN A C   1 
ATOM   620 O O   . ASN A 1 93 ? 4.288   -8.963  -7.050  1.00 16.20 ? 239 ASN A O   1 
ATOM   621 C CB  . ASN A 1 93 ? 4.186   -12.006 -7.893  1.00 22.18 ? 239 ASN A CB  1 
ATOM   622 C CG  . ASN A 1 93 ? 4.245   -13.122 -8.919  1.00 30.50 ? 239 ASN A CG  1 
ATOM   623 O OD1 . ASN A 1 93 ? 3.219   -13.536 -9.458  1.00 39.52 ? 239 ASN A OD1 1 
ATOM   624 N ND2 . ASN A 1 93 ? 5.449   -13.598 -9.211  1.00 35.35 ? 239 ASN A ND2 1 
ATOM   625 N N   . ALA A 1 94 ? 2.170   -9.673  -6.732  1.00 15.14 ? 240 ALA A N   1 
ATOM   626 C CA  . ALA A 1 94 ? 1.929   -8.741  -5.644  1.00 13.53 ? 240 ALA A CA  1 
ATOM   627 C C   . ALA A 1 94 ? 2.670   -9.185  -4.387  1.00 12.41 ? 240 ALA A C   1 
ATOM   628 O O   . ALA A 1 94 ? 3.112   -10.331 -4.258  1.00 13.58 ? 240 ALA A O   1 
ATOM   629 C CB  . ALA A 1 94 ? 0.433   -8.632  -5.347  1.00 18.89 ? 240 ALA A CB  1 
ATOM   630 N N   . TRP A 1 95 ? 2.796   -8.254  -3.443  1.00 9.89  ? 241 TRP A N   1 
ATOM   631 C CA  . TRP A 1 95 ? 3.524   -8.481  -2.201  1.00 8.96  ? 241 TRP A CA  1 
ATOM   632 C C   . TRP A 1 95 ? 2.601   -8.850  -1.053  1.00 8.62  ? 241 TRP A C   1 
ATOM   633 O O   . TRP A 1 95 ? 3.042   -8.917  0.101   1.00 10.55 ? 241 TRP A O   1 
ATOM   634 C CB  . TRP A 1 95 ? 4.386   -7.263  -1.864  1.00 9.16  ? 241 TRP A CB  1 
ATOM   635 C CG  . TRP A 1 95 ? 5.357   -6.945  -2.971  1.00 9.84  ? 241 TRP A CG  1 
ATOM   636 C CD1 . TRP A 1 95 ? 5.856   -7.817  -3.900  1.00 11.85 ? 241 TRP A CD1 1 
ATOM   637 C CD2 . TRP A 1 95 ? 5.932   -5.673  -3.266  1.00 9.84  ? 241 TRP A CD2 1 
ATOM   638 N NE1 . TRP A 1 95 ? 6.705   -7.159  -4.758  1.00 11.88 ? 241 TRP A NE1 1 
ATOM   639 C CE2 . TRP A 1 95 ? 6.768   -5.841  -4.390  1.00 11.31 ? 241 TRP A CE2 1 
ATOM   640 C CE3 . TRP A 1 95 ? 5.823   -4.406  -2.692  1.00 11.52 ? 241 TRP A CE3 1 
ATOM   641 C CZ2 . TRP A 1 95 ? 7.484   -4.791  -4.947  1.00 12.54 ? 241 TRP A CZ2 1 
ATOM   642 C CZ3 . TRP A 1 95 ? 6.535   -3.366  -3.252  1.00 12.73 ? 241 TRP A CZ3 1 
ATOM   643 C CH2 . TRP A 1 95 ? 7.355   -3.567  -4.370  1.00 13.43 ? 241 TRP A CH2 1 
ATOM   644 N N   . GLY A 1 96 ? 1.335   -9.111  -1.358  1.00 8.98  ? 242 GLY A N   1 
ATOM   645 C CA  . GLY A 1 96 ? 0.381   -9.610  -0.390  1.00 11.72 ? 242 GLY A CA  1 
ATOM   646 C C   . GLY A 1 96 ? -0.775  -10.243 -1.125  1.00 11.23 ? 242 GLY A C   1 
ATOM   647 O O   . GLY A 1 96 ? -0.867  -10.187 -2.355  1.00 14.15 ? 242 GLY A O   1 
ATOM   648 N N   . THR A 1 97 ? -1.652  -10.870 -0.350  1.00 11.05 ? 243 THR A N   1 
ATOM   649 C CA  . THR A 1 97 ? -2.947  -11.311 -0.845  1.00 12.55 ? 243 THR A CA  1 
ATOM   650 C C   . THR A 1 97 ? -4.019  -10.352 -0.350  1.00 13.43 ? 243 THR A C   1 
ATOM   651 O O   . THR A 1 97 ? -3.848  -9.659  0.658   1.00 14.39 ? 243 THR A O   1 
ATOM   652 C CB  . THR A 1 97 ? -3.266  -12.738 -0.393  1.00 13.86 ? 243 THR A CB  1 
ATOM   653 O OG1 . THR A 1 97 ? -3.290  -12.794 1.039   1.00 18.18 ? 243 THR A OG1 1 
ATOM   654 C CG2 . THR A 1 97 ? -2.228  -13.717 -0.933  1.00 14.43 ? 243 THR A CG2 1 
ATOM   655 N N   . PHE A 1 98 ? -5.135  -10.313 -1.069  1.00 15.27 ? 244 PHE A N   1 
ATOM   656 C CA  . PHE A 1 98 ? -6.183  -9.342  -0.796  1.00 17.07 ? 244 PHE A CA  1 
ATOM   657 C C   . PHE A 1 98 ? -7.531  -10.035 -0.708  1.00 19.79 ? 244 PHE A C   1 
ATOM   658 O O   . PHE A 1 98 ? -7.844  -10.908 -1.522  1.00 25.15 ? 244 PHE A O   1 
ATOM   659 C CB  . PHE A 1 98 ? -6.228  -8.277  -1.896  1.00 17.87 ? 244 PHE A CB  1 
ATOM   660 C CG  . PHE A 1 98 ? -4.943  -7.533  -2.058  1.00 21.22 ? 244 PHE A CG  1 
ATOM   661 C CD1 . PHE A 1 98 ? -3.990  -7.953  -2.974  1.00 18.56 ? 244 PHE A CD1 1 
ATOM   662 C CD2 . PHE A 1 98 ? -4.670  -6.421  -1.278  1.00 26.05 ? 244 PHE A CD2 1 
ATOM   663 C CE1 . PHE A 1 98 ? -2.794  -7.272  -3.115  1.00 21.73 ? 244 PHE A CE1 1 
ATOM   664 C CE2 . PHE A 1 98 ? -3.478  -5.739  -1.415  1.00 24.34 ? 244 PHE A CE2 1 
ATOM   665 C CZ  . PHE A 1 98 ? -2.538  -6.165  -2.331  1.00 26.00 ? 244 PHE A CZ  1 
ATOM   666 N N   . LYS A 1 99 ? -8.323  -9.650  0.287   1.00 21.44 ? 245 LYS A N   1 
ATOM   667 C CA  . LYS A 1 99 ? -9.691  -10.148 0.395   1.00 30.07 ? 245 LYS A CA  1 
ATOM   668 C C   . LYS A 1 99 ? -10.641 -8.962  0.479   1.00 39.48 ? 245 LYS A C   1 
ATOM   669 O O   . LYS A 1 99 ? -11.621 -8.991  1.228   1.00 51.70 ? 245 LYS A O   1 
ATOM   670 C CB  . LYS A 1 99 ? -9.870  -11.049 1.625   1.00 32.81 ? 245 LYS A CB  1 
ATOM   671 C CG  . LYS A 1 99 ? -8.613  -11.775 2.096   1.00 39.59 ? 245 LYS A CG  1 
ATOM   672 C CD  . LYS A 1 99 ? -8.129  -12.856 1.133   1.00 39.57 ? 245 LYS A CD  1 
ATOM   673 C CE  . LYS A 1 99 ? -6.772  -13.411 1.573   1.00 33.72 ? 245 LYS A CE  1 
ATOM   674 N NZ  . LYS A 1 99 ? -6.317  -14.548 0.724   1.00 34.61 ? 245 LYS A NZ  1 
HETATM 675 O O   . HOH B 2 .  ? -8.908  -4.071  -2.983  1.00 31.28 ? 301 HOH A O   1 
HETATM 676 O O   . HOH B 2 .  ? -2.537  8.519   12.580  1.00 26.93 ? 302 HOH A O   1 
HETATM 677 O O   . HOH B 2 .  ? 0.881   -7.925  -9.134  1.00 24.01 ? 303 HOH A O   1 
HETATM 678 O O   . HOH B 2 .  ? -11.796 -6.245  8.562   1.00 29.47 ? 304 HOH A O   1 
HETATM 679 O O   . HOH B 2 .  ? -2.841  9.908   -6.645  1.00 29.42 ? 305 HOH A O   1 
HETATM 680 O O   . HOH B 2 .  ? 9.575   -14.101 7.122   1.00 34.30 ? 306 HOH A O   1 
HETATM 681 O O   . HOH B 2 .  ? 8.559   5.793   -12.233 1.00 32.71 ? 307 HOH A O   1 
HETATM 682 O O   . HOH B 2 .  ? -1.485  11.750  3.240   1.00 33.30 ? 308 HOH A O   1 
HETATM 683 O O   . HOH B 2 .  ? 7.967   1.764   1.026   1.00 27.54 ? 309 HOH A O   1 
HETATM 684 O O   . HOH B 2 .  ? 1.154   10.912  -12.441 1.00 36.99 ? 310 HOH A O   1 
HETATM 685 O O   . HOH B 2 .  ? 5.347   -9.751  13.878  1.00 36.60 ? 311 HOH A O   1 
HETATM 686 O O   . HOH B 2 .  ? 6.085   -12.954 10.580  1.00 30.04 ? 312 HOH A O   1 
HETATM 687 O O   . HOH B 2 .  ? 4.177   4.350   -18.930 1.00 33.23 ? 313 HOH A O   1 
HETATM 688 O O   . HOH B 2 .  ? -3.953  3.086   -13.720 1.00 26.46 ? 314 HOH A O   1 
HETATM 689 O O   . HOH B 2 .  ? 2.297   7.582   -5.194  1.00 18.21 ? 315 HOH A O   1 
HETATM 690 O O   . HOH B 2 .  ? 3.792   12.065  10.196  1.00 34.08 ? 316 HOH A O   1 
HETATM 691 O O   . HOH B 2 .  ? -2.844  -12.428 9.083   1.00 15.27 ? 317 HOH A O   1 
HETATM 692 O O   . HOH B 2 .  ? 2.291   7.834   -11.055 1.00 22.65 ? 318 HOH A O   1 
HETATM 693 O O   . HOH B 2 .  ? 5.796   0.117   1.761   1.00 13.51 ? 319 HOH A O   1 
HETATM 694 O O   . HOH B 2 .  ? 11.227  -1.155  -5.869  1.00 12.33 ? 320 HOH A O   1 
HETATM 695 O O   . HOH B 2 .  ? -5.627  3.115   -12.120 1.00 25.14 ? 321 HOH A O   1 
HETATM 696 O O   . HOH B 2 .  ? 9.485   -11.282 8.402   1.00 30.52 ? 322 HOH A O   1 
HETATM 697 O O   . HOH B 2 .  ? 6.656   -3.388  -22.726 1.00 21.00 ? 323 HOH A O   1 
HETATM 698 O O   . HOH B 2 .  ? 6.866   -9.737  -6.593  1.00 22.44 ? 324 HOH A O   1 
HETATM 699 O O   . HOH B 2 .  ? -6.037  -10.546 3.131   1.00 22.29 ? 325 HOH A O   1 
HETATM 700 O O   . HOH B 2 .  ? -8.840  3.835   7.292   1.00 16.37 ? 326 HOH A O   1 
HETATM 701 O O   . HOH B 2 .  ? -8.113  8.059   14.252  1.00 23.26 ? 327 HOH A O   1 
HETATM 702 O O   . HOH B 2 .  ? -11.365 -4.976  -1.650  1.00 22.20 ? 328 HOH A O   1 
HETATM 703 O O   . HOH B 2 .  ? 0.148   11.118  5.894   1.00 19.81 ? 329 HOH A O   1 
HETATM 704 O O   . HOH B 2 .  ? 12.149  -6.307  3.641   1.00 24.52 ? 330 HOH A O   1 
HETATM 705 O O   . HOH B 2 .  ? -2.240  -11.030 -4.585  1.00 23.63 ? 331 HOH A O   1 
HETATM 706 O O   . HOH B 2 .  ? -2.075  5.009   -12.642 1.00 19.86 ? 332 HOH A O   1 
HETATM 707 O O   . HOH B 2 .  ? -10.193 9.036   -5.516  1.00 20.50 ? 333 HOH A O   1 
HETATM 708 O O   . HOH B 2 .  ? -8.227  7.929   -9.736  1.00 11.50 ? 334 HOH A O   1 
HETATM 709 O O   . HOH B 2 .  ? 4.830   -12.148 -2.233  1.00 28.75 ? 335 HOH A O   1 
HETATM 710 O O   . HOH B 2 .  ? 5.175   -6.662  -8.334  1.00 11.30 ? 336 HOH A O   1 
HETATM 711 O O   . HOH B 2 .  ? 13.696  3.809   2.265   1.00 34.61 ? 337 HOH A O   1 
HETATM 712 O O   . HOH B 2 .  ? 9.970   0.773   1.568   1.00 23.65 ? 338 HOH A O   1 
HETATM 713 O O   . HOH B 2 .  ? -12.537 5.173   1.443   1.00 22.07 ? 339 HOH A O   1 
HETATM 714 O O   . HOH B 2 .  ? -9.336  3.572   -13.843 1.00 16.97 ? 340 HOH A O   1 
HETATM 715 O O   . HOH B 2 .  ? -14.600 -4.403  1.184   1.00 30.17 ? 341 HOH A O   1 
HETATM 716 O O   . HOH B 2 .  ? -9.047  3.719   10.133  1.00 18.17 ? 342 HOH A O   1 
HETATM 717 O O   . HOH B 2 .  ? -2.187  -6.492  -14.000 1.00 25.42 ? 343 HOH A O   1 
HETATM 718 O O   . HOH B 2 .  ? 4.829   -15.469 3.074   0.50 26.83 ? 344 HOH A O   1 
HETATM 719 O O   . HOH B 2 .  ? -4.191  9.669   -0.085  1.00 34.95 ? 345 HOH A O   1 
HETATM 720 O O   . HOH B 2 .  ? 5.605   6.237   -5.400  1.00 22.64 ? 346 HOH A O   1 
HETATM 721 O O   . HOH B 2 .  ? 11.655  7.405   7.876   1.00 25.52 ? 347 HOH A O   1 
HETATM 722 O O   . HOH B 2 .  ? 1.672   -5.580  -8.273  1.00 15.01 ? 348 HOH A O   1 
HETATM 723 O O   . HOH B 2 .  ? 6.512   11.621  4.964   1.00 25.50 ? 349 HOH A O   1 
HETATM 724 O O   . HOH B 2 .  ? 6.332   1.479   -18.613 1.00 23.17 ? 350 HOH A O   1 
HETATM 725 O O   . HOH B 2 .  ? 10.743  3.070   -7.666  1.00 27.28 ? 351 HOH A O   1 
HETATM 726 O O   . HOH B 2 .  ? 0.143   -11.459 -7.729  1.00 29.80 ? 352 HOH A O   1 
HETATM 727 O O   . HOH B 2 .  ? 4.573   6.608   -11.650 1.00 26.20 ? 353 HOH A O   1 
HETATM 728 O O   . HOH B 2 .  ? 12.288  -0.050  8.201   1.00 30.83 ? 354 HOH A O   1 
HETATM 729 O O   . HOH B 2 .  ? 8.367   -1.454  2.038   1.00 17.22 ? 355 HOH A O   1 
HETATM 730 O O   . HOH B 2 .  ? 4.002   10.956  -3.355  1.00 31.20 ? 356 HOH A O   1 
HETATM 731 O O   . HOH B 2 .  ? 1.100   9.858   -5.342  1.00 33.00 ? 357 HOH A O   1 
HETATM 732 O O   . HOH B 2 .  ? 6.519   10.152  13.738  1.00 47.26 ? 358 HOH A O   1 
HETATM 733 O O   . HOH B 2 .  ? 6.436   13.212  -0.278  1.00 29.54 ? 359 HOH A O   1 
HETATM 734 O O   . HOH B 2 .  ? 6.172   -1.488  13.430  1.00 20.35 ? 360 HOH A O   1 
HETATM 735 O O   . HOH B 2 .  ? 10.567  -11.157 0.972   1.00 23.32 ? 361 HOH A O   1 
HETATM 736 O O   . HOH B 2 .  ? -13.214 3.176   1.311   1.00 24.07 ? 362 HOH A O   1 
HETATM 737 O O   . HOH B 2 .  ? 1.552   12.687  2.607   1.00 34.48 ? 363 HOH A O   1 
HETATM 738 O O   . HOH B 2 .  ? -4.953  -0.935  -12.883 1.00 18.95 ? 364 HOH A O   1 
HETATM 739 O O   . HOH B 2 .  ? 2.216   -9.081  -14.591 1.00 31.57 ? 365 HOH A O   1 
HETATM 740 O O   . HOH B 2 .  ? 6.794   -13.069 -11.807 1.00 32.82 ? 366 HOH A O   1 
HETATM 741 O O   . HOH B 2 .  ? -11.115 0.021   5.780   1.00 23.85 ? 367 HOH A O   1 
HETATM 742 O O   . HOH B 2 .  ? -4.951  -11.602 -3.765  1.00 18.68 ? 368 HOH A O   1 
HETATM 743 O O   . HOH B 2 .  ? -2.207  -9.711  11.552  1.00 23.98 ? 369 HOH A O   1 
HETATM 744 O O   . HOH B 2 .  ? -3.921  -3.358  -11.740 1.00 19.78 ? 370 HOH A O   1 
HETATM 745 O O   . HOH B 2 .  ? 8.266   6.092   -4.800  1.00 21.19 ? 371 HOH A O   1 
HETATM 746 O O   . HOH B 2 .  ? -2.727  12.586  6.516   1.00 30.59 ? 372 HOH A O   1 
HETATM 747 O O   . HOH B 2 .  ? -9.133  9.121   -3.142  1.00 30.00 ? 373 HOH A O   1 
HETATM 748 O O   . HOH B 2 .  ? -5.326  10.422  -1.893  1.00 40.40 ? 374 HOH A O   1 
HETATM 749 O O   . HOH B 2 .  ? 2.313   -14.827 4.152   0.50 22.60 ? 375 HOH A O   1 
HETATM 750 O O   . HOH B 2 .  ? 4.238   -11.645 13.160  1.00 37.94 ? 376 HOH A O   1 
HETATM 751 O O   . HOH B 2 .  ? -11.410 -2.061  5.230   1.00 26.98 ? 377 HOH A O   1 
HETATM 752 O O   . HOH B 2 .  ? -6.692  10.537  -8.846  1.00 27.29 ? 378 HOH A O   1 
HETATM 753 O O   . HOH B 2 .  ? 1.625   -13.034 -5.198  1.00 36.04 ? 379 HOH A O   1 
HETATM 754 O O   . HOH B 2 .  ? -7.362  -7.271  9.383   1.00 26.93 ? 380 HOH A O   1 
HETATM 755 O O   . HOH B 2 .  ? 1.231   -13.370 -3.001  1.00 31.12 ? 381 HOH A O   1 
HETATM 756 O O   . HOH B 2 .  ? 12.995  6.675   4.169   1.00 34.95 ? 382 HOH A O   1 
HETATM 757 O O   . HOH B 2 .  ? 13.286  -6.445  6.059   1.00 36.85 ? 383 HOH A O   1 
HETATM 758 O O   . HOH B 2 .  ? 4.351   -2.324  -22.556 1.00 37.43 ? 384 HOH A O   1 
HETATM 759 O O   . HOH B 2 .  ? -1.215  6.543   -17.746 1.00 40.51 ? 385 HOH A O   1 
HETATM 760 O O   . HOH B 2 .  ? -13.771 -6.732  -0.225  1.00 36.78 ? 386 HOH A O   1 
HETATM 761 O O   . HOH B 2 .  ? 12.267  8.405   5.206   1.00 34.84 ? 387 HOH A O   1 
HETATM 762 O O   . HOH B 2 .  ? 0.311   12.223  0.656   1.00 35.38 ? 388 HOH A O   1 
HETATM 763 O O   . HOH B 2 .  ? 7.634   -7.460  -8.183  0.50 27.32 ? 389 HOH A O   1 
HETATM 764 O O   . HOH B 2 .  ? 9.267   1.682   12.264  1.00 31.28 ? 390 HOH A O   1 
HETATM 765 O O   . HOH B 2 .  ? -0.770  -8.647  -12.334 1.00 36.87 ? 391 HOH A O   1 
HETATM 766 O O   . HOH B 2 .  ? 10.145  5.318   -6.516  1.00 33.49 ? 392 HOH A O   1 
HETATM 767 O O   . HOH B 2 .  ? -8.896  10.421  13.471  1.00 37.31 ? 393 HOH A O   1 
HETATM 768 O O   . HOH B 2 .  ? -6.313  -1.703  -14.986 1.00 31.30 ? 394 HOH A O   1 
HETATM 769 O O   . HOH B 2 .  ? 3.149   9.956   -12.729 1.00 41.38 ? 395 HOH A O   1 
HETATM 770 O O   . HOH B 2 .  ? 8.375   14.866  10.025  1.00 36.94 ? 396 HOH A O   1 
HETATM 771 O O   . HOH B 2 .  ? -1.197  -9.491  -8.646  1.00 30.29 ? 397 HOH A O   1 
HETATM 772 O O   . HOH B 2 .  ? -10.243 11.191  -2.959  1.00 34.54 ? 398 HOH A O   1 
HETATM 773 O O   . HOH B 2 .  ? -1.091  -12.771 -5.299  1.00 34.72 ? 399 HOH A O   1 
HETATM 774 O O   . HOH B 2 .  ? 8.402   -0.321  -16.465 1.00 29.55 ? 400 HOH A O   1 
HETATM 775 O O   . HOH B 2 .  ? -4.562  -5.316  -13.351 1.00 34.54 ? 401 HOH A O   1 
HETATM 776 O O   . HOH B 2 .  ? 7.339   12.823  1.897   1.00 38.31 ? 402 HOH A O   1 
HETATM 777 O O   . HOH B 2 .  ? -2.870  -9.349  -6.814  1.00 35.28 ? 403 HOH A O   1 
HETATM 778 O O   . HOH B 2 .  ? -13.137 1.785   6.062   1.00 34.09 ? 404 HOH A O   1 
HETATM 779 O O   . HOH B 2 .  ? 8.377   0.267   -1.570  1.00 28.94 ? 405 HOH A O   1 
HETATM 780 O O   . HOH B 2 .  ? 4.343   -3.863  -24.343 1.00 38.67 ? 406 HOH A O   1 
HETATM 781 O O   . HOH B 2 .  ? 8.843   -2.640  -16.273 1.00 32.32 ? 407 HOH A O   1 
HETATM 782 O O   . HOH B 2 .  ? 8.585   -12.473 10.666  1.00 37.87 ? 408 HOH A O   1 
HETATM 783 O O   . HOH B 2 .  ? 11.854  1.200   10.649  1.00 38.36 ? 409 HOH A O   1 
HETATM 784 O O   . HOH B 2 .  ? -3.792  -7.989  -11.475 1.00 40.95 ? 410 HOH A O   1 
# 
loop_
_atom_site_anisotrop.id 
_atom_site_anisotrop.type_symbol 
_atom_site_anisotrop.pdbx_label_atom_id 
_atom_site_anisotrop.pdbx_label_alt_id 
_atom_site_anisotrop.pdbx_label_comp_id 
_atom_site_anisotrop.pdbx_label_asym_id 
_atom_site_anisotrop.pdbx_label_seq_id 
_atom_site_anisotrop.pdbx_PDB_ins_code 
_atom_site_anisotrop.U[1][1] 
_atom_site_anisotrop.U[2][2] 
_atom_site_anisotrop.U[3][3] 
_atom_site_anisotrop.U[1][2] 
_atom_site_anisotrop.U[1][3] 
_atom_site_anisotrop.U[2][3] 
_atom_site_anisotrop.pdbx_auth_seq_id 
_atom_site_anisotrop.pdbx_auth_comp_id 
_atom_site_anisotrop.pdbx_auth_asym_id 
_atom_site_anisotrop.pdbx_auth_atom_id 
1   N N   . SER A 15 ? 0.1932 0.3112 0.3045 0.0599  0.0673  0.1516  161 SER A N   
2   C CA  A SER A 15 ? 0.1649 0.2616 0.2448 0.0551  0.0595  0.1227  161 SER A CA  
3   C CA  B SER A 15 ? 0.1651 0.2620 0.2448 0.0552  0.0596  0.1228  161 SER A CA  
4   C C   . SER A 15 ? 0.1870 0.2721 0.2547 0.0495  0.0510  0.1079  161 SER A C   
5   O O   . SER A 15 ? 0.2273 0.3171 0.3147 0.0466  0.0502  0.1176  161 SER A O   
6   C CB  A SER A 15 ? 0.1840 0.2680 0.2813 0.0409  0.0523  0.1135  161 SER A CB  
7   C CB  B SER A 15 ? 0.1836 0.2682 0.2803 0.0413  0.0526  0.1138  161 SER A CB  
8   O OG  A SER A 15 ? 0.1790 0.2512 0.2992 0.0269  0.0426  0.1097  161 SER A OG  
9   O OG  B SER A 15 ? 0.1610 0.2589 0.2735 0.0458  0.0597  0.1305  161 SER A OG  
10  N N   . ARG A 16 ? 0.1591 0.2298 0.1982 0.0480  0.0446  0.0866  162 ARG A N   
11  C CA  . ARG A 16 ? 0.1564 0.2185 0.1871 0.0427  0.0360  0.0752  162 ARG A CA  
12  C C   . ARG A 16 ? 0.1451 0.1906 0.1768 0.0315  0.0288  0.0575  162 ARG A C   
13  O O   . ARG A 16 ? 0.1526 0.1909 0.1696 0.0316  0.0274  0.0472  162 ARG A O   
14  C CB  . ARG A 16 ? 0.1771 0.2394 0.1723 0.0527  0.0323  0.0700  162 ARG A CB  
15  C CG  . ARG A 16 ? 0.2031 0.2821 0.1904 0.0664  0.0388  0.0873  162 ARG A CG  
16  C CD  . ARG A 16 ? 0.2317 0.3045 0.1737 0.0783  0.0323  0.0785  162 ARG A CD  
17  N NE  . ARG A 16 ? 0.2920 0.3811 0.2204 0.0934  0.0380  0.0949  162 ARG A NE  
18  C CZ  . ARG A 16 ? 0.3236 0.4234 0.2357 0.1122  0.0512  0.1077  162 ARG A CZ  
19  N NH1 . ARG A 16 ? 0.3816 0.4783 0.2910 0.1179  0.0603  0.1068  162 ARG A NH1 
20  N NH2 . ARG A 16 ? 0.3730 0.4883 0.2766 0.1253  0.0559  0.1211  162 ARG A NH2 
21  N N   . SER A 17 ? 0.1360 0.1757 0.1842 0.0237  0.0255  0.0554  163 SER A N   
22  C CA  A SER A 17 ? 0.1287 0.1545 0.1774 0.0162  0.0211  0.0416  163 SER A CA  
23  C CA  B SER A 17 ? 0.1286 0.1545 0.1774 0.0162  0.0212  0.0416  163 SER A CA  
24  C C   . SER A 17 ? 0.1298 0.1549 0.1709 0.0155  0.0159  0.0366  163 SER A C   
25  O O   . SER A 17 ? 0.1333 0.1660 0.1785 0.0178  0.0152  0.0448  163 SER A O   
26  C CB  A SER A 17 ? 0.1542 0.1706 0.2233 0.0111  0.0215  0.0427  163 SER A CB  
27  C CB  B SER A 17 ? 0.1544 0.1707 0.2235 0.0110  0.0215  0.0427  163 SER A CB  
28  O OG  A SER A 17 ? 0.1956 0.2131 0.2779 0.0092  0.0225  0.0502  163 SER A OG  
29  O OG  B SER A 17 ? 0.2080 0.2111 0.2719 0.0072  0.0189  0.0299  163 SER A OG  
30  N N   . TYR A 18 ? 0.1272 0.1452 0.1610 0.0120  0.0118  0.0260  164 TYR A N   
31  C CA  . TYR A 18 ? 0.1285 0.1476 0.1614 0.0099  0.0051  0.0245  164 TYR A CA  
32  C C   . TYR A 18 ? 0.1211 0.1342 0.1614 0.0065  0.0063  0.0193  164 TYR A C   
33  O O   . TYR A 18 ? 0.1272 0.1337 0.1642 0.0053  0.0090  0.0125  164 TYR A O   
34  C CB  . TYR A 18 ? 0.1402 0.1571 0.1535 0.0104  -0.0043 0.0187  164 TYR A CB  
35  C CG  . TYR A 18 ? 0.1561 0.1768 0.1518 0.0177  -0.0058 0.0225  164 TYR A CG  
36  C CD1 . TYR A 18 ? 0.1655 0.1935 0.1598 0.0191  -0.0121 0.0300  164 TYR A CD1 
37  C CD2 . TYR A 18 ? 0.1639 0.1831 0.1444 0.0249  0.0001  0.0210  164 TYR A CD2 
38  C CE1 . TYR A 18 ? 0.1846 0.2167 0.1581 0.0281  -0.0131 0.0341  164 TYR A CE1 
39  C CE2 . TYR A 18 ? 0.1866 0.2104 0.1474 0.0355  0.0014  0.0265  164 TYR A CE2 
40  C CZ  . TYR A 18 ? 0.1958 0.2257 0.1512 0.0374  -0.0054 0.0323  164 TYR A CZ  
41  O OH  . TYR A 18 ? 0.2465 0.2814 0.1774 0.0504  -0.0039 0.0383  164 TYR A OH  
42  N N   . ARG A 19 ? 0.1199 0.1379 0.1714 0.0059  0.0046  0.0247  165 ARG A N   
43  C CA  A ARG A 19 ? 0.1157 0.1324 0.1741 0.0053  0.0066  0.0235  165 ARG A CA  
44  C CA  B ARG A 19 ? 0.1158 0.1324 0.1740 0.0052  0.0066  0.0234  165 ARG A CA  
45  C C   . ARG A 19 ? 0.1180 0.1369 0.1755 0.0001  -0.0042 0.0224  165 ARG A C   
46  O O   . ARG A 19 ? 0.1487 0.1717 0.2070 -0.0028 -0.0151 0.0264  165 ARG A O   
47  C CB  A ARG A 19 ? 0.1161 0.1388 0.1906 0.0100  0.0128  0.0343  165 ARG A CB  
48  C CB  B ARG A 19 ? 0.1162 0.1385 0.1904 0.0100  0.0130  0.0341  165 ARG A CB  
49  C CG  A ARG A 19 ? 0.1220 0.1363 0.1967 0.0164  0.0224  0.0344  165 ARG A CG  
50  C CG  B ARG A 19 ? 0.1246 0.1370 0.1974 0.0163  0.0227  0.0327  165 ARG A CG  
51  C CD  A ARG A 19 ? 0.1974 0.1955 0.2594 0.0179  0.0262  0.0226  165 ARG A CD  
52  C CD  B ARG A 19 ? 0.1529 0.1661 0.2360 0.0254  0.0321  0.0413  165 ARG A CD  
53  N NE  A ARG A 19 ? 0.2137 0.1980 0.2754 0.0252  0.0330  0.0222  165 ARG A NE  
54  N NE  B ARG A 19 ? 0.2093 0.2027 0.2817 0.0326  0.0396  0.0333  165 ARG A NE  
55  C CZ  A ARG A 19 ? 0.2552 0.2213 0.3086 0.0249  0.0316  0.0133  165 ARG A CZ  
56  C CZ  B ARG A 19 ? 0.2534 0.2390 0.3257 0.0447  0.0497  0.0369  165 ARG A CZ  
57  N NH1 A ARG A 19 ? 0.2427 0.2069 0.2912 0.0174  0.0253  0.0073  165 ARG A NH1 
58  N NH1 B ARG A 19 ? 0.2195 0.2205 0.3071 0.0513  0.0564  0.0521  165 ARG A NH1 
59  N NH2 A ARG A 19 ? 0.2907 0.2389 0.3420 0.0323  0.0355  0.0118  165 ARG A NH2 
60  N NH2 B ARG A 19 ? 0.2692 0.2298 0.3256 0.0511  0.0526  0.0260  165 ARG A NH2 
61  N N   . GLU A 20 ? 0.1138 0.1286 0.1698 -0.0012 -0.0031 0.0169  166 GLU A N   
62  C CA  . GLU A 20 ? 0.1258 0.1402 0.1852 -0.0064 -0.0137 0.0163  166 GLU A CA  
63  C C   . GLU A 20 ? 0.1105 0.1235 0.1721 -0.0057 -0.0074 0.0137  166 GLU A C   
64  O O   . GLU A 20 ? 0.1319 0.1383 0.1806 -0.0037 -0.0014 0.0052  166 GLU A O   
65  C CB  . GLU A 20 ? 0.1691 0.1730 0.2082 -0.0079 -0.0234 0.0066  166 GLU A CB  
66  C CG  . GLU A 20 ? 0.2385 0.2355 0.2797 -0.0137 -0.0387 0.0050  166 GLU A CG  
67  C CD  . GLU A 20 ? 0.2754 0.2558 0.2889 -0.0110 -0.0464 -0.0075 166 GLU A CD  
68  O OE1 . GLU A 20 ? 0.3251 0.3019 0.3238 -0.0051 -0.0356 -0.0137 166 GLU A OE1 
69  O OE2 . GLU A 20 ? 0.2561 0.2258 0.2620 -0.0139 -0.0640 -0.0101 166 GLU A OE2 
70  N N   . THR A 21 ? 0.1178 0.1393 0.1983 -0.0070 -0.0088 0.0235  167 THR A N   
71  C CA  . THR A 21 ? 0.1214 0.1439 0.2041 -0.0054 -0.0031 0.0232  167 THR A CA  
72  C C   . THR A 21 ? 0.1397 0.1554 0.2228 -0.0122 -0.0146 0.0183  167 THR A C   
73  O O   . THR A 21 ? 0.1787 0.1905 0.2679 -0.0182 -0.0292 0.0198  167 THR A O   
74  C CB  . THR A 21 ? 0.1165 0.1540 0.2207 -0.0002 0.0044  0.0397  167 THR A CB  
75  O OG1 . THR A 21 ? 0.1746 0.2220 0.3052 -0.0069 -0.0075 0.0536  167 THR A OG1 
76  C CG2 . THR A 21 ? 0.1396 0.1794 0.2390 0.0100  0.0172  0.0433  167 THR A CG2 
77  N N   . GLY A 22 ? 0.1064 0.1182 0.1813 -0.0107 -0.0093 0.0122  168 GLY A N   
78  C CA  . GLY A 22 ? 0.1117 0.1154 0.1873 -0.0153 -0.0181 0.0079  168 GLY A CA  
79  C C   . GLY A 22 ? 0.1135 0.1192 0.1857 -0.0124 -0.0092 0.0060  168 GLY A C   
80  O O   . GLY A 22 ? 0.1075 0.1197 0.1750 -0.0073 0.0016  0.0075  168 GLY A O   
81  N N   . THR A 23 ? 0.1264 0.1242 0.1994 -0.0153 -0.0150 0.0026  169 THR A N   
82  C CA  . THR A 23 ? 0.1073 0.1073 0.1782 -0.0131 -0.0080 0.0017  169 THR A CA  
83  C C   . THR A 23 ? 0.1179 0.1035 0.1727 -0.0124 -0.0105 -0.0090 169 THR A C   
84  O O   . THR A 23 ? 0.1817 0.1529 0.2325 -0.0136 -0.0206 -0.0139 169 THR A O   
85  C CB  . THR A 23 ? 0.1113 0.1189 0.2062 -0.0154 -0.0105 0.0133  169 THR A CB  
86  O OG1 . THR A 23 ? 0.1581 0.1825 0.2699 -0.0131 -0.0058 0.0274  169 THR A OG1 
87  C CG2 . THR A 23 ? 0.1226 0.1345 0.2153 -0.0128 -0.0032 0.0138  169 THR A CG2 
88  N N   . MET A 24 ? 0.1101 0.0984 0.1551 -0.0094 -0.0022 -0.0117 170 MET A N   
89  C CA  . MET A 24 ? 0.1198 0.0991 0.1540 -0.0062 -0.0010 -0.0170 170 MET A CA  
90  C C   . MET A 24 ? 0.1182 0.1023 0.1617 -0.0062 0.0025  -0.0125 170 MET A C   
91  O O   . MET A 24 ? 0.1114 0.1081 0.1617 -0.0074 0.0066  -0.0067 170 MET A O   
92  C CB  . MET A 24 ? 0.1548 0.1369 0.1773 -0.0031 0.0053  -0.0185 170 MET A CB  
93  C CG  . MET A 24 ? 0.2195 0.1969 0.2340 0.0029  0.0098  -0.0190 170 MET A CG  
94  S SD  . MET A 24 ? 0.2363 0.2239 0.2497 0.0051  0.0170  -0.0130 170 MET A SD  
95  C CE  . MET A 24 ? 0.1535 0.1383 0.1612 0.0158  0.0248  -0.0088 170 MET A CE  
96  N N   . THR A 25 ? 0.1203 0.0928 0.1621 -0.0033 0.0006  -0.0149 171 THR A N   
97  C CA  . THR A 25 ? 0.1176 0.0944 0.1684 -0.0019 0.0052  -0.0096 171 THR A CA  
98  C C   . THR A 25 ? 0.1248 0.0977 0.1634 0.0053  0.0121  -0.0112 171 THR A C   
99  O O   . THR A 25 ? 0.1437 0.1000 0.1671 0.0124  0.0112  -0.0179 171 THR A O   
100 C CB  . THR A 25 ? 0.1285 0.0938 0.1919 -0.0033 -0.0021 -0.0086 171 THR A CB  
101 O OG1 . THR A 25 ? 0.1389 0.1134 0.2209 -0.0097 -0.0076 -0.0014 171 THR A OG1 
102 C CG2 . THR A 25 ? 0.1299 0.0998 0.2041 -0.0008 0.0036  -0.0018 171 THR A CG2 
103 N N   . VAL A 26 ? 0.1133 0.1016 0.1580 0.0048  0.0186  -0.0037 172 VAL A N   
104 C CA  . VAL A 26 ? 0.1178 0.1087 0.1584 0.0113  0.0261  0.0007  172 VAL A CA  
105 C C   . VAL A 26 ? 0.1316 0.1131 0.1729 0.0197  0.0306  0.0025  172 VAL A C   
106 O O   . VAL A 26 ? 0.1281 0.1119 0.1827 0.0172  0.0296  0.0066  172 VAL A O   
107 C CB  . VAL A 26 ? 0.1146 0.1244 0.1663 0.0057  0.0272  0.0102  172 VAL A CB  
108 C CG1 . VAL A 26 ? 0.1219 0.1386 0.1777 0.0119  0.0345  0.0203  172 VAL A CG1 
109 C CG2 . VAL A 26 ? 0.1111 0.1235 0.1583 -0.0007 0.0219  0.0063  172 VAL A CG2 
110 N N   . THR A 27 ? 0.1211 0.0734 0.1193 -0.0072 0.0450  0.0273  173 THR A N   
111 C CA  . THR A 27 ? 0.1455 0.0894 0.1611 -0.0058 0.0484  0.0269  173 THR A CA  
112 C C   . THR A 27 ? 0.1788 0.1260 0.2048 0.0001  0.0426  0.0269  173 THR A C   
113 O O   . THR A 27 ? 0.2021 0.1425 0.2492 0.0036  0.0431  0.0252  173 THR A O   
114 C CB  . THR A 27 ? 0.1700 0.1182 0.2009 -0.0099 0.0544  0.0115  173 THR A CB  
115 O OG1 . THR A 27 ? 0.1946 0.1521 0.2128 -0.0095 0.0497  0.0014  173 THR A OG1 
116 C CG2 . THR A 27 ? 0.1539 0.1005 0.1938 -0.0162 0.0615  0.0065  173 THR A CG2 
117 N N   . VAL A 28 ? 0.1587 0.1158 0.1772 0.0007  0.0383  0.0258  174 VAL A N   
118 C CA  . VAL A 28 ? 0.1396 0.1032 0.1785 0.0045  0.0349  0.0216  174 VAL A CA  
119 C C   . VAL A 28 ? 0.1569 0.1158 0.1943 0.0132  0.0185  0.0311  174 VAL A C   
120 O O   . VAL A 28 ? 0.1915 0.1384 0.2012 0.0141  0.0142  0.0426  174 VAL A O   
121 C CB  . VAL A 28 ? 0.1654 0.1370 0.1975 -0.0018 0.0423  0.0139  174 VAL A CB  
122 C CG1 . VAL A 28 ? 0.1714 0.1374 0.1921 -0.0086 0.0564  0.0046  174 VAL A CG1 
123 C CG2 . VAL A 28 ? 0.1609 0.1319 0.1661 -0.0026 0.0358  0.0212  174 VAL A CG2 
124 N N   . ASP A 29 ? 0.1436 0.1108 0.2108 0.0198  0.0090  0.0236  175 ASP A N   
125 C CA  . ASP A 29 ? 0.1578 0.1163 0.2212 0.0321  -0.0146 0.0302  175 ASP A CA  
126 C C   . ASP A 29 ? 0.1664 0.1255 0.1960 0.0305  -0.0205 0.0363  175 ASP A C   
127 O O   . ASP A 29 ? 0.1946 0.1343 0.1896 0.0367  -0.0333 0.0482  175 ASP A O   
128 C CB  . ASP A 29 ? 0.1628 0.1347 0.2788 0.0416  -0.0283 0.0141  175 ASP A CB  
129 C CG  . ASP A 29 ? 0.2413 0.2389 0.3862 0.0335  -0.0190 -0.0030 175 ASP A CG  
130 O OD1 . ASP A 29 ? 0.2692 0.2702 0.3952 0.0196  0.0028  -0.0026 175 ASP A OD1 
131 O OD2 . ASP A 29 ? 0.4193 0.4310 0.6084 0.0415  -0.0346 -0.0185 175 ASP A OD2 
132 N N   . ALA A 30 ? 0.1440 0.1200 0.1788 0.0217  -0.0102 0.0283  176 ALA A N   
133 C CA  . ALA A 30 ? 0.1478 0.1263 0.1593 0.0205  -0.0160 0.0303  176 ALA A CA  
134 C C   . ALA A 30 ? 0.1376 0.1247 0.1497 0.0096  -0.0006 0.0245  176 ALA A C   
135 O O   . ALA A 30 ? 0.1245 0.1161 0.1575 0.0036  0.0119  0.0161  176 ALA A O   
136 C CB  . ALA A 30 ? 0.1740 0.1593 0.2031 0.0299  -0.0378 0.0222  176 ALA A CB  
137 N N   . LEU A 31 ? 0.1520 0.1365 0.1378 0.0073  -0.0007 0.0283  177 LEU A N   
138 C CA  . LEU A 31 ? 0.1114 0.0961 0.0924 0.0005  0.0072  0.0244  177 LEU A CA  
139 C C   . LEU A 31 ? 0.1202 0.1089 0.0968 0.0019  -0.0018 0.0209  177 LEU A C   
140 O O   . LEU A 31 ? 0.1631 0.1517 0.1225 0.0061  -0.0094 0.0234  177 LEU A O   
141 C CB  . LEU A 31 ? 0.1164 0.0935 0.0774 -0.0017 0.0130  0.0274  177 LEU A CB  
142 C CG  . LEU A 31 ? 0.1406 0.1125 0.1038 -0.0038 0.0215  0.0268  177 LEU A CG  
143 C CD1 . LEU A 31 ? 0.1502 0.1189 0.1019 -0.0034 0.0209  0.0256  177 LEU A CD1 
144 C CD2 . LEU A 31 ? 0.1655 0.1285 0.1270 -0.0096 0.0317  0.0224  177 LEU A CD2 
145 N N   . ASN A 32 ? 0.1128 0.1016 0.1023 -0.0031 0.0021  0.0142  178 ASN A N   
146 C CA  . ASN A 32 ? 0.1254 0.1173 0.1153 -0.0025 -0.0058 0.0083  178 ASN A CA  
147 C C   . ASN A 32 ? 0.1605 0.1436 0.1278 -0.0027 -0.0049 0.0109  178 ASN A C   
148 O O   . ASN A 32 ? 0.1766 0.1468 0.1317 -0.0044 0.0010  0.0152  178 ASN A O   
149 C CB  . ASN A 32 ? 0.1521 0.1430 0.1688 -0.0101 0.0017  -0.0012 178 ASN A CB  
150 C CG  . ASN A 32 ? 0.1545 0.1617 0.2116 -0.0088 -0.0023 -0.0126 178 ASN A CG  
151 O OD1 . ASN A 32 ? 0.1894 0.2079 0.2516 0.0015  -0.0223 -0.0159 178 ASN A OD1 
152 N ND2 . ASN A 32 ? 0.1714 0.1764 0.2559 -0.0190 0.0164  -0.0202 178 ASN A ND2 
153 N N   . VAL A 33 ? 0.1180 0.1075 0.0807 0.0006  -0.0131 0.0054  179 VAL A N   
154 C CA  . VAL A 33 ? 0.1292 0.1144 0.0844 0.0015  -0.0137 0.0010  179 VAL A CA  
155 C C   . VAL A 33 ? 0.1201 0.0996 0.0884 -0.0008 -0.0166 -0.0063 179 VAL A C   
156 O O   . VAL A 33 ? 0.1363 0.1260 0.1166 -0.0008 -0.0224 -0.0150 179 VAL A O   
157 C CB  . VAL A 33 ? 0.1491 0.1437 0.0920 0.0041  -0.0147 -0.0042 179 VAL A CB  
158 C CG1 . VAL A 33 ? 0.1624 0.1575 0.1114 0.0051  -0.0136 -0.0142 179 VAL A CG1 
159 C CG2 . VAL A 33 ? 0.1774 0.1713 0.1063 0.0037  -0.0083 0.0042  179 VAL A CG2 
160 N N   . ARG A 34 ? 0.1308 0.0898 0.0949 -0.0020 -0.0146 -0.0038 180 ARG A N   
161 C CA  . ARG A 34 ? 0.1543 0.0968 0.1276 -0.0062 -0.0135 -0.0079 180 ARG A CA  
162 C C   . ARG A 34 ? 0.1594 0.0896 0.1302 0.0000  -0.0229 -0.0132 180 ARG A C   
163 O O   . ARG A 34 ? 0.1690 0.0995 0.1323 0.0074  -0.0297 -0.0135 180 ARG A O   
164 C CB  . ARG A 34 ? 0.1848 0.0982 0.1466 -0.0144 -0.0001 0.0018  180 ARG A CB  
165 C CG  . ARG A 34 ? 0.2272 0.1550 0.2063 -0.0217 0.0117  0.0007  180 ARG A CG  
166 C CD  . ARG A 34 ? 0.2564 0.1521 0.2197 -0.0327 0.0323  0.0076  180 ARG A CD  
167 N NE  . ARG A 34 ? 0.2258 0.1378 0.2147 -0.0401 0.0467  0.0017  180 ARG A NE  
168 C CZ  . ARG A 34 ? 0.2341 0.1568 0.2659 -0.0497 0.0584  -0.0124 180 ARG A CZ  
169 N NH1 . ARG A 34 ? 0.2555 0.1739 0.3071 -0.0545 0.0585  -0.0211 180 ARG A NH1 
170 N NH2 . ARG A 34 ? 0.2486 0.1883 0.3116 -0.0545 0.0700  -0.0213 180 ARG A NH2 
171 N N   . ARG A 35 ? 0.2250 0.1155 0.1370 0.0228  -0.0041 -0.0081 181 ARG A N   
172 C CA  . ARG A 35 ? 0.2589 0.0891 0.1429 0.0213  0.0093  -0.0056 181 ARG A CA  
173 C C   . ARG A 35 ? 0.2652 0.0757 0.1494 0.0171  0.0199  0.0020  181 ARG A C   
174 O O   . ARG A 35 ? 0.2910 0.0790 0.1606 0.0180  0.0305  0.0057  181 ARG A O   
175 C CB  . ARG A 35 ? 0.3108 0.1090 0.1574 -0.0008 0.0111  -0.0191 181 ARG A CB  
176 C CG  . ARG A 35 ? 0.3181 0.1117 0.1499 0.0119  0.0051  -0.0230 181 ARG A CG  
177 C CD  . ARG A 35 ? 0.3709 0.1426 0.2004 0.0333  0.0185  -0.0097 181 ARG A CD  
178 N NE  . ARG A 35 ? 0.3489 0.1362 0.1807 0.0473  0.0143  -0.0081 181 ARG A NE  
179 C CZ  . ARG A 35 ? 0.4205 0.1780 0.2158 0.0445  0.0129  -0.0159 181 ARG A CZ  
180 N NH1 . ARG A 35 ? 0.4666 0.1847 0.2218 0.0212  0.0136  -0.0291 181 ARG A NH1 
181 N NH2 . ARG A 35 ? 0.4018 0.1740 0.1999 0.0585  0.0113  -0.0113 181 ARG A NH2 
182 N N   . ALA A 36 ? 0.2374 0.0842 0.1469 0.0135  0.0159  0.0047  182 ALA A N   
183 C CA  . ALA A 36 ? 0.2450 0.0737 0.1523 0.0140  0.0249  0.0137  182 ALA A CA  
184 C C   . ALA A 36 ? 0.2321 0.1027 0.1681 0.0235  0.0177  0.0193  182 ALA A C   
185 O O   . ALA A 36 ? 0.2042 0.1157 0.1577 0.0227  0.0098  0.0144  182 ALA A O   
186 C CB  . ALA A 36 ? 0.2833 0.0913 0.1713 -0.0156 0.0350  0.0061  182 ALA A CB  
187 N N   . PRO A 37 ? 0.2011 0.0756 0.1437 0.0309  0.0184  0.0272  183 PRO A N   
188 C CA  . PRO A 37 ? 0.2173 0.1196 0.1755 0.0356  0.0130  0.0303  183 PRO A CA  
189 C C   . PRO A 37 ? 0.2245 0.1230 0.1779 0.0279  0.0210  0.0330  183 PRO A C   
190 O O   . PRO A 37 ? 0.2448 0.1341 0.1914 0.0286  0.0247  0.0389  183 PRO A O   
191 C CB  . PRO A 37 ? 0.1943 0.1083 0.1600 0.0359  0.0081  0.0318  183 PRO A CB  
192 C CG  . PRO A 37 ? 0.2060 0.0967 0.1570 0.0361  0.0154  0.0341  183 PRO A CG  
193 C CD  . PRO A 37 ? 0.2114 0.0808 0.1498 0.0330  0.0212  0.0295  183 PRO A CD  
194 N N   . ASN A 38 ? 0.1927 0.1190 0.1572 0.0139  0.0210  0.0238  184 ASN A N   
195 C CA  . ASN A 38 ? 0.1962 0.1506 0.1720 0.0017  0.0274  0.0224  184 ASN A CA  
196 C C   . ASN A 38 ? 0.1932 0.2053 0.1923 -0.0014 0.0209  0.0152  184 ASN A C   
197 O O   . ASN A 38 ? 0.1976 0.2182 0.1969 0.0008  0.0114  0.0095  184 ASN A O   
198 C CB  . ASN A 38 ? 0.2401 0.1643 0.1991 -0.0223 0.0407  0.0205  184 ASN A CB  
199 C CG  . ASN A 38 ? 0.2736 0.1821 0.2195 -0.0457 0.0426  0.0094  184 ASN A CG  
200 O OD1 . ASN A 38 ? 0.3169 0.2690 0.2792 -0.0648 0.0379  -0.0008 184 ASN A OD1 
201 N ND2 . ASN A 38 ? 0.3392 0.1846 0.2508 -0.0442 0.0504  0.0121  184 ASN A ND2 
202 N N   . THR A 39 ? 0.2138 0.2689 0.2311 -0.0035 0.0265  0.0170  185 THR A N   
203 C CA  . THR A 39 ? 0.1777 0.3026 0.2210 0.0020  0.0201  0.0142  185 THR A CA  
204 C C   . THR A 39 ? 0.1873 0.3483 0.2421 -0.0301 0.0141  0.0019  185 THR A C   
205 O O   . THR A 39 ? 0.1758 0.4087 0.2550 -0.0277 0.0055  -0.0004 185 THR A O   
206 C CB  . THR A 39 ? 0.2201 0.3846 0.2796 0.0149  0.0311  0.0225  185 THR A CB  
207 O OG1 . THR A 39 ? 0.2318 0.3896 0.2934 -0.0112 0.0448  0.0217  185 THR A OG1 
208 C CG2 . THR A 39 ? 0.2733 0.3967 0.3104 0.0455  0.0357  0.0324  185 THR A CG2 
209 N N   . SER A 40 ? 0.2095 0.3216 0.2422 -0.0594 0.0191  -0.0057 186 SER A N   
210 C CA  . SER A 40 ? 0.2242 0.3505 0.2523 -0.0956 0.0142  -0.0202 186 SER A CA  
211 C C   . SER A 40 ? 0.2584 0.3335 0.2552 -0.0923 0.0063  -0.0259 186 SER A C   
212 O O   . SER A 40 ? 0.2992 0.3736 0.2805 -0.1226 0.0020  -0.0393 186 SER A O   
213 C CB  . SER A 40 ? 0.2952 0.3911 0.3073 -0.1367 0.0319  -0.0265 186 SER A CB  
214 O OG  . SER A 40 ? 0.3905 0.5409 0.4333 -0.1437 0.0413  -0.0221 186 SER A OG  
215 N N   . GLY A 41 ? 0.2265 0.2596 0.2117 -0.0587 0.0053  -0.0165 187 GLY A N   
216 C CA  . GLY A 41 ? 0.2349 0.2206 0.1919 -0.0525 0.0017  -0.0199 187 GLY A CA  
217 C C   . GLY A 41 ? 0.2310 0.2598 0.1934 -0.0500 -0.0146 -0.0276 187 GLY A C   
218 O O   . GLY A 41 ? 0.2118 0.3016 0.2007 -0.0319 -0.0241 -0.0237 187 GLY A O   
219 N N   . GLU A 42 ? 0.2685 0.2598 0.1984 -0.0654 -0.0162 -0.0376 188 GLU A N   
220 C CA  . GLU A 42 ? 0.2761 0.3042 0.2022 -0.0666 -0.0330 -0.0463 188 GLU A CA  
221 C C   . GLU A 42 ? 0.2417 0.2826 0.1775 -0.0229 -0.0396 -0.0359 188 GLU A C   
222 O O   . GLU A 42 ? 0.2337 0.2232 0.1577 -0.0007 -0.0306 -0.0276 188 GLU A O   
223 C CB  . GLU A 42 ? 0.3323 0.2961 0.2085 -0.0880 -0.0298 -0.0582 188 GLU A CB  
224 C CG  . GLU A 42 ? 0.3490 0.3416 0.2113 -0.0891 -0.0481 -0.0678 188 GLU A CG  
225 C CD  . GLU A 42 ? 0.5428 0.4540 0.3455 -0.1014 -0.0413 -0.0774 188 GLU A CD  
226 O OE1 . GLU A 42 ? 0.6273 0.4587 0.4005 -0.1029 -0.0203 -0.0742 188 GLU A OE1 
227 O OE2 . GLU A 42 ? 0.5951 0.5204 0.3760 -0.1063 -0.0561 -0.0869 188 GLU A OE2 
228 N N   . ILE A 43 ? 0.2175 0.1729 0.1562 -0.1013 0.0117  -0.0465 189 ILE A N   
229 C CA  . ILE A 43 ? 0.1841 0.1668 0.1342 -0.0836 0.0123  -0.0466 189 ILE A CA  
230 C C   . ILE A 43 ? 0.1916 0.1747 0.1394 -0.0805 0.0162  -0.0588 189 ILE A C   
231 O O   . ILE A 43 ? 0.2320 0.2303 0.1725 -0.0935 0.0184  -0.0668 189 ILE A O   
232 C CB  . ILE A 43 ? 0.1784 0.2105 0.1347 -0.0844 0.0093  -0.0436 189 ILE A CB  
233 C CG1 . ILE A 43 ? 0.1729 0.2149 0.1341 -0.0882 0.0077  -0.0372 189 ILE A CG1 
234 C CG2 . ILE A 43 ? 0.1733 0.2225 0.1403 -0.0640 0.0071  -0.0397 189 ILE A CG2 
235 C CD1 . ILE A 43 ? 0.1662 0.2625 0.1390 -0.0885 0.0058  -0.0414 189 ILE A CD1 
236 N N   . VAL A 44 ? 0.1758 0.1514 0.1312 -0.0637 0.0181  -0.0587 190 VAL A N   
237 C CA  . VAL A 44 ? 0.1822 0.1667 0.1344 -0.0644 0.0230  -0.0721 190 VAL A CA  
238 C C   . VAL A 44 ? 0.1625 0.1747 0.1141 -0.0572 0.0211  -0.0626 190 VAL A C   
239 O O   . VAL A 44 ? 0.1910 0.2207 0.1351 -0.0640 0.0243  -0.0711 190 VAL A O   
240 C CB  . VAL A 44 ? 0.2138 0.1696 0.1757 -0.0544 0.0272  -0.0843 190 VAL A CB  
241 C CG1 . VAL A 44 ? 0.2637 0.1848 0.2260 -0.0596 0.0249  -0.0878 190 VAL A CG1 
242 C CG2 . VAL A 44 ? 0.2140 0.1588 0.1861 -0.0371 0.0263  -0.0780 190 VAL A CG2 
243 N N   . ALA A 45 ? 0.1555 0.1721 0.1135 -0.0465 0.0159  -0.0463 191 ALA A N   
244 C CA  . ALA A 45 ? 0.1363 0.1667 0.0925 -0.0406 0.0119  -0.0347 191 ALA A CA  
245 C C   . ALA A 45 ? 0.1259 0.1555 0.0945 -0.0285 0.0066  -0.0230 191 ALA A C   
246 O O   . ALA A 45 ? 0.1360 0.1612 0.1133 -0.0269 0.0079  -0.0252 191 ALA A O   
247 C CB  . ALA A 45 ? 0.1726 0.1955 0.1261 -0.0383 0.0179  -0.0390 191 ALA A CB  
248 N N   . VAL A 46 ? 0.1348 0.1685 0.1039 -0.0220 0.0002  -0.0110 192 VAL A N   
249 C CA  . VAL A 46 ? 0.1181 0.1484 0.1031 -0.0084 -0.0044 -0.0049 192 VAL A CA  
250 C C   . VAL A 46 ? 0.1420 0.1525 0.1224 -0.0047 -0.0056 0.0046  192 VAL A C   
251 O O   . VAL A 46 ? 0.2127 0.2225 0.1787 -0.0108 -0.0120 0.0161  192 VAL A O   
252 C CB  . VAL A 46 ? 0.1509 0.2053 0.1472 -0.0014 -0.0158 -0.0006 192 VAL A CB  
253 C CG1 . VAL A 46 ? 0.1480 0.1993 0.1674 0.0157  -0.0196 -0.0013 192 VAL A CG1 
254 C CG2 . VAL A 46 ? 0.1527 0.2325 0.1501 -0.0113 -0.0136 -0.0113 192 VAL A CG2 
255 N N   . TYR A 47 ? 0.1275 0.1243 0.1174 0.0009  0.0003  0.0007  193 TYR A N   
256 C CA  . TYR A 47 ? 0.1348 0.1104 0.1210 0.0018  -0.0005 0.0080  193 TYR A CA  
257 C C   . TYR A 47 ? 0.1771 0.1429 0.1813 0.0162  -0.0099 0.0119  193 TYR A C   
258 O O   . TYR A 47 ? 0.1831 0.1650 0.2089 0.0261  -0.0093 0.0006  193 TYR A O   
259 C CB  . TYR A 47 ? 0.1491 0.1196 0.1371 -0.0012 0.0112  -0.0012 193 TYR A CB  
260 C CG  . TYR A 47 ? 0.1424 0.1205 0.1165 -0.0112 0.0183  -0.0056 193 TYR A CG  
261 C CD1 . TYR A 47 ? 0.1443 0.1209 0.0997 -0.0235 0.0188  -0.0006 193 TYR A CD1 
262 C CD2 . TYR A 47 ? 0.1230 0.1112 0.1036 -0.0089 0.0233  -0.0154 193 TYR A CD2 
263 C CE1 . TYR A 47 ? 0.1662 0.1606 0.1140 -0.0318 0.0265  -0.0116 193 TYR A CE1 
264 C CE2 . TYR A 47 ? 0.1421 0.1379 0.1174 -0.0125 0.0286  -0.0238 193 TYR A CE2 
265 C CZ  . TYR A 47 ? 0.1265 0.1301 0.0878 -0.0230 0.0313  -0.0249 193 TYR A CZ  
266 O OH  . TYR A 47 ? 0.1505 0.1718 0.1118 -0.0256 0.0377  -0.0399 193 TYR A OH  
267 N N   . LYS A 48 ? 0.1806 0.1204 0.1764 0.0162  -0.0189 0.0268  194 LYS A N   
268 C CA  . LYS A 48 ? 0.2061 0.1259 0.2223 0.0340  -0.0308 0.0309  194 LYS A CA  
269 C C   . LYS A 48 ? 0.2213 0.1078 0.2413 0.0326  -0.0238 0.0246  194 LYS A C   
270 O O   . LYS A 48 ? 0.2184 0.0975 0.2186 0.0146  -0.0128 0.0237  194 LYS A O   
271 C CB  . LYS A 48 ? 0.2465 0.1513 0.2508 0.0357  -0.0506 0.0569  194 LYS A CB  
272 C CG  . LYS A 48 ? 0.3038 0.2475 0.3003 0.0318  -0.0572 0.0630  194 LYS A CG  
273 C CD  . LYS A 48 ? 0.3615 0.3427 0.3855 0.0458  -0.0546 0.0439  194 LYS A CD  
274 C CE  . LYS A 48 ? 0.4184 0.4381 0.4371 0.0425  -0.0646 0.0510  194 LYS A CE  
275 N NZ  . LYS A 48 ? 0.4575 0.4760 0.4866 0.0595  -0.0886 0.0715  194 LYS A NZ  
276 N N   . ARG A 49 ? 0.1487 0.0952 0.2716 0.0032  -0.0026 0.0516  195 ARG A N   
277 C CA  . ARG A 49 ? 0.1485 0.0902 0.2712 0.0048  0.0203  0.0417  195 ARG A CA  
278 C C   . ARG A 49 ? 0.1584 0.0872 0.2606 0.0044  0.0183  0.0461  195 ARG A C   
279 O O   . ARG A 49 ? 0.1717 0.0977 0.2735 0.0101  0.0077  0.0643  195 ARG A O   
280 C CB  . ARG A 49 ? 0.1550 0.0994 0.3255 0.0131  0.0303  0.0460  195 ARG A CB  
281 C CG  . ARG A 49 ? 0.1697 0.1028 0.3454 0.0190  0.0487  0.0261  195 ARG A CG  
282 C CD  . ARG A 49 ? 0.1830 0.1173 0.4039 0.0304  0.0561  0.0277  195 ARG A CD  
283 N NE  . ARG A 49 ? 0.2638 0.2215 0.5175 0.0383  0.0640  0.0411  195 ARG A NE  
284 C CZ  . ARG A 49 ? 0.2687 0.2429 0.5269 0.0524  0.0885  0.0327  195 ARG A CZ  
285 N NH1 . ARG A 49 ? 0.2836 0.2502 0.5014 0.0624  0.1030  0.0040  195 ARG A NH1 
286 N NH2 . ARG A 49 ? 0.2371 0.2381 0.5337 0.0560  0.0954  0.0549  195 ARG A NH2 
287 N N   . GLY A 50 ? 0.1549 0.0798 0.2442 -0.0005 0.0282  0.0341  196 GLY A N   
288 C CA  . GLY A 50 ? 0.1633 0.0827 0.2541 -0.0018 0.0306  0.0459  196 GLY A CA  
289 C C   . GLY A 50 ? 0.1652 0.0929 0.2160 0.0006  0.0286  0.0546  196 GLY A C   
290 O O   . GLY A 50 ? 0.1848 0.1164 0.2419 0.0018  0.0372  0.0712  196 GLY A O   
291 N N   . GLU A 51 ? 0.1626 0.0934 0.1806 0.0034  0.0180  0.0460  197 GLU A N   
292 C CA  . GLU A 51 ? 0.1737 0.1081 0.1513 0.0113  0.0153  0.0473  197 GLU A CA  
293 C C   . GLU A 51 ? 0.1565 0.0955 0.1339 0.0024  0.0223  0.0343  197 GLU A C   
294 O O   . GLU A 51 ? 0.1429 0.0821 0.1351 -0.0076 0.0225  0.0211  197 GLU A O   
295 C CB  . GLU A 51 ? 0.1908 0.1183 0.1400 0.0205  -0.0086 0.0396  197 GLU A CB  
296 C CG  . GLU A 51 ? 0.2314 0.1554 0.1746 0.0323  -0.0220 0.0534  197 GLU A CG  
297 C CD  . GLU A 51 ? 0.2666 0.1791 0.1868 0.0426  -0.0576 0.0420  197 GLU A CD  
298 O OE1 . GLU A 51 ? 0.2477 0.1534 0.1806 0.0350  -0.0733 0.0254  197 GLU A OE1 
299 O OE2 . GLU A 51 ? 0.3906 0.2999 0.2836 0.0595  -0.0740 0.0513  197 GLU A OE2 
300 N N   . SER A 52 ? 0.1658 0.1121 0.1250 0.0099  0.0295  0.0409  198 SER A N   
301 C CA  . SER A 52 ? 0.1533 0.1068 0.1192 0.0028  0.0338  0.0332  198 SER A CA  
302 C C   . SER A 52 ? 0.1661 0.1202 0.0965 0.0168  0.0297  0.0282  198 SER A C   
303 O O   . SER A 52 ? 0.1964 0.1487 0.0929 0.0370  0.0293  0.0332  198 SER A O   
304 C CB  . SER A 52 ? 0.1552 0.1200 0.1576 -0.0016 0.0477  0.0495  198 SER A CB  
305 O OG  . SER A 52 ? 0.1936 0.1497 0.2357 -0.0135 0.0452  0.0476  198 SER A OG  
306 N N   . PHE A 53 ? 0.1526 0.1082 0.0879 0.0095  0.0245  0.0171  199 PHE A N   
307 C CA  . PHE A 53 ? 0.1678 0.1209 0.0809 0.0234  0.0196  0.0104  199 PHE A CA  
308 C C   . PHE A 53 ? 0.1502 0.1146 0.0858 0.0136  0.0218  0.0101  199 PHE A C   
309 O O   . PHE A 53 ? 0.1334 0.1029 0.0892 -0.0032 0.0191  0.0089  199 PHE A O   
310 C CB  . PHE A 53 ? 0.1809 0.1135 0.0796 0.0273  -0.0049 -0.0045 199 PHE A CB  
311 C CG  . PHE A 53 ? 0.1658 0.0988 0.0952 0.0078  -0.0136 -0.0045 199 PHE A CG  
312 C CD1 . PHE A 53 ? 0.1688 0.1048 0.1152 -0.0025 -0.0120 0.0007  199 PHE A CD1 
313 C CD2 . PHE A 53 ? 0.1836 0.1180 0.1262 0.0035  -0.0198 -0.0050 199 PHE A CD2 
314 C CE1 . PHE A 53 ? 0.1558 0.1004 0.1270 -0.0136 -0.0118 0.0067  199 PHE A CE1 
315 C CE2 . PHE A 53 ? 0.1769 0.1191 0.1448 -0.0100 -0.0221 0.0045  199 PHE A CE2 
316 C CZ  . PHE A 53 ? 0.1405 0.0900 0.1200 -0.0169 -0.0158 0.0111  199 PHE A CZ  
317 N N   . ASP A 54 ? 0.1644 0.1328 0.0926 0.0287  0.0253  0.0099  200 ASP A N   
318 C CA  . ASP A 54 ? 0.1518 0.1326 0.1063 0.0214  0.0244  0.0126  200 ASP A CA  
319 C C   . ASP A 54 ? 0.1903 0.1575 0.1428 0.0192  0.0054  0.0028  200 ASP A C   
320 O O   . ASP A 54 ? 0.2088 0.1551 0.1464 0.0267  -0.0080 -0.0077 200 ASP A O   
321 C CB  . ASP A 54 ? 0.1662 0.1649 0.1300 0.0406  0.0426  0.0240  200 ASP A CB  
322 C CG  . ASP A 54 ? 0.1921 0.2147 0.1913 0.0357  0.0618  0.0474  200 ASP A CG  
323 O OD1 . ASP A 54 ? 0.1972 0.2150 0.2056 0.0210  0.0593  0.0499  200 ASP A OD1 
324 O OD2 . ASP A 54 ? 0.2641 0.3111 0.2931 0.0473  0.0795  0.0661  200 ASP A OD2 
325 N N   . TYR A 55 ? 0.1388 0.1181 0.1137 0.0083  0.0003  0.0090  201 TYR A N   
326 C CA  . TYR A 55 ? 0.1420 0.1136 0.1261 0.0063  -0.0154 0.0106  201 TYR A CA  
327 C C   . TYR A 55 ? 0.1420 0.1287 0.1489 0.0089  -0.0170 0.0191  201 TYR A C   
328 O O   . TYR A 55 ? 0.1353 0.1413 0.1560 0.0065  -0.0095 0.0243  201 TYR A O   
329 C CB  . TYR A 55 ? 0.1330 0.1091 0.1178 -0.0093 -0.0208 0.0188  201 TYR A CB  
330 C CG  . TYR A 55 ? 0.1278 0.1231 0.1059 -0.0188 -0.0166 0.0207  201 TYR A CG  
331 C CD1 . TYR A 55 ? 0.1347 0.1457 0.1170 -0.0214 -0.0255 0.0295  201 TYR A CD1 
332 C CD2 . TYR A 55 ? 0.1569 0.1512 0.1247 -0.0228 -0.0089 0.0114  201 TYR A CD2 
333 C CE1 . TYR A 55 ? 0.1514 0.1745 0.1207 -0.0262 -0.0311 0.0234  201 TYR A CE1 
334 C CE2 . TYR A 55 ? 0.1849 0.1882 0.1478 -0.0283 -0.0130 0.0047  201 TYR A CE2 
335 C CZ  . TYR A 55 ? 0.1756 0.1923 0.1356 -0.0292 -0.0260 0.0078  201 TYR A CZ  
336 O OH  . TYR A 55 ? 0.3143 0.3351 0.2625 -0.0311 -0.0392 -0.0063 201 TYR A OH  
337 N N   . ASP A 56 ? 0.1295 0.1859 0.1231 0.0400  0.0211  0.0126  202 ASP A N   
338 C CA  . ASP A 56 ? 0.1338 0.1719 0.1456 0.0517  0.0315  0.0194  202 ASP A CA  
339 C C   . ASP A 56 ? 0.1344 0.1573 0.1519 0.0536  0.0309  0.0205  202 ASP A C   
340 O O   . ASP A 56 ? 0.1378 0.1548 0.1752 0.0654  0.0381  0.0338  202 ASP A O   
341 C CB  . ASP A 56 ? 0.1644 0.1864 0.1696 0.0538  0.0565  0.0126  202 ASP A CB  
342 C CG  . ASP A 56 ? 0.1987 0.1992 0.1791 0.0398  0.0739  -0.0120 202 ASP A CG  
343 O OD1 . ASP A 56 ? 0.2376 0.2323 0.2115 0.0309  0.0673  -0.0202 202 ASP A OD1 
344 O OD2 . ASP A 56 ? 0.3063 0.2950 0.2748 0.0360  0.0969  -0.0256 202 ASP A OD2 
345 N N   . THR A 57 ? 0.1321 0.1536 0.1361 0.0437  0.0231  0.0115  203 THR A N   
346 C CA  . THR A 57 ? 0.1430 0.1505 0.1506 0.0453  0.0257  0.0139  203 THR A CA  
347 C C   . THR A 57 ? 0.1213 0.1424 0.1227 0.0385  0.0078  0.0121  203 THR A C   
348 O O   . THR A 57 ? 0.1193 0.1532 0.1121 0.0295  -0.0002 0.0052  203 THR A O   
349 C CB  . THR A 57 ? 0.1968 0.1753 0.1963 0.0376  0.0488  -0.0012 203 THR A CB  
350 O OG1 . THR A 57 ? 0.2341 0.1951 0.2448 0.0458  0.0719  0.0007  203 THR A OG1 
351 C CG2 . THR A 57 ? 0.2407 0.2044 0.2487 0.0396  0.0546  0.0045  203 THR A CG2 
352 N N   . VAL A 58 ? 0.1140 0.1371 0.1220 0.0441  0.0029  0.0218  204 VAL A N   
353 C CA  . VAL A 58 ? 0.1174 0.1509 0.1202 0.0388  -0.0096 0.0196  204 VAL A CA  
354 C C   . VAL A 58 ? 0.1220 0.1428 0.1216 0.0401  -0.0014 0.0239  204 VAL A C   
355 O O   . VAL A 58 ? 0.1332 0.1507 0.1417 0.0506  0.0072  0.0385  204 VAL A O   
356 C CB  . VAL A 58 ? 0.1517 0.2075 0.1638 0.0422  -0.0228 0.0251  204 VAL A CB  
357 C CG1 . VAL A 58 ? 0.1552 0.2174 0.1614 0.0359  -0.0295 0.0189  204 VAL A CG1 
358 C CG2 . VAL A 58 ? 0.1443 0.2062 0.1677 0.0394  -0.0256 0.0221  204 VAL A CG2 
359 N N   . ILE A 59 ? 0.1235 0.1402 0.1155 0.0309  -0.0025 0.0155  205 ILE A N   
360 C CA  . ILE A 59 ? 0.1292 0.1346 0.1212 0.0317  0.0065  0.0208  205 ILE A CA  
361 C C   . ILE A 59 ? 0.1181 0.1389 0.1041 0.0299  -0.0043 0.0215  205 ILE A C   
362 O O   . ILE A 59 ? 0.1248 0.1518 0.1103 0.0214  -0.0109 0.0119  205 ILE A O   
363 C CB  . ILE A 59 ? 0.1460 0.1305 0.1388 0.0197  0.0202  0.0073  205 ILE A CB  
364 C CG1 . ILE A 59 ? 0.2361 0.2020 0.2332 0.0189  0.0366  0.0002  205 ILE A CG1 
365 C CG2 . ILE A 59 ? 0.2149 0.1859 0.2147 0.0209  0.0327  0.0150  205 ILE A CG2 
366 C CD1 . ILE A 59 ? 0.3274 0.2734 0.3249 0.0017  0.0532  -0.0207 205 ILE A CD1 
367 N N   . ILE A 60 ? 0.1357 0.1665 0.1184 0.0379  -0.0043 0.0347  206 ILE A N   
368 C CA  . ILE A 60 ? 0.1377 0.1835 0.1105 0.0351  -0.0107 0.0320  206 ILE A CA  
369 C C   . ILE A 60 ? 0.1486 0.1850 0.1191 0.0368  0.0013  0.0411  206 ILE A C   
370 O O   . ILE A 60 ? 0.1637 0.2053 0.1341 0.0469  0.0088  0.0605  206 ILE A O   
371 C CB  . ILE A 60 ? 0.1293 0.2044 0.0944 0.0389  -0.0208 0.0367  206 ILE A CB  
372 C CG1 . ILE A 60 ? 0.1851 0.2670 0.1601 0.0364  -0.0299 0.0280  206 ILE A CG1 
373 C CG2 . ILE A 60 ? 0.1684 0.2574 0.1193 0.0322  -0.0230 0.0266  206 ILE A CG2 
374 C CD1 . ILE A 60 ? 0.2127 0.3161 0.1879 0.0310  -0.0367 0.0241  206 ILE A CD1 
375 N N   . ASP A 61 ? 0.1346 0.1609 0.1080 0.0279  0.0045  0.0313  207 ASP A N   
376 C CA  . ASP A 61 ? 0.1491 0.1680 0.1238 0.0287  0.0168  0.0397  207 ASP A CA  
377 C C   . ASP A 61 ? 0.1622 0.2019 0.1197 0.0342  0.0155  0.0471  207 ASP A C   
378 O O   . ASP A 61 ? 0.1725 0.2283 0.1191 0.0309  0.0059  0.0357  207 ASP A O   
379 C CB  . ASP A 61 ? 0.1421 0.1539 0.1277 0.0167  0.0187  0.0283  207 ASP A CB  
380 C CG  . ASP A 61 ? 0.1788 0.1805 0.1764 0.0059  0.0191  0.0176  207 ASP A CG  
381 O OD1 . ASP A 61 ? 0.2382 0.2256 0.2381 0.0077  0.0268  0.0180  207 ASP A OD1 
382 O OD2 . ASP A 61 ? 0.1580 0.1697 0.1638 -0.0051 0.0134  0.0092  207 ASP A OD2 
383 N N   . VAL A 62 ? 0.1779 0.2184 0.1335 0.0415  0.0281  0.0656  208 VAL A N   
384 C CA  . VAL A 62 ? 0.1935 0.2596 0.1266 0.0451  0.0285  0.0722  208 VAL A CA  
385 C C   . VAL A 62 ? 0.2193 0.2811 0.1487 0.0353  0.0305  0.0528  208 VAL A C   
386 O O   . VAL A 62 ? 0.2023 0.2814 0.1144 0.0307  0.0258  0.0384  208 VAL A O   
387 C CB  . VAL A 62 ? 0.2292 0.3007 0.1638 0.0574  0.0445  0.1027  208 VAL A CB  
388 C CG1 . VAL A 62 ? 0.2570 0.3588 0.1690 0.0572  0.0424  0.1031  208 VAL A CG1 
389 C CG2 . VAL A 62 ? 0.2621 0.3385 0.2144 0.0678  0.0449  0.1209  208 VAL A CG2 
390 N N   . ASN A 63 ? 0.2028 0.2429 0.1529 0.0309  0.0396  0.0514  209 ASN A N   
391 C CA  . ASN A 63 ? 0.1776 0.2150 0.1354 0.0237  0.0441  0.0390  209 ASN A CA  
392 C C   . ASN A 63 ? 0.1676 0.1929 0.1542 0.0153  0.0406  0.0339  209 ASN A C   
393 O O   . ASN A 63 ? 0.2595 0.2767 0.2644 0.0108  0.0490  0.0393  209 ASN A O   
394 C CB  . ASN A 63 ? 0.2195 0.2584 0.1725 0.0271  0.0610  0.0493  209 ASN A CB  
395 C CG  . ASN A 63 ? 0.2507 0.3132 0.1682 0.0329  0.0635  0.0533  209 ASN A CG  
396 O OD1 . ASN A 63 ? 0.2596 0.3348 0.1596 0.0275  0.0604  0.0343  209 ASN A OD1 
397 N ND2 . ASN A 63 ? 0.2819 0.3541 0.1910 0.0429  0.0711  0.0783  209 ASN A ND2 
398 N N   . GLY A 64 ? 0.1448 0.1739 0.1355 0.0119  0.0280  0.0239  210 GLY A N   
399 C CA  . GLY A 64 ? 0.1262 0.1561 0.1378 0.0031  0.0217  0.0205  210 GLY A CA  
400 C C   . GLY A 64 ? 0.1102 0.1505 0.1253 0.0030  0.0109  0.0143  210 GLY A C   
401 O O   . GLY A 64 ? 0.1064 0.1526 0.1307 0.0048  0.0143  0.0125  210 GLY A O   
402 N N   . TYR A 65 ? 0.1047 0.1448 0.1153 0.0017  0.0022  0.0115  211 TYR A N   
403 C CA  . TYR A 65 ? 0.0906 0.1419 0.1078 0.0025  -0.0063 0.0092  211 TYR A CA  
404 C C   . TYR A 65 ? 0.0918 0.1376 0.0941 0.0076  -0.0112 0.0064  211 TYR A C   
405 O O   . TYR A 65 ? 0.1077 0.1431 0.0988 0.0105  -0.0081 0.0087  211 TYR A O   
406 C CB  . TYR A 65 ? 0.0910 0.1593 0.1221 -0.0058 -0.0125 0.0119  211 TYR A CB  
407 C CG  . TYR A 65 ? 0.0840 0.1649 0.1332 -0.0127 -0.0092 0.0178  211 TYR A CG  
408 C CD1 . TYR A 65 ? 0.0768 0.1730 0.1511 -0.0089 -0.0054 0.0286  211 TYR A CD1 
409 C CD2 . TYR A 65 ? 0.1174 0.1940 0.1649 -0.0231 -0.0062 0.0132  211 TYR A CD2 
410 C CE1 . TYR A 65 ? 0.1170 0.2292 0.2138 -0.0141 -0.0016 0.0380  211 TYR A CE1 
411 C CE2 . TYR A 65 ? 0.1336 0.2259 0.2022 -0.0311 -0.0036 0.0189  211 TYR A CE2 
412 C CZ  . TYR A 65 ? 0.0976 0.2101 0.1903 -0.0258 -0.0026 0.0329  211 TYR A CZ  
413 O OH  . TYR A 65 ? 0.1247 0.2571 0.2441 -0.0327 0.0007  0.0424  211 TYR A OH  
414 N N   . VAL A 66 ? 0.0968 0.1033 0.1106 0.0037  0.0020  0.0153  212 VAL A N   
415 C CA  . VAL A 66 ? 0.1006 0.1221 0.1154 0.0033  -0.0013 0.0117  212 VAL A CA  
416 C C   . VAL A 66 ? 0.0963 0.1016 0.1150 -0.0006 -0.0011 0.0124  212 VAL A C   
417 O O   . VAL A 66 ? 0.1200 0.1116 0.1374 -0.0075 -0.0009 0.0097  212 VAL A O   
418 C CB  . VAL A 66 ? 0.1082 0.1477 0.1224 -0.0076 -0.0022 -0.0014 212 VAL A CB  
419 C CG1 . VAL A 66 ? 0.0951 0.1596 0.1164 -0.0097 -0.0037 -0.0067 212 VAL A CG1 
420 C CG2 . VAL A 66 ? 0.1360 0.1957 0.1436 -0.0046 -0.0039 -0.0064 212 VAL A CG2 
421 N N   . TRP A 67 ? 0.0861 0.0910 0.1055 0.0067  -0.0008 0.0160  213 TRP A N   
422 C CA  . TRP A 67 ? 0.0871 0.0802 0.1067 0.0040  -0.0006 0.0142  213 TRP A CA  
423 C C   . TRP A 67 ? 0.0860 0.0977 0.1061 0.0031  0.0005  0.0094  213 TRP A C   
424 O O   . TRP A 67 ? 0.1172 0.1544 0.1412 0.0103  0.0003  0.0083  213 TRP A O   
425 C CB  . TRP A 67 ? 0.1106 0.0875 0.1296 0.0109  0.0024  0.0178  213 TRP A CB  
426 C CG  . TRP A 67 ? 0.1137 0.0763 0.1366 0.0073  0.0050  0.0204  213 TRP A CG  
427 C CD1 . TRP A 67 ? 0.1178 0.0775 0.1384 0.0118  0.0106  0.0277  213 TRP A CD1 
428 C CD2 . TRP A 67 ? 0.1180 0.0738 0.1484 -0.0018 0.0033  0.0146  213 TRP A CD2 
429 N NE1 . TRP A 67 ? 0.1344 0.0840 0.1632 0.0031  0.0151  0.0266  213 TRP A NE1 
430 C CE2 . TRP A 67 ? 0.1368 0.0885 0.1747 -0.0054 0.0095  0.0172  213 TRP A CE2 
431 C CE3 . TRP A 67 ? 0.1108 0.0688 0.1417 -0.0061 -0.0031 0.0070  213 TRP A CE3 
432 C CZ2 . TRP A 67 ? 0.1396 0.0959 0.1919 -0.0155 0.0092  0.0096  213 TRP A CZ2 
433 C CZ3 . TRP A 67 ? 0.1406 0.1040 0.1821 -0.0126 -0.0063 -0.0001 213 TRP A CZ3 
434 C CH2 . TRP A 67 ? 0.1491 0.1149 0.2045 -0.0184 -0.0002 -0.0001 213 TRP A CH2 
435 N N   . VAL A 68 ? 0.1069 0.1103 0.1225 -0.0045 0.0025  0.0064  214 VAL A N   
436 C CA  . VAL A 68 ? 0.1028 0.1225 0.1191 -0.0062 0.0074  0.0018  214 VAL A CA  
437 C C   . VAL A 68 ? 0.1075 0.1123 0.1160 0.0001  0.0084  0.0022  214 VAL A C   
438 O O   . VAL A 68 ? 0.1154 0.0990 0.1174 0.0002  0.0045  0.0035  214 VAL A O   
439 C CB  . VAL A 68 ? 0.1086 0.1298 0.1213 -0.0228 0.0146  -0.0028 214 VAL A CB  
440 C CG1 . VAL A 68 ? 0.1209 0.1579 0.1417 -0.0318 0.0146  -0.0090 214 VAL A CG1 
441 C CG2 . VAL A 68 ? 0.1292 0.1149 0.1236 -0.0258 0.0160  0.0028  214 VAL A CG2 
442 N N   . SER A 69 ? 0.0951 0.1165 0.1059 0.0058  0.0136  -0.0016 215 SER A N   
443 C CA  . SER A 69 ? 0.1086 0.1152 0.1107 0.0142  0.0158  -0.0041 215 SER A CA  
444 C C   . SER A 69 ? 0.1219 0.1450 0.1204 0.0134  0.0246  -0.0094 215 SER A C   
445 O O   . SER A 69 ? 0.1118 0.1678 0.1232 0.0114  0.0297  -0.0123 215 SER A O   
446 C CB  . SER A 69 ? 0.1491 0.1509 0.1552 0.0310  0.0166  -0.0020 215 SER A CB  
447 O OG  . SER A 69 ? 0.1749 0.1536 0.1708 0.0372  0.0210  -0.0073 215 SER A OG  
448 N N   . TYR A 70 ? 0.1336 0.1384 0.1151 0.0141  0.0268  -0.0130 216 TYR A N   
449 C CA  . TYR A 70 ? 0.1487 0.1662 0.1225 0.0153  0.0375  -0.0184 216 TYR A CA  
450 C C   . TYR A 70 ? 0.1700 0.1680 0.1290 0.0259  0.0384  -0.0262 216 TYR A C   
451 O O   . TYR A 70 ? 0.1975 0.1705 0.1497 0.0256  0.0304  -0.0289 216 TYR A O   
452 C CB  . TYR A 70 ? 0.1732 0.1851 0.1292 0.0011  0.0437  -0.0149 216 TYR A CB  
453 C CG  . TYR A 70 ? 0.1822 0.1644 0.1149 -0.0002 0.0348  -0.0106 216 TYR A CG  
454 C CD1 . TYR A 70 ? 0.1970 0.1681 0.1047 0.0057  0.0336  -0.0155 216 TYR A CD1 
455 C CD2 . TYR A 70 ? 0.1685 0.1393 0.1033 -0.0051 0.0274  -0.0032 216 TYR A CD2 
456 C CE1 . TYR A 70 ? 0.2104 0.1666 0.0975 0.0077  0.0225  -0.0131 216 TYR A CE1 
457 C CE2 . TYR A 70 ? 0.2011 0.1542 0.1169 -0.0014 0.0182  0.0005  216 TYR A CE2 
458 C CZ  . TYR A 70 ? 0.2110 0.1603 0.1039 0.0054  0.0147  -0.0043 216 TYR A CZ  
459 O OH  . TYR A 70 ? 0.2389 0.1821 0.1145 0.0122  0.0028  -0.0018 216 TYR A OH  
460 N N   . ILE A 71 ? 0.1850 0.1975 0.1408 0.0341  0.0497  -0.0327 217 ILE A N   
461 C CA  . ILE A 71 ? 0.2358 0.2285 0.1730 0.0433  0.0536  -0.0436 217 ILE A CA  
462 C C   . ILE A 71 ? 0.2432 0.2291 0.1523 0.0336  0.0543  -0.0461 217 ILE A C   
463 O O   . ILE A 71 ? 0.2524 0.2544 0.1552 0.0265  0.0633  -0.0404 217 ILE A O   
464 C CB  . ILE A 71 ? 0.2265 0.2395 0.1714 0.0611  0.0670  -0.0498 217 ILE A CB  
465 C CG1 . ILE A 71 ? 0.2595 0.2779 0.2253 0.0787  0.0652  -0.0449 217 ILE A CG1 
466 C CG2 . ILE A 71 ? 0.2679 0.2563 0.1887 0.0695  0.0737  -0.0639 217 ILE A CG2 
467 C CD1 . ILE A 71 ? 0.3265 0.2970 0.2831 0.0833  0.0606  -0.0453 217 ILE A CD1 
468 N N   . GLY A 72 ? 0.2928 0.2555 0.1831 0.0329  0.0460  -0.0553 218 GLY A N   
469 C CA  . GLY A 72 ? 0.3020 0.2615 0.1598 0.0291  0.0430  -0.0583 218 GLY A CA  
470 C C   . GLY A 72 ? 0.3540 0.3153 0.1881 0.0367  0.0553  -0.0706 218 GLY A C   
471 O O   . GLY A 72 ? 0.4091 0.3788 0.2547 0.0455  0.0690  -0.0749 218 GLY A O   
472 N N   . GLY A 73 ? 0.3685 0.3252 0.1671 0.0363  0.0500  -0.0771 219 GLY A N   
473 C CA  . GLY A 73 ? 0.3818 0.3448 0.1629 0.0394  0.0599  -0.0875 219 GLY A CA  
474 C C   . GLY A 73 ? 0.3891 0.3395 0.1774 0.0422  0.0608  -0.1096 219 GLY A C   
475 O O   . GLY A 73 ? 0.4138 0.3680 0.1962 0.0470  0.0737  -0.1184 219 GLY A O   
476 N N   . SER A 74 ? 0.4313 0.3646 0.2328 0.0375  0.0496  -0.1191 220 SER A N   
477 C CA  . SER A 74 ? 0.4323 0.3476 0.2437 0.0372  0.0528  -0.1405 220 SER A CA  
478 C C   . SER A 74 ? 0.4465 0.3459 0.2849 0.0493  0.0616  -0.1342 220 SER A C   
479 O O   . SER A 74 ? 0.4900 0.3648 0.3352 0.0527  0.0635  -0.1460 220 SER A O   
480 C CB  . SER A 74 ? 0.4466 0.3348 0.2436 0.0275  0.0350  -0.1465 220 SER A CB  
481 O OG  . SER A 74 ? 0.5197 0.4150 0.3402 0.0203  0.0256  -0.1379 220 SER A OG  
482 N N   . GLY A 75 ? 0.3918 0.3039 0.2435 0.0564  0.0670  -0.1145 221 GLY A N   
483 C CA  . GLY A 75 ? 0.3790 0.2840 0.2554 0.0695  0.0739  -0.1060 221 GLY A CA  
484 C C   . GLY A 75 ? 0.3890 0.2717 0.2798 0.0644  0.0663  -0.0989 221 GLY A C   
485 O O   . GLY A 75 ? 0.4168 0.2943 0.3247 0.0768  0.0706  -0.0879 221 GLY A O   
486 N N   . LYS A 76 ? 0.3479 0.2220 0.2326 0.0469  0.0544  -0.1040 222 LYS A N   
487 C CA  . LYS A 76 ? 0.3501 0.2081 0.2515 0.0381  0.0486  -0.0973 222 LYS A CA  
488 C C   . LYS A 76 ? 0.3097 0.1935 0.2254 0.0372  0.0417  -0.0772 222 LYS A C   
489 O O   . LYS A 76 ? 0.2959 0.2073 0.2066 0.0336  0.0362  -0.0710 222 LYS A O   
490 C CB  . LYS A 76 ? 0.3426 0.1951 0.2417 0.0179  0.0367  -0.1125 222 LYS A CB  
491 C CG  . LYS A 76 ? 0.4206 0.2523 0.3115 0.0156  0.0395  -0.1307 222 LYS A CG  
492 C CD  . LYS A 76 ? 0.4976 0.3254 0.3936 -0.0058 0.0295  -0.1425 222 LYS A CD  
493 C CE  . LYS A 76 ? 0.5801 0.3774 0.4707 -0.0114 0.0373  -0.1592 222 LYS A CE  
494 N NZ  . LYS A 76 ? 0.6703 0.4705 0.5719 -0.0361 0.0307  -0.1714 222 LYS A NZ  
495 N N   . ARG A 77 ? 0.2646 0.1385 0.1972 0.0398  0.0426  -0.0655 223 ARG A N   
496 C CA  . ARG A 77 ? 0.2391 0.1403 0.1878 0.0387  0.0355  -0.0479 223 ARG A CA  
497 C C   . ARG A 77 ? 0.2388 0.1443 0.1926 0.0211  0.0228  -0.0470 223 ARG A C   
498 O O   . ARG A 77 ? 0.2625 0.1497 0.2185 0.0109  0.0209  -0.0560 223 ARG A O   
499 C CB  . ARG A 77 ? 0.2857 0.1786 0.2454 0.0531  0.0415  -0.0359 223 ARG A CB  
500 C CG  . ARG A 77 ? 0.3108 0.2402 0.2850 0.0555  0.0358  -0.0225 223 ARG A CG  
501 C CD  . ARG A 77 ? 0.2582 0.1961 0.2384 0.0787  0.0410  -0.0125 223 ARG A CD  
502 N NE  . ARG A 77 ? 0.2584 0.2297 0.2429 0.0953  0.0463  -0.0154 223 ARG A NE  
503 C CZ  . ARG A 77 ? 0.2071 0.2265 0.2051 0.0880  0.0435  -0.0171 223 ARG A CZ  
504 N NH1 . ARG A 77 ? 0.1948 0.2247 0.1977 0.0652  0.0365  -0.0155 223 ARG A NH1 
505 N NH2 . ARG A 77 ? 0.2356 0.2923 0.2428 0.1031  0.0498  -0.0211 223 ARG A NH2 
506 N N   . ASN A 78 ? 0.1835 0.1134 0.1393 0.0175  0.0162  -0.0373 224 ASN A N   
507 C CA  . ASN A 78 ? 0.1710 0.1075 0.1299 0.0076  0.0049  -0.0340 224 ASN A CA  
508 C C   . ASN A 78 ? 0.1682 0.1130 0.1429 0.0074  0.0042  -0.0205 224 ASN A C   
509 O O   . ASN A 78 ? 0.1655 0.1215 0.1449 0.0127  0.0099  -0.0142 224 ASN A O   
510 C CB  . ASN A 78 ? 0.1798 0.1272 0.1186 0.0070  0.0005  -0.0331 224 ASN A CB  
511 C CG  . ASN A 78 ? 0.2363 0.1804 0.1544 0.0083  -0.0003 -0.0481 224 ASN A CG  
512 O OD1 . ASN A 78 ? 0.2479 0.1904 0.1665 0.0029  -0.0081 -0.0621 224 ASN A OD1 
513 N ND2 . ASN A 78 ? 0.2782 0.2249 0.1789 0.0138  0.0090  -0.0479 224 ASN A ND2 
514 N N   . TYR A 79 ? 0.1344 0.0791 0.1181 0.0012  -0.0027 -0.0186 225 TYR A N   
515 C CA  . TYR A 79 ? 0.1171 0.0670 0.1132 0.0011  -0.0026 -0.0084 225 TYR A CA  
516 C C   . TYR A 79 ? 0.1353 0.0922 0.1316 -0.0024 -0.0102 -0.0052 225 TYR A C   
517 O O   . TYR A 79 ? 0.1297 0.0905 0.1253 -0.0042 -0.0174 -0.0115 225 TYR A O   
518 C CB  . TYR A 79 ? 0.1249 0.0619 0.1319 0.0005  0.0019  -0.0078 225 TYR A CB  
519 C CG  . TYR A 79 ? 0.1393 0.0594 0.1410 0.0099  0.0117  -0.0080 225 TYR A CG  
520 C CD1 . TYR A 79 ? 0.1775 0.0759 0.1725 0.0075  0.0168  -0.0196 225 TYR A CD1 
521 C CD2 . TYR A 79 ? 0.1473 0.0745 0.1491 0.0235  0.0160  0.0022  225 TYR A CD2 
522 C CE1 . TYR A 79 ? 0.2114 0.0861 0.1978 0.0202  0.0285  -0.0193 225 TYR A CE1 
523 C CE2 . TYR A 79 ? 0.1827 0.0947 0.1771 0.0395  0.0251  0.0041  225 TYR A CE2 
524 C CZ  . TYR A 79 ? 0.1970 0.0783 0.1826 0.0387  0.0326  -0.0057 225 TYR A CZ  
525 O OH  . TYR A 79 ? 0.2615 0.1281 0.2380 0.0547  0.0414  -0.0034 225 TYR A OH  
526 N N   . VAL A 80 ? 0.1042 0.0647 0.1009 -0.0025 -0.0083 0.0025  226 VAL A N   
527 C CA  . VAL A 80 ? 0.1084 0.0672 0.1014 -0.0019 -0.0122 0.0066  226 VAL A CA  
528 C C   . VAL A 80 ? 0.0966 0.0579 0.1008 -0.0038 -0.0094 0.0100  226 VAL A C   
529 O O   . VAL A 80 ? 0.0948 0.0616 0.1011 -0.0064 -0.0044 0.0105  226 VAL A O   
530 C CB  . VAL A 80 ? 0.1334 0.0818 0.1054 -0.0014 -0.0079 0.0114  226 VAL A CB  
531 C CG1 . VAL A 80 ? 0.1404 0.0764 0.1028 0.0043  -0.0093 0.0176  226 VAL A CG1 
532 C CG2 . VAL A 80 ? 0.1441 0.0913 0.0985 0.0022  -0.0094 0.0087  226 VAL A CG2 
533 N N   . ALA A 81 ? 0.0998 0.0634 0.1119 -0.0016 -0.0127 0.0105  227 ALA A N   
534 C CA  . ALA A 81 ? 0.1012 0.0666 0.1198 -0.0022 -0.0090 0.0125  227 ALA A CA  
535 C C   . ALA A 81 ? 0.1147 0.0682 0.1212 -0.0023 -0.0056 0.0139  227 ALA A C   
536 O O   . ALA A 81 ? 0.1458 0.0863 0.1400 0.0033  -0.0065 0.0167  227 ALA A O   
537 C CB  . ALA A 81 ? 0.1057 0.0802 0.1390 -0.0006 -0.0104 0.0114  227 ALA A CB  
538 N N   . THR A 82 ? 0.1085 0.0642 0.1151 -0.0080 -0.0006 0.0112  228 THR A N   
539 C CA  . THR A 82 ? 0.1206 0.0597 0.1149 -0.0146 0.0066  0.0080  228 THR A CA  
540 C C   . THR A 82 ? 0.1373 0.0733 0.1314 -0.0154 0.0102  0.0028  228 THR A C   
541 O O   . THR A 82 ? 0.1663 0.0853 0.1499 -0.0246 0.0185  -0.0041 228 THR A O   
542 C CB  . THR A 82 ? 0.1448 0.0936 0.1384 -0.0274 0.0116  0.0022  228 THR A CB  
543 O OG1 . THR A 82 ? 0.1340 0.1114 0.1386 -0.0300 0.0091  -0.0044 228 THR A OG1 
544 C CG2 . THR A 82 ? 0.1489 0.1050 0.1431 -0.0248 0.0094  0.0059  228 THR A CG2 
545 N N   . GLY A 83 ? 0.1193 0.0687 0.1229 -0.0080 0.0068  0.0043  229 GLY A N   
546 C CA  . GLY A 83 ? 0.1253 0.0738 0.1265 -0.0066 0.0113  -0.0010 229 GLY A CA  
547 C C   . GLY A 83 ? 0.1215 0.0928 0.1314 -0.0027 0.0096  0.0018  229 GLY A C   
548 O O   . GLY A 83 ? 0.1213 0.1039 0.1366 -0.0021 0.0065  0.0073  229 GLY A O   
549 N N   . ALA A 84 ? 0.1044 0.0773 0.1118 0.0013  0.0145  -0.0014 230 ALA A N   
550 C CA  . ALA A 84 ? 0.0989 0.0883 0.1088 0.0055  0.0174  0.0033  230 ALA A CA  
551 C C   . ALA A 84 ? 0.1046 0.1096 0.1011 0.0042  0.0159  0.0005  230 ALA A C   
552 O O   . ALA A 84 ? 0.1294 0.1387 0.1184 -0.0027 0.0133  -0.0111 230 ALA A O   
553 C CB  . ALA A 84 ? 0.1277 0.1172 0.1389 0.0117  0.0251  0.0004  230 ALA A CB  
554 N N   . THR A 85 ? 0.1226 0.1370 0.1147 0.0113  0.0186  0.0107  231 THR A N   
555 C CA  . THR A 85 ? 0.1204 0.1545 0.0943 0.0181  0.0166  0.0111  231 THR A CA  
556 C C   . THR A 85 ? 0.1573 0.1923 0.1166 0.0264  0.0265  0.0182  231 THR A C   
557 O O   . THR A 85 ? 0.1692 0.1908 0.1372 0.0256  0.0370  0.0264  231 THR A O   
558 C CB  . THR A 85 ? 0.1391 0.1799 0.1103 0.0267  0.0124  0.0217  231 THR A CB  
559 O OG1 . THR A 85 ? 0.1508 0.1686 0.1254 0.0302  0.0213  0.0364  231 THR A OG1 
560 C CG2 . THR A 85 ? 0.1387 0.1854 0.1226 0.0192  0.0043  0.0137  231 THR A CG2 
561 N N   . LYS A 86 ? 0.1579 0.2141 0.0951 0.0335  0.0239  0.0134  232 LYS A N   
562 C CA  . LYS A 86 ? 0.1846 0.2441 0.0983 0.0444  0.0340  0.0219  232 LYS A CA  
563 C C   . LYS A 86 ? 0.2271 0.3141 0.1141 0.0600  0.0253  0.0250  232 LYS A C   
564 O O   . LYS A 86 ? 0.2096 0.3263 0.0967 0.0563  0.0118  0.0070  232 LYS A O   
565 C CB  . LYS A 86 ? 0.1947 0.2576 0.1031 0.0394  0.0391  0.0058  232 LYS A CB  
566 C CG  . LYS A 86 ? 0.2265 0.2973 0.1056 0.0513  0.0502  0.0123  232 LYS A CG  
567 C CD  . LYS A 86 ? 0.2388 0.3136 0.1114 0.0470  0.0549  -0.0079 232 LYS A CD  
568 C CE  . LYS A 86 ? 0.2744 0.3544 0.1215 0.0556  0.0638  -0.0026 232 LYS A CE  
569 N NZ  . LYS A 86 ? 0.3334 0.4141 0.1734 0.0516  0.0689  -0.0244 232 LYS A NZ  
570 N N   . ASP A 87 ? 0.2331 0.2779 0.1500 0.0990  0.0444  0.0259  233 ASP A N   
571 C CA  . ASP A 87 ? 0.2587 0.3127 0.1462 0.1177  0.0403  0.0347  233 ASP A CA  
572 C C   . ASP A 87 ? 0.2666 0.3423 0.1698 0.1191  0.0249  0.0367  233 ASP A C   
573 O O   . ASP A 87 ? 0.2892 0.3902 0.1845 0.1300  0.0099  0.0318  233 ASP A O   
574 C CB  . ASP A 87 ? 0.2810 0.3468 0.1476 0.1265  0.0318  0.0248  233 ASP A CB  
575 C CG  . ASP A 87 ? 0.4654 0.5094 0.3153 0.1246  0.0494  0.0214  233 ASP A CG  
576 O OD1 . ASP A 87 ? 0.5760 0.5939 0.4150 0.1237  0.0722  0.0300  233 ASP A OD1 
577 O OD2 . ASP A 87 ? 0.5044 0.5576 0.3524 0.1227  0.0420  0.0085  233 ASP A OD2 
578 N N   . GLY A 88 ? 0.2177 0.2854 0.1446 0.1074  0.0288  0.0419  234 GLY A N   
579 C CA  . GLY A 88 ? 0.2054 0.2907 0.1478 0.1066  0.0183  0.0438  234 GLY A CA  
580 C C   . GLY A 88 ? 0.1848 0.2929 0.1510 0.0924  0.0006  0.0267  234 GLY A C   
581 O O   . GLY A 88 ? 0.1776 0.3067 0.1558 0.0915  -0.0078 0.0238  234 GLY A O   
582 N N   . LYS A 89 ? 0.1805 0.2835 0.1526 0.0806  -0.0040 0.0139  235 LYS A N   
583 C CA  . LYS A 89 ? 0.1711 0.2857 0.1587 0.0648  -0.0175 -0.0031 235 LYS A CA  
584 C C   . LYS A 89 ? 0.1612 0.2463 0.1581 0.0490  -0.0157 -0.0085 235 LYS A C   
585 O O   . LYS A 89 ? 0.1628 0.2300 0.1556 0.0526  -0.0079 -0.0054 235 LYS A O   
586 C CB  . LYS A 89 ? 0.2216 0.3595 0.1985 0.0696  -0.0281 -0.0172 235 LYS A CB  
587 C CG  . LYS A 89 ? 0.2971 0.4645 0.2587 0.0907  -0.0332 -0.0148 235 LYS A CG  
588 C CD  . LYS A 89 ? 0.3333 0.5163 0.2790 0.0975  -0.0416 -0.0271 235 LYS A CD  
589 C CE  . LYS A 89 ? 0.4298 0.6559 0.3745 0.1090  -0.0563 -0.0389 235 LYS A CE  
590 N NZ  . LYS A 89 ? 0.4898 0.7243 0.4221 0.1322  -0.0554 -0.0257 235 LYS A NZ  
591 N N   . ARG A 90 ? 0.1558 0.2346 0.1629 0.0324  -0.0228 -0.0189 236 ARG A N   
592 C CA  . ARG A 90 ? 0.1560 0.2014 0.1635 0.0210  -0.0243 -0.0260 236 ARG A CA  
593 C C   . ARG A 90 ? 0.1673 0.2098 0.1645 0.0259  -0.0276 -0.0356 236 ARG A C   
594 O O   . ARG A 90 ? 0.1892 0.2540 0.1788 0.0297  -0.0325 -0.0428 236 ARG A O   
595 C CB  . ARG A 90 ? 0.1617 0.1947 0.1699 0.0022  -0.0301 -0.0380 236 ARG A CB  
596 C CG  . ARG A 90 ? 0.1522 0.1740 0.1698 -0.0062 -0.0250 -0.0300 236 ARG A CG  
597 C CD  . ARG A 90 ? 0.1668 0.1579 0.1767 -0.0267 -0.0271 -0.0426 236 ARG A CD  
598 N NE  . ARG A 90 ? 0.1685 0.1446 0.1849 -0.0361 -0.0209 -0.0355 236 ARG A NE  
599 C CZ  . ARG A 90 ? 0.1676 0.1065 0.1795 -0.0359 -0.0182 -0.0269 236 ARG A CZ  
600 N NH1 . ARG A 90 ? 0.2019 0.1191 0.2060 -0.0256 -0.0217 -0.0260 236 ARG A NH1 
601 N NH2 . ARG A 90 ? 0.1918 0.1171 0.2080 -0.0456 -0.0121 -0.0213 236 ARG A NH2 
602 N N   . PHE A 91 ? 0.1665 0.1838 0.1646 0.0271  -0.0255 -0.0373 237 PHE A N   
603 C CA  . PHE A 91 ? 0.1765 0.1912 0.1681 0.0327  -0.0278 -0.0479 237 PHE A CA  
604 C C   . PHE A 91 ? 0.1831 0.1645 0.1728 0.0281  -0.0348 -0.0589 237 PHE A C   
605 O O   . PHE A 91 ? 0.2313 0.1940 0.2284 0.0281  -0.0327 -0.0548 237 PHE A O   
606 C CB  . PHE A 91 ? 0.1729 0.1960 0.1676 0.0443  -0.0149 -0.0407 237 PHE A CB  
607 C CG  . PHE A 91 ? 0.1846 0.2122 0.1728 0.0500  -0.0144 -0.0521 237 PHE A CG  
608 C CD1 . PHE A 91 ? 0.1974 0.2427 0.1714 0.0534  -0.0179 -0.0552 237 PHE A CD1 
609 C CD2 . PHE A 91 ? 0.1941 0.2106 0.1915 0.0526  -0.0109 -0.0617 237 PHE A CD2 
610 C CE1 . PHE A 91 ? 0.2095 0.2577 0.1764 0.0580  -0.0164 -0.0657 237 PHE A CE1 
611 C CE2 . PHE A 91 ? 0.2017 0.2244 0.1949 0.0574  -0.0094 -0.0740 237 PHE A CE2 
612 C CZ  . PHE A 91 ? 0.2079 0.2445 0.1848 0.0595  -0.0115 -0.0750 237 PHE A CZ  
613 N N   . GLY A 92 ? 0.4066 0.3123 0.1364 -0.1359 0.0489  -0.0167 238 GLY A N   
614 C CA  . GLY A 92 ? 0.3860 0.2652 0.1451 -0.1250 0.0789  -0.0347 238 GLY A CA  
615 C C   . GLY A 92 ? 0.4017 0.2920 0.1820 -0.1156 0.0647  -0.0353 238 GLY A C   
616 O O   . GLY A 92 ? 0.4785 0.4002 0.2541 -0.1188 0.0336  -0.0263 238 GLY A O   
617 N N   . ASN A 93 ? 0.3315 0.2005 0.1447 -0.1006 0.0895  -0.0424 239 ASN A N   
618 C CA  . ASN A 93 ? 0.3296 0.2067 0.1672 -0.0920 0.0800  -0.0432 239 ASN A CA  
619 C C   . ASN A 93 ? 0.2807 0.1863 0.1542 -0.0658 0.0481  -0.0204 239 ASN A C   
620 O O   . ASN A 93 ? 0.2719 0.1773 0.1663 -0.0511 0.0461  -0.0068 239 ASN A O   
621 C CB  . ASN A 93 ? 0.3755 0.2196 0.2475 -0.0828 0.1168  -0.0507 239 ASN A CB  
622 C CG  . ASN A 93 ? 0.4971 0.3110 0.3510 -0.1070 0.1476  -0.0699 239 ASN A CG  
623 O OD1 . ASN A 93 ? 0.6187 0.4410 0.4418 -0.1340 0.1395  -0.0811 239 ASN A OD1 
624 N ND2 . ASN A 93 ? 0.5597 0.3450 0.4386 -0.0974 0.1818  -0.0701 239 ASN A ND2 
625 N N   . ALA A 94 ? 0.2553 0.1854 0.1346 -0.0640 0.0266  -0.0191 240 ALA A N   
626 C CA  . ALA A 94 ? 0.2191 0.1689 0.1261 -0.0416 0.0053  -0.0054 240 ALA A CA  
627 C C   . ALA A 94 ? 0.1969 0.1402 0.1345 -0.0285 0.0149  -0.0009 240 ALA A C   
628 O O   . ALA A 94 ? 0.2132 0.1411 0.1618 -0.0314 0.0361  -0.0026 240 ALA A O   
629 C CB  . ALA A 94 ? 0.2742 0.2576 0.1859 -0.0418 -0.0128 -0.0055 240 ALA A CB  
630 N N   . TRP A 95 ? 0.1571 0.1111 0.1075 -0.0154 0.0000  0.0067  241 TRP A N   
631 C CA  . TRP A 95 ? 0.1366 0.0964 0.1073 -0.0094 0.0006  0.0156  241 TRP A CA  
632 C C   . TRP A 95 ? 0.1267 0.1034 0.0974 -0.0080 -0.0033 0.0139  241 TRP A C   
633 O O   . TRP A 95 ? 0.1454 0.1338 0.1216 -0.0075 -0.0076 0.0232  241 TRP A O   
634 C CB  . TRP A 95 ? 0.1385 0.0980 0.1117 -0.0080 -0.0111 0.0206  241 TRP A CB  
635 C CG  . TRP A 95 ? 0.1502 0.0969 0.1266 -0.0123 -0.0036 0.0257  241 TRP A CG  
636 C CD1 . TRP A 95 ? 0.1765 0.1150 0.1587 -0.0150 0.0178  0.0269  241 TRP A CD1 
637 C CD2 . TRP A 95 ? 0.1553 0.0915 0.1268 -0.0170 -0.0113 0.0284  241 TRP A CD2 
638 N NE1 . TRP A 95 ? 0.1799 0.1111 0.1604 -0.0209 0.0239  0.0311  241 TRP A NE1 
639 C CE2 . TRP A 95 ? 0.1749 0.1050 0.1501 -0.0230 0.0043  0.0346  241 TRP A CE2 
640 C CE3 . TRP A 95 ? 0.1833 0.1080 0.1462 -0.0191 -0.0248 0.0241  241 TRP A CE3 
641 C CZ2 . TRP A 95 ? 0.1951 0.1145 0.1669 -0.0320 0.0033  0.0416  241 TRP A CZ2 
642 C CZ3 . TRP A 95 ? 0.2061 0.1111 0.1665 -0.0281 -0.0256 0.0294  241 TRP A CZ3 
643 C CH2 . TRP A 95 ? 0.2130 0.1188 0.1785 -0.0350 -0.0133 0.0405  241 TRP A CH2 
644 N N   . GLY A 96 ? 0.1305 0.1162 0.0946 -0.0116 -0.0024 0.0043  242 GLY A N   
645 C CA  . GLY A 96 ? 0.1575 0.1630 0.1249 -0.0137 0.0001  0.0029  242 GLY A CA  
646 C C   . GLY A 96 ? 0.1468 0.1650 0.1148 -0.0261 0.0036  -0.0050 242 GLY A C   
647 O O   . GLY A 96 ? 0.1885 0.2023 0.1469 -0.0345 0.0002  -0.0100 242 GLY A O   
648 N N   . THR A 97 ? 0.1354 0.1734 0.1108 -0.0329 0.0098  -0.0052 243 THR A N   
649 C CA  . THR A 97 ? 0.1424 0.2092 0.1253 -0.0492 0.0094  -0.0122 243 THR A CA  
650 C C   . THR A 97 ? 0.1311 0.2442 0.1351 -0.0351 0.0020  -0.0123 243 THR A C   
651 O O   . THR A 97 ? 0.1433 0.2556 0.1477 -0.0180 0.0065  -0.0128 243 THR A O   
652 C CB  . THR A 97 ? 0.1616 0.2191 0.1458 -0.0707 0.0269  -0.0112 243 THR A CB  
653 O OG1 . THR A 97 ? 0.2118 0.2788 0.2003 -0.0623 0.0337  0.0000  243 THR A OG1 
654 C CG2 . THR A 97 ? 0.1910 0.1932 0.1640 -0.0795 0.0431  -0.0112 243 THR A CG2 
655 N N   . PHE A 98 ? 0.1336 0.2899 0.1567 -0.0440 -0.0074 -0.0121 244 PHE A N   
656 C CA  . PHE A 98 ? 0.1270 0.3339 0.1879 -0.0234 -0.0119 -0.0067 244 PHE A CA  
657 C C   . PHE A 98 ? 0.1300 0.3989 0.2231 -0.0427 -0.0095 -0.0046 244 PHE A C   
658 O O   . PHE A 98 ? 0.1958 0.4785 0.2813 -0.0762 -0.0184 -0.0058 244 PHE A O   
659 C CB  . PHE A 98 ? 0.1301 0.3473 0.2014 -0.0081 -0.0327 0.0053  244 PHE A CB  
660 C CG  . PHE A 98 ? 0.2015 0.3603 0.2443 0.0064  -0.0339 0.0044  244 PHE A CG  
661 C CD1 . PHE A 98 ? 0.1909 0.3159 0.1982 -0.0113 -0.0395 0.0035  244 PHE A CD1 
662 C CD2 . PHE A 98 ? 0.2676 0.4035 0.3186 0.0337  -0.0249 0.0014  244 PHE A CD2 
663 C CE1 . PHE A 98 ? 0.2525 0.3324 0.2409 -0.0008 -0.0388 0.0047  244 PHE A CE1 
664 C CE2 . PHE A 98 ? 0.2713 0.3561 0.2975 0.0394  -0.0267 0.0001  244 PHE A CE2 
665 C CZ  . PHE A 98 ? 0.3089 0.3710 0.3079 0.0227  -0.0350 0.0044  244 PHE A CZ  
666 N N   . LYS A 99 ? 0.1271 0.4329 0.2544 -0.0262 0.0059  -0.0042 245 LYS A N   
667 C CA  . LYS A 99 ? 0.2001 0.5733 0.3693 -0.0415 0.0098  0.0012  245 LYS A CA  
668 C C   . LYS A 99 ? 0.2870 0.7019 0.5113 -0.0059 0.0113  0.0118  245 LYS A C   
669 O O   . LYS A 99 ? 0.4196 0.8666 0.6782 -0.0012 0.0302  0.0117  245 LYS A O   
670 C CB  . LYS A 99 ? 0.2431 0.6052 0.3983 -0.0578 0.0360  -0.0059 245 LYS A CB  
671 C CG  . LYS A 99 ? 0.3678 0.6659 0.4708 -0.0712 0.0451  -0.0105 245 LYS A CG  
672 C CD  . LYS A 99 ? 0.3879 0.6488 0.4667 -0.1024 0.0356  -0.0115 245 LYS A CD  
673 C CE  . LYS A 99 ? 0.3519 0.5387 0.3908 -0.1005 0.0452  -0.0084 245 LYS A CE  
674 N NZ  . LYS A 99 ? 0.3847 0.5244 0.4059 -0.1275 0.0493  -0.0124 245 LYS A NZ  
# 
